data_4DH0
# 
_entry.id   4DH0 
# 
_audit_conform.dict_name       mmcif_pdbx.dic 
_audit_conform.dict_version    5.387 
_audit_conform.dict_location   http://mmcif.pdb.org/dictionaries/ascii/mmcif_pdbx.dic 
# 
loop_
_database_2.database_id 
_database_2.database_code 
_database_2.pdbx_database_accession 
_database_2.pdbx_DOI 
PDB   4DH0         pdb_00004dh0 10.2210/pdb4dh0/pdb 
RCSB  RCSB070317   ?            ?                   
WWPDB D_1000070317 ?            ?                   
# 
loop_
_pdbx_audit_revision_history.ordinal 
_pdbx_audit_revision_history.data_content_type 
_pdbx_audit_revision_history.major_revision 
_pdbx_audit_revision_history.minor_revision 
_pdbx_audit_revision_history.revision_date 
1 'Structure model' 1 0 2012-02-15 
2 'Structure model' 1 1 2017-11-15 
3 'Structure model' 1 2 2018-04-18 
4 'Structure model' 1 3 2024-02-28 
# 
_pdbx_audit_revision_details.ordinal             1 
_pdbx_audit_revision_details.revision_ordinal    1 
_pdbx_audit_revision_details.data_content_type   'Structure model' 
_pdbx_audit_revision_details.provider            repository 
_pdbx_audit_revision_details.type                'Initial release' 
_pdbx_audit_revision_details.description         ? 
_pdbx_audit_revision_details.details             ? 
# 
loop_
_pdbx_audit_revision_group.ordinal 
_pdbx_audit_revision_group.revision_ordinal 
_pdbx_audit_revision_group.data_content_type 
_pdbx_audit_revision_group.group 
1 2 'Structure model' 'Refinement description' 
2 3 'Structure model' 'Data collection'        
3 4 'Structure model' 'Data collection'        
4 4 'Structure model' 'Database references'    
5 4 'Structure model' 'Derived calculations'   
# 
loop_
_pdbx_audit_revision_category.ordinal 
_pdbx_audit_revision_category.revision_ordinal 
_pdbx_audit_revision_category.data_content_type 
_pdbx_audit_revision_category.category 
1 2 'Structure model' software        
2 3 'Structure model' diffrn_detector 
3 4 'Structure model' chem_comp_atom  
4 4 'Structure model' chem_comp_bond  
5 4 'Structure model' database_2      
6 4 'Structure model' struct_site     
# 
loop_
_pdbx_audit_revision_item.ordinal 
_pdbx_audit_revision_item.revision_ordinal 
_pdbx_audit_revision_item.data_content_type 
_pdbx_audit_revision_item.item 
1 2 'Structure model' '_software.name'                      
2 3 'Structure model' '_diffrn_detector.detector'           
3 4 'Structure model' '_database_2.pdbx_DOI'                
4 4 'Structure model' '_database_2.pdbx_database_accession' 
5 4 'Structure model' '_struct_site.pdbx_auth_asym_id'      
6 4 'Structure model' '_struct_site.pdbx_auth_comp_id'      
7 4 'Structure model' '_struct_site.pdbx_auth_seq_id'       
# 
_pdbx_database_status.status_code                     REL 
_pdbx_database_status.entry_id                        4DH0 
_pdbx_database_status.recvd_initial_deposition_date   2012-01-27 
_pdbx_database_status.deposit_site                    RCSB 
_pdbx_database_status.process_site                    RCSB 
_pdbx_database_status.status_code_sf                  REL 
_pdbx_database_status.status_code_mr                  ? 
_pdbx_database_status.SG_entry                        ? 
_pdbx_database_status.status_code_cs                  ? 
_pdbx_database_status.methods_development_category    ? 
_pdbx_database_status.pdb_format_compatible           Y 
_pdbx_database_status.status_code_nmr_data            ? 
# 
_pdbx_database_related.db_name        PDB 
_pdbx_database_related.db_id          1fkl 
_pdbx_database_related.details        'The same protein complexed with rapamycin.' 
_pdbx_database_related.content_type   unspecified 
# 
_audit_author.name           'Kallen, J.' 
_audit_author.pdbx_ordinal   1 
# 
_citation.id                        primary 
_citation.title                     
;X-ray Crystal Structure of 28-O-Methylrapamycin complexed with FKBP12: Is the Cyclohexyl Moiety Part of the Effector Domain of Rapamycin?
;
_citation.journal_abbrev            J.Am.Chem.Soc. 
_citation.journal_volume            118 
_citation.page_first                5857 
_citation.page_last                 5861 
_citation.year                      1996 
_citation.journal_id_ASTM           JACSAT 
_citation.country                   US 
_citation.journal_id_ISSN           0002-7863 
_citation.journal_id_CSD            0004 
_citation.book_publisher            ? 
_citation.pdbx_database_id_PubMed   ? 
_citation.pdbx_database_id_DOI      10.1021/ja954328h 
# 
loop_
_citation_author.citation_id 
_citation_author.name 
_citation_author.ordinal 
_citation_author.identifier_ORCID 
primary 'Kallen, J.'  1 ? 
primary 'Sedrani, R.' 2 ? 
primary 'Cottens, S.' 3 ? 
# 
loop_
_entity.id 
_entity.type 
_entity.src_method 
_entity.pdbx_description 
_entity.formula_weight 
_entity.pdbx_number_of_molecules 
_entity.pdbx_ec 
_entity.pdbx_mutation 
_entity.pdbx_fragment 
_entity.details 
1 polymer     man 'Peptidyl-prolyl cis-trans isomerase FKBP1A' 11836.508 1  5.2.1.8 ? ? ? 
2 non-polymer syn 28-O-Methylrapamycin                         928.198   1  ?       ? ? ? 
3 water       nat water                                        18.015    76 ?       ? ? ? 
# 
_entity_name_com.entity_id   1 
_entity_name_com.name        
'PPIase FKBP1A, 12 kDa FK506-binding protein, 12 kDa FKBP, FKBP-12, FK506-binding protein 1A, FKBP-1A, Immunophilin FKBP12, Rotamase' 
# 
_entity_poly.entity_id                      1 
_entity_poly.type                           'polypeptide(L)' 
_entity_poly.nstd_linkage                   no 
_entity_poly.nstd_monomer                   no 
_entity_poly.pdbx_seq_one_letter_code       
;GVQVETISPGDGRTFPKRGQTCVVHYTGMLEDGKKFDSSRDRNKPFKFMLGKQEVIRGWEEGVAQMSVGQRAKLTISPDY
AYGATGHPGIIPPHATLVFDVELLKLE
;
_entity_poly.pdbx_seq_one_letter_code_can   
;GVQVETISPGDGRTFPKRGQTCVVHYTGMLEDGKKFDSSRDRNKPFKFMLGKQEVIRGWEEGVAQMSVGQRAKLTISPDY
AYGATGHPGIIPPHATLVFDVELLKLE
;
_entity_poly.pdbx_strand_id                 A 
_entity_poly.pdbx_target_identifier         ? 
# 
loop_
_pdbx_entity_nonpoly.entity_id 
_pdbx_entity_nonpoly.name 
_pdbx_entity_nonpoly.comp_id 
2 28-O-Methylrapamycin MR8 
3 water                HOH 
# 
loop_
_entity_poly_seq.entity_id 
_entity_poly_seq.num 
_entity_poly_seq.mon_id 
_entity_poly_seq.hetero 
1 1   GLY n 
1 2   VAL n 
1 3   GLN n 
1 4   VAL n 
1 5   GLU n 
1 6   THR n 
1 7   ILE n 
1 8   SER n 
1 9   PRO n 
1 10  GLY n 
1 11  ASP n 
1 12  GLY n 
1 13  ARG n 
1 14  THR n 
1 15  PHE n 
1 16  PRO n 
1 17  LYS n 
1 18  ARG n 
1 19  GLY n 
1 20  GLN n 
1 21  THR n 
1 22  CYS n 
1 23  VAL n 
1 24  VAL n 
1 25  HIS n 
1 26  TYR n 
1 27  THR n 
1 28  GLY n 
1 29  MET n 
1 30  LEU n 
1 31  GLU n 
1 32  ASP n 
1 33  GLY n 
1 34  LYS n 
1 35  LYS n 
1 36  PHE n 
1 37  ASP n 
1 38  SER n 
1 39  SER n 
1 40  ARG n 
1 41  ASP n 
1 42  ARG n 
1 43  ASN n 
1 44  LYS n 
1 45  PRO n 
1 46  PHE n 
1 47  LYS n 
1 48  PHE n 
1 49  MET n 
1 50  LEU n 
1 51  GLY n 
1 52  LYS n 
1 53  GLN n 
1 54  GLU n 
1 55  VAL n 
1 56  ILE n 
1 57  ARG n 
1 58  GLY n 
1 59  TRP n 
1 60  GLU n 
1 61  GLU n 
1 62  GLY n 
1 63  VAL n 
1 64  ALA n 
1 65  GLN n 
1 66  MET n 
1 67  SER n 
1 68  VAL n 
1 69  GLY n 
1 70  GLN n 
1 71  ARG n 
1 72  ALA n 
1 73  LYS n 
1 74  LEU n 
1 75  THR n 
1 76  ILE n 
1 77  SER n 
1 78  PRO n 
1 79  ASP n 
1 80  TYR n 
1 81  ALA n 
1 82  TYR n 
1 83  GLY n 
1 84  ALA n 
1 85  THR n 
1 86  GLY n 
1 87  HIS n 
1 88  PRO n 
1 89  GLY n 
1 90  ILE n 
1 91  ILE n 
1 92  PRO n 
1 93  PRO n 
1 94  HIS n 
1 95  ALA n 
1 96  THR n 
1 97  LEU n 
1 98  VAL n 
1 99  PHE n 
1 100 ASP n 
1 101 VAL n 
1 102 GLU n 
1 103 LEU n 
1 104 LEU n 
1 105 LYS n 
1 106 LEU n 
1 107 GLU n 
# 
_entity_src_gen.entity_id                          1 
_entity_src_gen.pdbx_src_id                        1 
_entity_src_gen.pdbx_alt_source_flag               sample 
_entity_src_gen.pdbx_seq_type                      ? 
_entity_src_gen.pdbx_beg_seq_num                   ? 
_entity_src_gen.pdbx_end_seq_num                   ? 
_entity_src_gen.gene_src_common_name               human 
_entity_src_gen.gene_src_genus                     ? 
_entity_src_gen.pdbx_gene_src_gene                 'FKBP1A, FKBP1, FKBP12' 
_entity_src_gen.gene_src_species                   ? 
_entity_src_gen.gene_src_strain                    ? 
_entity_src_gen.gene_src_tissue                    ? 
_entity_src_gen.gene_src_tissue_fraction           ? 
_entity_src_gen.gene_src_details                   ? 
_entity_src_gen.pdbx_gene_src_fragment             ? 
_entity_src_gen.pdbx_gene_src_scientific_name      'Homo sapiens' 
_entity_src_gen.pdbx_gene_src_ncbi_taxonomy_id     9606 
_entity_src_gen.pdbx_gene_src_variant              ? 
_entity_src_gen.pdbx_gene_src_cell_line            ? 
_entity_src_gen.pdbx_gene_src_atcc                 ? 
_entity_src_gen.pdbx_gene_src_organ                ? 
_entity_src_gen.pdbx_gene_src_organelle            ? 
_entity_src_gen.pdbx_gene_src_cell                 ? 
_entity_src_gen.pdbx_gene_src_cellular_location    ? 
_entity_src_gen.host_org_common_name               ? 
_entity_src_gen.pdbx_host_org_scientific_name      'Escherichia coli' 
_entity_src_gen.pdbx_host_org_ncbi_taxonomy_id     562 
_entity_src_gen.host_org_genus                     ? 
_entity_src_gen.pdbx_host_org_gene                 ? 
_entity_src_gen.pdbx_host_org_organ                ? 
_entity_src_gen.host_org_species                   ? 
_entity_src_gen.pdbx_host_org_tissue               ? 
_entity_src_gen.pdbx_host_org_tissue_fraction      ? 
_entity_src_gen.pdbx_host_org_strain               ? 
_entity_src_gen.pdbx_host_org_variant              ? 
_entity_src_gen.pdbx_host_org_cell_line            ? 
_entity_src_gen.pdbx_host_org_atcc                 ? 
_entity_src_gen.pdbx_host_org_culture_collection   ? 
_entity_src_gen.pdbx_host_org_cell                 ? 
_entity_src_gen.pdbx_host_org_organelle            ? 
_entity_src_gen.pdbx_host_org_cellular_location    ? 
_entity_src_gen.pdbx_host_org_vector_type          ? 
_entity_src_gen.pdbx_host_org_vector               ? 
_entity_src_gen.host_org_details                   ? 
_entity_src_gen.expression_system_id               ? 
_entity_src_gen.plasmid_name                       ? 
_entity_src_gen.plasmid_details                    ? 
_entity_src_gen.pdbx_description                   ? 
# 
loop_
_chem_comp.id 
_chem_comp.type 
_chem_comp.mon_nstd_flag 
_chem_comp.name 
_chem_comp.pdbx_synonyms 
_chem_comp.formula 
_chem_comp.formula_weight 
ALA 'L-peptide linking' y ALANINE              ? 'C3 H7 N O2'     89.093  
ARG 'L-peptide linking' y ARGININE             ? 'C6 H15 N4 O2 1' 175.209 
ASN 'L-peptide linking' y ASPARAGINE           ? 'C4 H8 N2 O3'    132.118 
ASP 'L-peptide linking' y 'ASPARTIC ACID'      ? 'C4 H7 N O4'     133.103 
CYS 'L-peptide linking' y CYSTEINE             ? 'C3 H7 N O2 S'   121.158 
GLN 'L-peptide linking' y GLUTAMINE            ? 'C5 H10 N2 O3'   146.144 
GLU 'L-peptide linking' y 'GLUTAMIC ACID'      ? 'C5 H9 N O4'     147.129 
GLY 'peptide linking'   y GLYCINE              ? 'C2 H5 N O2'     75.067  
HIS 'L-peptide linking' y HISTIDINE            ? 'C6 H10 N3 O2 1' 156.162 
HOH non-polymer         . WATER                ? 'H2 O'           18.015  
ILE 'L-peptide linking' y ISOLEUCINE           ? 'C6 H13 N O2'    131.173 
LEU 'L-peptide linking' y LEUCINE              ? 'C6 H13 N O2'    131.173 
LYS 'L-peptide linking' y LYSINE               ? 'C6 H15 N2 O2 1' 147.195 
MET 'L-peptide linking' y METHIONINE           ? 'C5 H11 N O2 S'  149.211 
MR8 non-polymer         . 28-O-Methylrapamycin 
;(3S,6R,7E,9R,10R,12R,14S,15E,17E,19E,21S,23S,26R,27R,34aS)-27-hydroxy-3-{(2R)-1-[(1S,3R,4R)-4-hydroxy-3-methoxycyclohexyl]propan-2-yl}-9,10,21-trimethoxy-6,8,12,14,20,26-hexamethyl-9,10,12,13,14,21,22,23,24,25,26,27,32,33,34,34a-hexadecahydro-3H-23,27-epoxypyrido[2,1-c][1,4]oxazacyclohentriacontine-1,5,11,28,29(4H,6H,31H)-pentone 28-O-Methylrapamycin
;
'C52 H81 N O13'  928.198 
PHE 'L-peptide linking' y PHENYLALANINE        ? 'C9 H11 N O2'    165.189 
PRO 'L-peptide linking' y PROLINE              ? 'C5 H9 N O2'     115.130 
SER 'L-peptide linking' y SERINE               ? 'C3 H7 N O3'     105.093 
THR 'L-peptide linking' y THREONINE            ? 'C4 H9 N O3'     119.119 
TRP 'L-peptide linking' y TRYPTOPHAN           ? 'C11 H12 N2 O2'  204.225 
TYR 'L-peptide linking' y TYROSINE             ? 'C9 H11 N O3'    181.189 
VAL 'L-peptide linking' y VALINE               ? 'C5 H11 N O2'    117.146 
# 
loop_
_pdbx_poly_seq_scheme.asym_id 
_pdbx_poly_seq_scheme.entity_id 
_pdbx_poly_seq_scheme.seq_id 
_pdbx_poly_seq_scheme.mon_id 
_pdbx_poly_seq_scheme.ndb_seq_num 
_pdbx_poly_seq_scheme.pdb_seq_num 
_pdbx_poly_seq_scheme.auth_seq_num 
_pdbx_poly_seq_scheme.pdb_mon_id 
_pdbx_poly_seq_scheme.auth_mon_id 
_pdbx_poly_seq_scheme.pdb_strand_id 
_pdbx_poly_seq_scheme.pdb_ins_code 
_pdbx_poly_seq_scheme.hetero 
A 1 1   GLY 1   1   1   GLY GLY A . n 
A 1 2   VAL 2   2   2   VAL VAL A . n 
A 1 3   GLN 3   3   3   GLN GLN A . n 
A 1 4   VAL 4   4   4   VAL VAL A . n 
A 1 5   GLU 5   5   5   GLU GLU A . n 
A 1 6   THR 6   6   6   THR THR A . n 
A 1 7   ILE 7   7   7   ILE ILE A . n 
A 1 8   SER 8   8   8   SER SER A . n 
A 1 9   PRO 9   9   9   PRO PRO A . n 
A 1 10  GLY 10  10  10  GLY GLY A . n 
A 1 11  ASP 11  11  11  ASP ASP A . n 
A 1 12  GLY 12  12  12  GLY GLY A . n 
A 1 13  ARG 13  13  13  ARG ARG A . n 
A 1 14  THR 14  14  14  THR THR A . n 
A 1 15  PHE 15  15  15  PHE PHE A . n 
A 1 16  PRO 16  16  16  PRO PRO A . n 
A 1 17  LYS 17  17  17  LYS LYS A . n 
A 1 18  ARG 18  18  18  ARG ARG A . n 
A 1 19  GLY 19  19  19  GLY GLY A . n 
A 1 20  GLN 20  20  20  GLN GLN A . n 
A 1 21  THR 21  21  21  THR THR A . n 
A 1 22  CYS 22  22  22  CYS CYS A . n 
A 1 23  VAL 23  23  23  VAL VAL A . n 
A 1 24  VAL 24  24  24  VAL VAL A . n 
A 1 25  HIS 25  25  25  HIS HIS A . n 
A 1 26  TYR 26  26  26  TYR TYR A . n 
A 1 27  THR 27  27  27  THR THR A . n 
A 1 28  GLY 28  28  28  GLY GLY A . n 
A 1 29  MET 29  29  29  MET MET A . n 
A 1 30  LEU 30  30  30  LEU LEU A . n 
A 1 31  GLU 31  31  31  GLU GLU A . n 
A 1 32  ASP 32  32  32  ASP ASP A . n 
A 1 33  GLY 33  33  33  GLY GLY A . n 
A 1 34  LYS 34  34  34  LYS LYS A . n 
A 1 35  LYS 35  35  35  LYS LYS A . n 
A 1 36  PHE 36  36  36  PHE PHE A . n 
A 1 37  ASP 37  37  37  ASP ASP A . n 
A 1 38  SER 38  38  38  SER SER A . n 
A 1 39  SER 39  39  39  SER SER A . n 
A 1 40  ARG 40  40  40  ARG ARG A . n 
A 1 41  ASP 41  41  41  ASP ASP A . n 
A 1 42  ARG 42  42  42  ARG ARG A . n 
A 1 43  ASN 43  43  43  ASN ASN A . n 
A 1 44  LYS 44  44  44  LYS LYS A . n 
A 1 45  PRO 45  45  45  PRO PRO A . n 
A 1 46  PHE 46  46  46  PHE PHE A . n 
A 1 47  LYS 47  47  47  LYS LYS A . n 
A 1 48  PHE 48  48  48  PHE PHE A . n 
A 1 49  MET 49  49  49  MET MET A . n 
A 1 50  LEU 50  50  50  LEU LEU A . n 
A 1 51  GLY 51  51  51  GLY GLY A . n 
A 1 52  LYS 52  52  52  LYS LYS A . n 
A 1 53  GLN 53  53  53  GLN GLN A . n 
A 1 54  GLU 54  54  54  GLU GLU A . n 
A 1 55  VAL 55  55  55  VAL VAL A . n 
A 1 56  ILE 56  56  56  ILE ILE A . n 
A 1 57  ARG 57  57  57  ARG ARG A . n 
A 1 58  GLY 58  58  58  GLY GLY A . n 
A 1 59  TRP 59  59  59  TRP TRP A . n 
A 1 60  GLU 60  60  60  GLU GLU A . n 
A 1 61  GLU 61  61  61  GLU GLU A . n 
A 1 62  GLY 62  62  62  GLY GLY A . n 
A 1 63  VAL 63  63  63  VAL VAL A . n 
A 1 64  ALA 64  64  64  ALA ALA A . n 
A 1 65  GLN 65  65  65  GLN GLN A . n 
A 1 66  MET 66  66  66  MET MET A . n 
A 1 67  SER 67  67  67  SER SER A . n 
A 1 68  VAL 68  68  68  VAL VAL A . n 
A 1 69  GLY 69  69  69  GLY GLY A . n 
A 1 70  GLN 70  70  70  GLN GLN A . n 
A 1 71  ARG 71  71  71  ARG ARG A . n 
A 1 72  ALA 72  72  72  ALA ALA A . n 
A 1 73  LYS 73  73  73  LYS LYS A . n 
A 1 74  LEU 74  74  74  LEU LEU A . n 
A 1 75  THR 75  75  75  THR THR A . n 
A 1 76  ILE 76  76  76  ILE ILE A . n 
A 1 77  SER 77  77  77  SER SER A . n 
A 1 78  PRO 78  78  78  PRO PRO A . n 
A 1 79  ASP 79  79  79  ASP ASP A . n 
A 1 80  TYR 80  80  80  TYR TYR A . n 
A 1 81  ALA 81  81  81  ALA ALA A . n 
A 1 82  TYR 82  82  82  TYR TYR A . n 
A 1 83  GLY 83  83  83  GLY GLY A . n 
A 1 84  ALA 84  84  84  ALA ALA A . n 
A 1 85  THR 85  85  85  THR THR A . n 
A 1 86  GLY 86  86  86  GLY GLY A . n 
A 1 87  HIS 87  87  87  HIS HIS A . n 
A 1 88  PRO 88  88  88  PRO PRO A . n 
A 1 89  GLY 89  89  89  GLY GLY A . n 
A 1 90  ILE 90  90  90  ILE ILE A . n 
A 1 91  ILE 91  91  91  ILE ILE A . n 
A 1 92  PRO 92  92  92  PRO PRO A . n 
A 1 93  PRO 93  93  93  PRO PRO A . n 
A 1 94  HIS 94  94  94  HIS HIS A . n 
A 1 95  ALA 95  95  95  ALA ALA A . n 
A 1 96  THR 96  96  96  THR THR A . n 
A 1 97  LEU 97  97  97  LEU LEU A . n 
A 1 98  VAL 98  98  98  VAL VAL A . n 
A 1 99  PHE 99  99  99  PHE PHE A . n 
A 1 100 ASP 100 100 100 ASP ASP A . n 
A 1 101 VAL 101 101 101 VAL VAL A . n 
A 1 102 GLU 102 102 102 GLU GLU A . n 
A 1 103 LEU 103 103 103 LEU LEU A . n 
A 1 104 LEU 104 104 104 LEU LEU A . n 
A 1 105 LYS 105 105 105 LYS LYS A . n 
A 1 106 LEU 106 106 106 LEU LEU A . n 
A 1 107 GLU 107 107 107 GLU GLU A . n 
# 
loop_
_pdbx_nonpoly_scheme.asym_id 
_pdbx_nonpoly_scheme.entity_id 
_pdbx_nonpoly_scheme.mon_id 
_pdbx_nonpoly_scheme.ndb_seq_num 
_pdbx_nonpoly_scheme.pdb_seq_num 
_pdbx_nonpoly_scheme.auth_seq_num 
_pdbx_nonpoly_scheme.pdb_mon_id 
_pdbx_nonpoly_scheme.auth_mon_id 
_pdbx_nonpoly_scheme.pdb_strand_id 
_pdbx_nonpoly_scheme.pdb_ins_code 
B 2 MR8 1  201 108 MR8 LI1 A . 
C 3 HOH 1  301 1   HOH HOH A . 
C 3 HOH 2  302 2   HOH HOH A . 
C 3 HOH 3  303 3   HOH HOH A . 
C 3 HOH 4  304 4   HOH HOH A . 
C 3 HOH 5  305 5   HOH HOH A . 
C 3 HOH 6  306 6   HOH HOH A . 
C 3 HOH 7  307 7   HOH HOH A . 
C 3 HOH 8  308 8   HOH HOH A . 
C 3 HOH 9  309 9   HOH HOH A . 
C 3 HOH 10 310 10  HOH HOH A . 
C 3 HOH 11 311 11  HOH HOH A . 
C 3 HOH 12 312 12  HOH HOH A . 
C 3 HOH 13 313 13  HOH HOH A . 
C 3 HOH 14 314 14  HOH HOH A . 
C 3 HOH 15 315 15  HOH HOH A . 
C 3 HOH 16 316 16  HOH HOH A . 
C 3 HOH 17 317 17  HOH HOH A . 
C 3 HOH 18 318 18  HOH HOH A . 
C 3 HOH 19 319 19  HOH HOH A . 
C 3 HOH 20 320 20  HOH HOH A . 
C 3 HOH 21 321 21  HOH HOH A . 
C 3 HOH 22 322 22  HOH HOH A . 
C 3 HOH 23 323 23  HOH HOH A . 
C 3 HOH 24 324 24  HOH HOH A . 
C 3 HOH 25 325 25  HOH HOH A . 
C 3 HOH 26 326 26  HOH HOH A . 
C 3 HOH 27 327 27  HOH HOH A . 
C 3 HOH 28 328 28  HOH HOH A . 
C 3 HOH 29 329 29  HOH HOH A . 
C 3 HOH 30 330 30  HOH HOH A . 
C 3 HOH 31 331 31  HOH HOH A . 
C 3 HOH 32 332 32  HOH HOH A . 
C 3 HOH 33 333 33  HOH HOH A . 
C 3 HOH 34 334 34  HOH HOH A . 
C 3 HOH 35 335 35  HOH HOH A . 
C 3 HOH 36 336 36  HOH HOH A . 
C 3 HOH 37 337 37  HOH HOH A . 
C 3 HOH 38 338 38  HOH HOH A . 
C 3 HOH 39 339 39  HOH HOH A . 
C 3 HOH 40 340 40  HOH HOH A . 
C 3 HOH 41 341 41  HOH HOH A . 
C 3 HOH 42 342 42  HOH HOH A . 
C 3 HOH 43 343 43  HOH HOH A . 
C 3 HOH 44 344 44  HOH HOH A . 
C 3 HOH 45 345 45  HOH HOH A . 
C 3 HOH 46 346 46  HOH HOH A . 
C 3 HOH 47 347 47  HOH HOH A . 
C 3 HOH 48 348 48  HOH HOH A . 
C 3 HOH 49 349 49  HOH HOH A . 
C 3 HOH 50 350 50  HOH HOH A . 
C 3 HOH 51 351 51  HOH HOH A . 
C 3 HOH 52 352 52  HOH HOH A . 
C 3 HOH 53 353 53  HOH HOH A . 
C 3 HOH 54 354 54  HOH HOH A . 
C 3 HOH 55 355 55  HOH HOH A . 
C 3 HOH 56 356 56  HOH HOH A . 
C 3 HOH 57 357 57  HOH HOH A . 
C 3 HOH 58 358 58  HOH HOH A . 
C 3 HOH 59 359 59  HOH HOH A . 
C 3 HOH 60 360 60  HOH HOH A . 
C 3 HOH 61 361 61  HOH HOH A . 
C 3 HOH 62 362 62  HOH HOH A . 
C 3 HOH 63 363 63  HOH HOH A . 
C 3 HOH 64 364 64  HOH HOH A . 
C 3 HOH 65 365 65  HOH HOH A . 
C 3 HOH 66 366 66  HOH HOH A . 
C 3 HOH 67 367 67  HOH HOH A . 
C 3 HOH 68 368 68  HOH HOH A . 
C 3 HOH 69 369 69  HOH HOH A . 
C 3 HOH 70 370 70  HOH HOH A . 
C 3 HOH 71 371 71  HOH HOH A . 
C 3 HOH 72 372 72  HOH HOH A . 
C 3 HOH 73 373 73  HOH HOH A . 
C 3 HOH 74 374 74  HOH HOH A . 
C 3 HOH 75 375 75  HOH HOH A . 
C 3 HOH 76 376 76  HOH HOH A . 
# 
loop_
_software.name 
_software.classification 
_software.version 
_software.citation_id 
_software.pdbx_ordinal 
MADNESS  'data collection' .        ? 1 
X-PLOR   'model building'  .        ? 2 
REFMAC   refinement        5.5.0063 ? 3 
MADNESS  'data reduction'  .        ? 4 
ROTAVATA 'data scaling'    .        ? 5 
X-PLOR   phasing           .        ? 6 
# 
_cell.entry_id           4DH0 
_cell.length_a           45.500 
_cell.length_b           49.700 
_cell.length_c           55.300 
_cell.angle_alpha        90.00 
_cell.angle_beta         90.00 
_cell.angle_gamma        90.00 
_cell.Z_PDB              4 
_cell.pdbx_unique_axis   ? 
_cell.length_a_esd       ? 
_cell.length_b_esd       ? 
_cell.length_c_esd       ? 
_cell.angle_alpha_esd    ? 
_cell.angle_beta_esd     ? 
_cell.angle_gamma_esd    ? 
# 
_symmetry.entry_id                         4DH0 
_symmetry.space_group_name_H-M             'P 21 21 21' 
_symmetry.pdbx_full_space_group_name_H-M   ? 
_symmetry.cell_setting                     ? 
_symmetry.Int_Tables_number                19 
_symmetry.space_group_name_Hall            ? 
# 
_exptl.entry_id          4DH0 
_exptl.method            'X-RAY DIFFRACTION' 
_exptl.crystals_number   1 
# 
_exptl_crystal.id                    1 
_exptl_crystal.density_meas          ? 
_exptl_crystal.density_Matthews      2.64 
_exptl_crystal.density_percent_sol   53.43 
_exptl_crystal.description           ? 
_exptl_crystal.F_000                 ? 
_exptl_crystal.preparation           ? 
# 
_exptl_crystal_grow.crystal_id      1 
_exptl_crystal_grow.method          'VAPOR DIFFUSION, HANGING DROP' 
_exptl_crystal_grow.temp            298 
_exptl_crystal_grow.temp_details    ? 
_exptl_crystal_grow.pH              7.7 
_exptl_crystal_grow.pdbx_details    
'35% ammonium sulphate, 0.1M Na/K phosphate, pH 7.7, VAPOR DIFFUSION, HANGING DROP, temperature 298K' 
_exptl_crystal_grow.pdbx_pH_range   ? 
# 
_diffrn.id                     1 
_diffrn.ambient_temp           293.0 
_diffrn.ambient_temp_details   ? 
_diffrn.crystal_id             1 
# 
_diffrn_detector.diffrn_id              1 
_diffrn_detector.detector               DIFFRACTOMETER 
_diffrn_detector.type                   'ENRAF-NONIUS FAST' 
_diffrn_detector.pdbx_collection_date   1993-11-29 
_diffrn_detector.details                ? 
# 
_diffrn_radiation.diffrn_id                        1 
_diffrn_radiation.wavelength_id                    1 
_diffrn_radiation.pdbx_monochromatic_or_laue_m_l   M 
_diffrn_radiation.monochromator                    GRAPHITE 
_diffrn_radiation.pdbx_diffrn_protocol             'SINGLE WAVELENGTH' 
_diffrn_radiation.pdbx_scattering_type             x-ray 
# 
_diffrn_radiation_wavelength.id           1 
_diffrn_radiation_wavelength.wavelength   1.5418 
_diffrn_radiation_wavelength.wt           1.0 
# 
_diffrn_source.diffrn_id                   1 
_diffrn_source.source                      'ROTATING ANODE' 
_diffrn_source.type                        'ENRAF-NONIUS FR571' 
_diffrn_source.pdbx_synchrotron_site       ? 
_diffrn_source.pdbx_synchrotron_beamline   ? 
_diffrn_source.pdbx_wavelength             ? 
_diffrn_source.pdbx_wavelength_list        1.5418 
# 
_reflns.entry_id                     4DH0 
_reflns.observed_criterion_sigma_I   0.0 
_reflns.observed_criterion_sigma_F   0.0 
_reflns.d_resolution_low             15.0 
_reflns.d_resolution_high            2.1 
_reflns.number_obs                   6946 
_reflns.number_all                   6946 
_reflns.percent_possible_obs         90.0 
_reflns.pdbx_Rmerge_I_obs            ? 
_reflns.pdbx_Rsym_value              0.091 
_reflns.pdbx_netI_over_sigmaI        6.8 
_reflns.B_iso_Wilson_estimate        ? 
_reflns.pdbx_redundancy              2.3 
_reflns.R_free_details               ? 
_reflns.limit_h_max                  ? 
_reflns.limit_h_min                  ? 
_reflns.limit_k_max                  ? 
_reflns.limit_k_min                  ? 
_reflns.limit_l_max                  ? 
_reflns.limit_l_min                  ? 
_reflns.observed_criterion_F_max     ? 
_reflns.observed_criterion_F_min     ? 
_reflns.pdbx_chi_squared             ? 
_reflns.pdbx_scaling_rejects         ? 
_reflns.pdbx_ordinal                 1 
_reflns.pdbx_diffrn_id               1 
# 
_reflns_shell.d_res_high             2.1 
_reflns_shell.d_res_low              2.15 
_reflns_shell.percent_possible_all   84 
_reflns_shell.Rmerge_I_obs           0.29 
_reflns_shell.pdbx_Rsym_value        ? 
_reflns_shell.meanI_over_sigI_obs    2.6 
_reflns_shell.pdbx_redundancy        ? 
_reflns_shell.percent_possible_obs   ? 
_reflns_shell.number_unique_all      ? 
_reflns_shell.number_measured_all    ? 
_reflns_shell.number_measured_obs    ? 
_reflns_shell.number_unique_obs      ? 
_reflns_shell.pdbx_chi_squared       ? 
_reflns_shell.pdbx_ordinal           1 
_reflns_shell.pdbx_diffrn_id         1 
# 
_refine.entry_id                                 4DH0 
_refine.ls_number_reflns_obs                     6604 
_refine.ls_number_reflns_all                     7371 
_refine.pdbx_ls_sigma_I                          ? 
_refine.pdbx_ls_sigma_F                          0.0 
_refine.pdbx_data_cutoff_high_absF               ? 
_refine.pdbx_data_cutoff_low_absF                ? 
_refine.pdbx_data_cutoff_high_rms_absF           ? 
_refine.ls_d_res_low                             36.96 
_refine.ls_d_res_high                            2.10 
_refine.ls_percent_reflns_obs                    89.59 
_refine.ls_R_factor_obs                          0.21882 
_refine.ls_R_factor_all                          0.21882 
_refine.ls_R_factor_R_work                       0.21701 
_refine.ls_R_factor_R_free                       0.25717 
_refine.ls_R_factor_R_free_error                 ? 
_refine.ls_R_factor_R_free_error_details         ? 
_refine.ls_percent_reflns_R_free                 4.6 
_refine.ls_number_reflns_R_free                  316 
_refine.ls_number_parameters                     ? 
_refine.ls_number_restraints                     ? 
_refine.occupancy_min                            ? 
_refine.occupancy_max                            ? 
_refine.correlation_coeff_Fo_to_Fc               0.933 
_refine.correlation_coeff_Fo_to_Fc_free          0.897 
_refine.B_iso_mean                               25.549 
_refine.aniso_B[1][1]                            0.45 
_refine.aniso_B[2][2]                            0.40 
_refine.aniso_B[3][3]                            -0.85 
_refine.aniso_B[1][2]                            0.00 
_refine.aniso_B[1][3]                            0.00 
_refine.aniso_B[2][3]                            0.00 
_refine.solvent_model_details                    MASK 
_refine.solvent_model_param_ksol                 ? 
_refine.solvent_model_param_bsol                 ? 
_refine.pdbx_solvent_vdw_probe_radii             1.20 
_refine.pdbx_solvent_ion_probe_radii             0.80 
_refine.pdbx_solvent_shrinkage_radii             0.80 
_refine.pdbx_ls_cross_valid_method               THROUGHOUT 
_refine.details                                  'HYDROGENS HAVE BEEN ADDED IN THE RIDING POSITIONS' 
_refine.pdbx_starting_model                      ? 
_refine.pdbx_method_to_determine_struct          'FOURIER SYNTHESIS' 
_refine.pdbx_isotropic_thermal_model             ? 
_refine.pdbx_stereochemistry_target_values       'MAXIMUM LIKELIHOOD' 
_refine.pdbx_stereochem_target_val_spec_case     ? 
_refine.pdbx_R_Free_selection_details            RANDOM 
_refine.pdbx_overall_ESU_R                       0.288 
_refine.pdbx_overall_ESU_R_Free                  0.219 
_refine.overall_SU_ML                            0.142 
_refine.pdbx_overall_phase_error                 ? 
_refine.overall_SU_B                             5.534 
_refine.overall_SU_R_Cruickshank_DPI             ? 
_refine.ls_redundancy_reflns_obs                 ? 
_refine.B_iso_min                                ? 
_refine.B_iso_max                                ? 
_refine.overall_SU_R_free                        ? 
_refine.ls_wR_factor_R_free                      ? 
_refine.ls_wR_factor_R_work                      ? 
_refine.overall_FOM_free_R_set                   ? 
_refine.overall_FOM_work_R_set                   ? 
_refine.pdbx_diffrn_id                           1 
_refine.pdbx_refine_id                           'X-RAY DIFFRACTION' 
_refine.pdbx_TLS_residual_ADP_flag               ? 
_refine.pdbx_overall_SU_R_free_Cruickshank_DPI   ? 
_refine.pdbx_overall_SU_R_Blow_DPI               ? 
_refine.pdbx_overall_SU_R_free_Blow_DPI          ? 
# 
_refine_hist.pdbx_refine_id                   'X-RAY DIFFRACTION' 
_refine_hist.cycle_id                         LAST 
_refine_hist.pdbx_number_atoms_protein        832 
_refine_hist.pdbx_number_atoms_nucleic_acid   0 
_refine_hist.pdbx_number_atoms_ligand         66 
_refine_hist.number_atoms_solvent             76 
_refine_hist.number_atoms_total               974 
_refine_hist.d_res_high                       2.10 
_refine_hist.d_res_low                        36.96 
# 
loop_
_refine_ls_restr.type 
_refine_ls_restr.dev_ideal 
_refine_ls_restr.dev_ideal_target 
_refine_ls_restr.weight 
_refine_ls_restr.number 
_refine_ls_restr.pdbx_restraint_function 
_refine_ls_restr.pdbx_refine_id 
r_bond_refined_d       0.006  0.022  ? 920  ? 'X-RAY DIFFRACTION' 
r_angle_refined_deg    0.966  2.051  ? 1245 ? 'X-RAY DIFFRACTION' 
r_dihedral_angle_1_deg 5.585  5.000  ? 106  ? 'X-RAY DIFFRACTION' 
r_dihedral_angle_2_deg 31.498 23.514 ? 37   ? 'X-RAY DIFFRACTION' 
r_dihedral_angle_3_deg 14.395 15.000 ? 148  ? 'X-RAY DIFFRACTION' 
r_dihedral_angle_4_deg 8.727  15.000 ? 6    ? 'X-RAY DIFFRACTION' 
r_chiral_restr         0.061  0.200  ? 137  ? 'X-RAY DIFFRACTION' 
r_gen_planes_refined   0.003  0.021  ? 689  ? 'X-RAY DIFFRACTION' 
r_mcbond_it            0.370  1.500  ? 529  ? 'X-RAY DIFFRACTION' 
r_mcangle_it           0.704  2.000  ? 853  ? 'X-RAY DIFFRACTION' 
r_scbond_it            0.858  3.000  ? 391  ? 'X-RAY DIFFRACTION' 
r_scangle_it           1.537  4.500  ? 392  ? 'X-RAY DIFFRACTION' 
# 
_refine_ls_shell.pdbx_total_number_of_bins_used   20 
_refine_ls_shell.d_res_high                       2.100 
_refine_ls_shell.d_res_low                        2.155 
_refine_ls_shell.number_reflns_R_work             409 
_refine_ls_shell.R_factor_R_work                  0.315 
_refine_ls_shell.percent_reflns_obs               77.70 
_refine_ls_shell.R_factor_R_free                  0.336 
_refine_ls_shell.R_factor_R_free_error            ? 
_refine_ls_shell.percent_reflns_R_free            ? 
_refine_ls_shell.number_reflns_R_free             23 
_refine_ls_shell.number_reflns_all                ? 
_refine_ls_shell.R_factor_all                     ? 
_refine_ls_shell.number_reflns_obs                ? 
_refine_ls_shell.redundancy_reflns_obs            ? 
_refine_ls_shell.pdbx_refine_id                   'X-RAY DIFFRACTION' 
# 
_struct.entry_id                  4DH0 
_struct.title                     
;X-ray Crystal Structure of 28-O-Methylrapamycin complexed with FKBP12: Is the Cyclohexyl Moiety Part of the Effector Domain of Rapamycin?
;
_struct.pdbx_model_details        ? 
_struct.pdbx_CASP_flag            ? 
_struct.pdbx_model_type_details   ? 
# 
_struct_keywords.entry_id        4DH0 
_struct_keywords.pdbx_keywords   ISOMERASE/IMMUNOSUPPRESSANT 
_struct_keywords.text            'peptidyl-prolyl cis-trans isomerase, ISOMERASE-IMMUNOSUPPRESSANT complex' 
# 
loop_
_struct_asym.id 
_struct_asym.pdbx_blank_PDB_chainid_flag 
_struct_asym.pdbx_modified 
_struct_asym.entity_id 
_struct_asym.details 
A N N 1 ? 
B N N 2 ? 
C N N 3 ? 
# 
_struct_ref.id                         1 
_struct_ref.db_name                    UNP 
_struct_ref.db_code                    FKB1A_HUMAN 
_struct_ref.pdbx_db_accession          P62942 
_struct_ref.entity_id                  1 
_struct_ref.pdbx_seq_one_letter_code   
;GVQVETISPGDGRTFPKRGQTCVVHYTGMLEDGKKFDSSRDRNKPFKFMLGKQEVIRGWEEGVAQMSVGQRAKLTISPDY
AYGATGHPGIIPPHATLVFDVELLKLE
;
_struct_ref.pdbx_align_begin           2 
_struct_ref.pdbx_db_isoform            ? 
# 
_struct_ref_seq.align_id                      1 
_struct_ref_seq.ref_id                        1 
_struct_ref_seq.pdbx_PDB_id_code              4DH0 
_struct_ref_seq.pdbx_strand_id                A 
_struct_ref_seq.seq_align_beg                 1 
_struct_ref_seq.pdbx_seq_align_beg_ins_code   ? 
_struct_ref_seq.seq_align_end                 107 
_struct_ref_seq.pdbx_seq_align_end_ins_code   ? 
_struct_ref_seq.pdbx_db_accession             P62942 
_struct_ref_seq.db_align_beg                  2 
_struct_ref_seq.pdbx_db_align_beg_ins_code    ? 
_struct_ref_seq.db_align_end                  108 
_struct_ref_seq.pdbx_db_align_end_ins_code    ? 
_struct_ref_seq.pdbx_auth_seq_align_beg       1 
_struct_ref_seq.pdbx_auth_seq_align_end       107 
# 
_pdbx_struct_assembly.id                   1 
_pdbx_struct_assembly.details              author_and_software_defined_assembly 
_pdbx_struct_assembly.method_details       PISA 
_pdbx_struct_assembly.oligomeric_details   monomeric 
_pdbx_struct_assembly.oligomeric_count     1 
# 
_pdbx_struct_assembly_gen.assembly_id       1 
_pdbx_struct_assembly_gen.oper_expression   1 
_pdbx_struct_assembly_gen.asym_id_list      A,B,C 
# 
_pdbx_struct_oper_list.id                   1 
_pdbx_struct_oper_list.type                 'identity operation' 
_pdbx_struct_oper_list.name                 1_555 
_pdbx_struct_oper_list.symmetry_operation   x,y,z 
_pdbx_struct_oper_list.matrix[1][1]         1.0000000000 
_pdbx_struct_oper_list.matrix[1][2]         0.0000000000 
_pdbx_struct_oper_list.matrix[1][3]         0.0000000000 
_pdbx_struct_oper_list.vector[1]            0.0000000000 
_pdbx_struct_oper_list.matrix[2][1]         0.0000000000 
_pdbx_struct_oper_list.matrix[2][2]         1.0000000000 
_pdbx_struct_oper_list.matrix[2][3]         0.0000000000 
_pdbx_struct_oper_list.vector[2]            0.0000000000 
_pdbx_struct_oper_list.matrix[3][1]         0.0000000000 
_pdbx_struct_oper_list.matrix[3][2]         0.0000000000 
_pdbx_struct_oper_list.matrix[3][3]         1.0000000000 
_pdbx_struct_oper_list.vector[3]            0.0000000000 
# 
_struct_biol.id        1 
_struct_biol.details   ? 
# 
loop_
_struct_conf.conf_type_id 
_struct_conf.id 
_struct_conf.pdbx_PDB_helix_id 
_struct_conf.beg_label_comp_id 
_struct_conf.beg_label_asym_id 
_struct_conf.beg_label_seq_id 
_struct_conf.pdbx_beg_PDB_ins_code 
_struct_conf.end_label_comp_id 
_struct_conf.end_label_asym_id 
_struct_conf.end_label_seq_id 
_struct_conf.pdbx_end_PDB_ins_code 
_struct_conf.beg_auth_comp_id 
_struct_conf.beg_auth_asym_id 
_struct_conf.beg_auth_seq_id 
_struct_conf.end_auth_comp_id 
_struct_conf.end_auth_asym_id 
_struct_conf.end_auth_seq_id 
_struct_conf.pdbx_PDB_helix_class 
_struct_conf.details 
_struct_conf.pdbx_PDB_helix_length 
HELX_P HELX_P1 1 ILE A 56 ? ALA A 64 ? ILE A 56 ALA A 64 1 ? 9 
HELX_P HELX_P2 2 PRO A 78 ? ALA A 81 ? PRO A 78 ALA A 81 5 ? 4 
# 
_struct_conf_type.id          HELX_P 
_struct_conf_type.criteria    ? 
_struct_conf_type.reference   ? 
# 
loop_
_struct_sheet.id 
_struct_sheet.type 
_struct_sheet.number_strands 
_struct_sheet.details 
A ? 5 ? 
B ? 5 ? 
# 
loop_
_struct_sheet_order.sheet_id 
_struct_sheet_order.range_id_1 
_struct_sheet_order.range_id_2 
_struct_sheet_order.offset 
_struct_sheet_order.sense 
A 1 2 ? anti-parallel 
A 2 3 ? anti-parallel 
A 3 4 ? anti-parallel 
A 4 5 ? anti-parallel 
B 1 2 ? anti-parallel 
B 2 3 ? anti-parallel 
B 3 4 ? anti-parallel 
B 4 5 ? anti-parallel 
# 
loop_
_struct_sheet_range.sheet_id 
_struct_sheet_range.id 
_struct_sheet_range.beg_label_comp_id 
_struct_sheet_range.beg_label_asym_id 
_struct_sheet_range.beg_label_seq_id 
_struct_sheet_range.pdbx_beg_PDB_ins_code 
_struct_sheet_range.end_label_comp_id 
_struct_sheet_range.end_label_asym_id 
_struct_sheet_range.end_label_seq_id 
_struct_sheet_range.pdbx_end_PDB_ins_code 
_struct_sheet_range.beg_auth_comp_id 
_struct_sheet_range.beg_auth_asym_id 
_struct_sheet_range.beg_auth_seq_id 
_struct_sheet_range.end_auth_comp_id 
_struct_sheet_range.end_auth_asym_id 
_struct_sheet_range.end_auth_seq_id 
A 1 VAL A 2  ? SER A 8   ? VAL A 2  SER A 8   
A 2 ARG A 71 ? ILE A 76  ? ARG A 71 ILE A 76  
A 3 LEU A 97 ? GLU A 107 ? LEU A 97 GLU A 107 
A 4 THR A 21 ? LEU A 30  ? THR A 21 LEU A 30  
A 5 LYS A 35 ? SER A 38  ? LYS A 35 SER A 38  
B 1 VAL A 2  ? SER A 8   ? VAL A 2  SER A 8   
B 2 ARG A 71 ? ILE A 76  ? ARG A 71 ILE A 76  
B 3 LEU A 97 ? GLU A 107 ? LEU A 97 GLU A 107 
B 4 THR A 21 ? LEU A 30  ? THR A 21 LEU A 30  
B 5 PHE A 46 ? MET A 49  ? PHE A 46 MET A 49  
# 
loop_
_pdbx_struct_sheet_hbond.sheet_id 
_pdbx_struct_sheet_hbond.range_id_1 
_pdbx_struct_sheet_hbond.range_id_2 
_pdbx_struct_sheet_hbond.range_1_label_atom_id 
_pdbx_struct_sheet_hbond.range_1_label_comp_id 
_pdbx_struct_sheet_hbond.range_1_label_asym_id 
_pdbx_struct_sheet_hbond.range_1_label_seq_id 
_pdbx_struct_sheet_hbond.range_1_PDB_ins_code 
_pdbx_struct_sheet_hbond.range_1_auth_atom_id 
_pdbx_struct_sheet_hbond.range_1_auth_comp_id 
_pdbx_struct_sheet_hbond.range_1_auth_asym_id 
_pdbx_struct_sheet_hbond.range_1_auth_seq_id 
_pdbx_struct_sheet_hbond.range_2_label_atom_id 
_pdbx_struct_sheet_hbond.range_2_label_comp_id 
_pdbx_struct_sheet_hbond.range_2_label_asym_id 
_pdbx_struct_sheet_hbond.range_2_label_seq_id 
_pdbx_struct_sheet_hbond.range_2_PDB_ins_code 
_pdbx_struct_sheet_hbond.range_2_auth_atom_id 
_pdbx_struct_sheet_hbond.range_2_auth_comp_id 
_pdbx_struct_sheet_hbond.range_2_auth_asym_id 
_pdbx_struct_sheet_hbond.range_2_auth_seq_id 
A 1 2 N GLU A 5  ? N GLU A 5  O LYS A 73 ? O LYS A 73 
A 2 3 N ILE A 76 ? N ILE A 76 O LEU A 97 ? O LEU A 97 
A 3 4 O VAL A 98 ? O VAL A 98 N MET A 29 ? N MET A 29 
A 4 5 N GLY A 28 ? N GLY A 28 O ASP A 37 ? O ASP A 37 
B 1 2 N GLU A 5  ? N GLU A 5  O LYS A 73 ? O LYS A 73 
B 2 3 N ILE A 76 ? N ILE A 76 O LEU A 97 ? O LEU A 97 
B 3 4 O VAL A 98 ? O VAL A 98 N MET A 29 ? N MET A 29 
B 4 5 N VAL A 24 ? N VAL A 24 O PHE A 46 ? O PHE A 46 
# 
_struct_site.id                   AC1 
_struct_site.pdbx_evidence_code   Software 
_struct_site.pdbx_auth_asym_id    A 
_struct_site.pdbx_auth_comp_id    MR8 
_struct_site.pdbx_auth_seq_id     201 
_struct_site.pdbx_auth_ins_code   ? 
_struct_site.pdbx_num_residues    17 
_struct_site.details              'BINDING SITE FOR RESIDUE MR8 A 201' 
# 
loop_
_struct_site_gen.id 
_struct_site_gen.site_id 
_struct_site_gen.pdbx_num_res 
_struct_site_gen.label_comp_id 
_struct_site_gen.label_asym_id 
_struct_site_gen.label_seq_id 
_struct_site_gen.pdbx_auth_ins_code 
_struct_site_gen.auth_comp_id 
_struct_site_gen.auth_asym_id 
_struct_site_gen.auth_seq_id 
_struct_site_gen.label_atom_id 
_struct_site_gen.label_alt_id 
_struct_site_gen.symmetry 
_struct_site_gen.details 
1  AC1 17 GLU A 5   ? GLU A 5   . ? 3_555 ? 
2  AC1 17 THR A 6   ? THR A 6   . ? 3_555 ? 
3  AC1 17 TYR A 26  ? TYR A 26  . ? 1_555 ? 
4  AC1 17 THR A 27  ? THR A 27  . ? 3_555 ? 
5  AC1 17 PHE A 36  ? PHE A 36  . ? 1_555 ? 
6  AC1 17 ASP A 37  ? ASP A 37  . ? 1_555 ? 
7  AC1 17 PHE A 46  ? PHE A 46  . ? 1_555 ? 
8  AC1 17 GLU A 54  ? GLU A 54  . ? 1_555 ? 
9  AC1 17 VAL A 55  ? VAL A 55  . ? 1_555 ? 
10 AC1 17 ILE A 56  ? ILE A 56  . ? 1_555 ? 
11 AC1 17 TRP A 59  ? TRP A 59  . ? 1_555 ? 
12 AC1 17 ARG A 71  ? ARG A 71  . ? 3_555 ? 
13 AC1 17 LYS A 73  ? LYS A 73  . ? 3_555 ? 
14 AC1 17 ALA A 81  ? ALA A 81  . ? 1_555 ? 
15 AC1 17 TYR A 82  ? TYR A 82  . ? 1_555 ? 
16 AC1 17 ASP A 100 ? ASP A 100 . ? 3_555 ? 
17 AC1 17 HOH C .   ? HOH A 321 . ? 1_555 ? 
# 
loop_
_pdbx_validate_torsion.id 
_pdbx_validate_torsion.PDB_model_num 
_pdbx_validate_torsion.auth_comp_id 
_pdbx_validate_torsion.auth_asym_id 
_pdbx_validate_torsion.auth_seq_id 
_pdbx_validate_torsion.PDB_ins_code 
_pdbx_validate_torsion.label_alt_id 
_pdbx_validate_torsion.phi 
_pdbx_validate_torsion.psi 
1 1 ARG A 13 ? ? -144.85 -38.31  
2 1 ALA A 81 ? ? -121.05 -112.35 
3 1 ILE A 90 ? ? -129.79 -56.61  
# 
loop_
_chem_comp_atom.comp_id 
_chem_comp_atom.atom_id 
_chem_comp_atom.type_symbol 
_chem_comp_atom.pdbx_aromatic_flag 
_chem_comp_atom.pdbx_stereo_config 
_chem_comp_atom.pdbx_ordinal 
ALA N    N N N 1   
ALA CA   C N S 2   
ALA C    C N N 3   
ALA O    O N N 4   
ALA CB   C N N 5   
ALA OXT  O N N 6   
ALA H    H N N 7   
ALA H2   H N N 8   
ALA HA   H N N 9   
ALA HB1  H N N 10  
ALA HB2  H N N 11  
ALA HB3  H N N 12  
ALA HXT  H N N 13  
ARG N    N N N 14  
ARG CA   C N S 15  
ARG C    C N N 16  
ARG O    O N N 17  
ARG CB   C N N 18  
ARG CG   C N N 19  
ARG CD   C N N 20  
ARG NE   N N N 21  
ARG CZ   C N N 22  
ARG NH1  N N N 23  
ARG NH2  N N N 24  
ARG OXT  O N N 25  
ARG H    H N N 26  
ARG H2   H N N 27  
ARG HA   H N N 28  
ARG HB2  H N N 29  
ARG HB3  H N N 30  
ARG HG2  H N N 31  
ARG HG3  H N N 32  
ARG HD2  H N N 33  
ARG HD3  H N N 34  
ARG HE   H N N 35  
ARG HH11 H N N 36  
ARG HH12 H N N 37  
ARG HH21 H N N 38  
ARG HH22 H N N 39  
ARG HXT  H N N 40  
ASN N    N N N 41  
ASN CA   C N S 42  
ASN C    C N N 43  
ASN O    O N N 44  
ASN CB   C N N 45  
ASN CG   C N N 46  
ASN OD1  O N N 47  
ASN ND2  N N N 48  
ASN OXT  O N N 49  
ASN H    H N N 50  
ASN H2   H N N 51  
ASN HA   H N N 52  
ASN HB2  H N N 53  
ASN HB3  H N N 54  
ASN HD21 H N N 55  
ASN HD22 H N N 56  
ASN HXT  H N N 57  
ASP N    N N N 58  
ASP CA   C N S 59  
ASP C    C N N 60  
ASP O    O N N 61  
ASP CB   C N N 62  
ASP CG   C N N 63  
ASP OD1  O N N 64  
ASP OD2  O N N 65  
ASP OXT  O N N 66  
ASP H    H N N 67  
ASP H2   H N N 68  
ASP HA   H N N 69  
ASP HB2  H N N 70  
ASP HB3  H N N 71  
ASP HD2  H N N 72  
ASP HXT  H N N 73  
CYS N    N N N 74  
CYS CA   C N R 75  
CYS C    C N N 76  
CYS O    O N N 77  
CYS CB   C N N 78  
CYS SG   S N N 79  
CYS OXT  O N N 80  
CYS H    H N N 81  
CYS H2   H N N 82  
CYS HA   H N N 83  
CYS HB2  H N N 84  
CYS HB3  H N N 85  
CYS HG   H N N 86  
CYS HXT  H N N 87  
GLN N    N N N 88  
GLN CA   C N S 89  
GLN C    C N N 90  
GLN O    O N N 91  
GLN CB   C N N 92  
GLN CG   C N N 93  
GLN CD   C N N 94  
GLN OE1  O N N 95  
GLN NE2  N N N 96  
GLN OXT  O N N 97  
GLN H    H N N 98  
GLN H2   H N N 99  
GLN HA   H N N 100 
GLN HB2  H N N 101 
GLN HB3  H N N 102 
GLN HG2  H N N 103 
GLN HG3  H N N 104 
GLN HE21 H N N 105 
GLN HE22 H N N 106 
GLN HXT  H N N 107 
GLU N    N N N 108 
GLU CA   C N S 109 
GLU C    C N N 110 
GLU O    O N N 111 
GLU CB   C N N 112 
GLU CG   C N N 113 
GLU CD   C N N 114 
GLU OE1  O N N 115 
GLU OE2  O N N 116 
GLU OXT  O N N 117 
GLU H    H N N 118 
GLU H2   H N N 119 
GLU HA   H N N 120 
GLU HB2  H N N 121 
GLU HB3  H N N 122 
GLU HG2  H N N 123 
GLU HG3  H N N 124 
GLU HE2  H N N 125 
GLU HXT  H N N 126 
GLY N    N N N 127 
GLY CA   C N N 128 
GLY C    C N N 129 
GLY O    O N N 130 
GLY OXT  O N N 131 
GLY H    H N N 132 
GLY H2   H N N 133 
GLY HA2  H N N 134 
GLY HA3  H N N 135 
GLY HXT  H N N 136 
HIS N    N N N 137 
HIS CA   C N S 138 
HIS C    C N N 139 
HIS O    O N N 140 
HIS CB   C N N 141 
HIS CG   C Y N 142 
HIS ND1  N Y N 143 
HIS CD2  C Y N 144 
HIS CE1  C Y N 145 
HIS NE2  N Y N 146 
HIS OXT  O N N 147 
HIS H    H N N 148 
HIS H2   H N N 149 
HIS HA   H N N 150 
HIS HB2  H N N 151 
HIS HB3  H N N 152 
HIS HD1  H N N 153 
HIS HD2  H N N 154 
HIS HE1  H N N 155 
HIS HE2  H N N 156 
HIS HXT  H N N 157 
HOH O    O N N 158 
HOH H1   H N N 159 
HOH H2   H N N 160 
ILE N    N N N 161 
ILE CA   C N S 162 
ILE C    C N N 163 
ILE O    O N N 164 
ILE CB   C N S 165 
ILE CG1  C N N 166 
ILE CG2  C N N 167 
ILE CD1  C N N 168 
ILE OXT  O N N 169 
ILE H    H N N 170 
ILE H2   H N N 171 
ILE HA   H N N 172 
ILE HB   H N N 173 
ILE HG12 H N N 174 
ILE HG13 H N N 175 
ILE HG21 H N N 176 
ILE HG22 H N N 177 
ILE HG23 H N N 178 
ILE HD11 H N N 179 
ILE HD12 H N N 180 
ILE HD13 H N N 181 
ILE HXT  H N N 182 
LEU N    N N N 183 
LEU CA   C N S 184 
LEU C    C N N 185 
LEU O    O N N 186 
LEU CB   C N N 187 
LEU CG   C N N 188 
LEU CD1  C N N 189 
LEU CD2  C N N 190 
LEU OXT  O N N 191 
LEU H    H N N 192 
LEU H2   H N N 193 
LEU HA   H N N 194 
LEU HB2  H N N 195 
LEU HB3  H N N 196 
LEU HG   H N N 197 
LEU HD11 H N N 198 
LEU HD12 H N N 199 
LEU HD13 H N N 200 
LEU HD21 H N N 201 
LEU HD22 H N N 202 
LEU HD23 H N N 203 
LEU HXT  H N N 204 
LYS N    N N N 205 
LYS CA   C N S 206 
LYS C    C N N 207 
LYS O    O N N 208 
LYS CB   C N N 209 
LYS CG   C N N 210 
LYS CD   C N N 211 
LYS CE   C N N 212 
LYS NZ   N N N 213 
LYS OXT  O N N 214 
LYS H    H N N 215 
LYS H2   H N N 216 
LYS HA   H N N 217 
LYS HB2  H N N 218 
LYS HB3  H N N 219 
LYS HG2  H N N 220 
LYS HG3  H N N 221 
LYS HD2  H N N 222 
LYS HD3  H N N 223 
LYS HE2  H N N 224 
LYS HE3  H N N 225 
LYS HZ1  H N N 226 
LYS HZ2  H N N 227 
LYS HZ3  H N N 228 
LYS HXT  H N N 229 
MET N    N N N 230 
MET CA   C N S 231 
MET C    C N N 232 
MET O    O N N 233 
MET CB   C N N 234 
MET CG   C N N 235 
MET SD   S N N 236 
MET CE   C N N 237 
MET OXT  O N N 238 
MET H    H N N 239 
MET H2   H N N 240 
MET HA   H N N 241 
MET HB2  H N N 242 
MET HB3  H N N 243 
MET HG2  H N N 244 
MET HG3  H N N 245 
MET HE1  H N N 246 
MET HE2  H N N 247 
MET HE3  H N N 248 
MET HXT  H N N 249 
MR8 O1   O N N 250 
MR8 C1   C N N 251 
MR8 O2   O N N 252 
MR8 C2   C N S 253 
MR8 C3   C N N 254 
MR8 C4   C N N 255 
MR8 C5   C N N 256 
MR8 C6   C N N 257 
MR8 N1   N N N 258 
MR8 C7   C N N 259 
MR8 O3   O N N 260 
MR8 C8   C N N 261 
MR8 O4   O N N 262 
MR8 C9   C N R 263 
MR8 C10  C N R 264 
MR8 C11  C N N 265 
MR8 C12  C N N 266 
MR8 C13  C N S 267 
MR8 O5   O N N 268 
MR8 O6   O N N 269 
MR8 C42  C N N 270 
MR8 C14  C N N 271 
MR8 C15  C N S 272 
MR8 O7   O N N 273 
MR8 C49  C N N 274 
MR8 C16  C N N 275 
MR8 C43  C N N 276 
MR8 C17  C N N 277 
MR8 C18  C N N 278 
MR8 C19  C N N 279 
MR8 C20  C N N 280 
MR8 C21  C N N 281 
MR8 C22  C N S 282 
MR8 C44  C N N 283 
MR8 C23  C N N 284 
MR8 C24  C N R 285 
MR8 C45  C N N 286 
MR8 C25  C N N 287 
MR8 O8   O N N 288 
MR8 C26  C N R 289 
MR8 O9   O N N 290 
MR8 C50  C N N 291 
MR8 C27  C N R 292 
MR8 O10  O N N 293 
MR8 C53  C N N 294 
MR8 C28  C N N 295 
MR8 C46  C N N 296 
MR8 C29  C N N 297 
MR8 C30  C N R 298 
MR8 C47  C N N 299 
MR8 C31  C N N 300 
MR8 O11  O N N 301 
MR8 C32  C N N 302 
MR8 C33  C N S 303 
MR8 C34  C N R 304 
MR8 C48  C N N 305 
MR8 C35  C N N 306 
MR8 C36  C N S 307 
MR8 C37  C N N 308 
MR8 C38  C N R 309 
MR8 O12  O N N 310 
MR8 C51  C N N 311 
MR8 C39  C N R 312 
MR8 O13  O N N 313 
MR8 C40  C N N 314 
MR8 C41  C N N 315 
MR8 H1   H N N 316 
MR8 H2   H N N 317 
MR8 H3   H N N 318 
MR8 H4   H N N 319 
MR8 H5   H N N 320 
MR8 H6   H N N 321 
MR8 H7   H N N 322 
MR8 H8   H N N 323 
MR8 H9   H N N 324 
MR8 H10  H N N 325 
MR8 H11  H N N 326 
MR8 H12  H N N 327 
MR8 H13  H N N 328 
MR8 H14  H N N 329 
MR8 H15  H N N 330 
MR8 H16  H N N 331 
MR8 H17  H N N 332 
MR8 H18  H N N 333 
MR8 H19  H N N 334 
MR8 H20  H N N 335 
MR8 H21  H N N 336 
MR8 H22  H N N 337 
MR8 H23  H N N 338 
MR8 H24  H N N 339 
MR8 H25  H N N 340 
MR8 H26  H N N 341 
MR8 H27  H N N 342 
MR8 H28  H N N 343 
MR8 H29  H N N 344 
MR8 H30  H N N 345 
MR8 H31  H N N 346 
MR8 H32  H N N 347 
MR8 H33  H N N 348 
MR8 H34  H N N 349 
MR8 H35  H N N 350 
MR8 H36  H N N 351 
MR8 H37  H N N 352 
MR8 H38  H N N 353 
MR8 H39  H N N 354 
MR8 H40  H N N 355 
MR8 H41  H N N 356 
MR8 H42  H N N 357 
MR8 H43  H N N 358 
MR8 H44  H N N 359 
MR8 H45  H N N 360 
MR8 H46  H N N 361 
MR8 H47  H N N 362 
MR8 H48  H N N 363 
MR8 H49  H N N 364 
MR8 H50  H N N 365 
MR8 H51  H N N 366 
MR8 H52  H N N 367 
MR8 H53  H N N 368 
MR8 H54  H N N 369 
MR8 H55  H N N 370 
MR8 H56  H N N 371 
MR8 H57  H N N 372 
MR8 H58  H N N 373 
MR8 H59  H N N 374 
MR8 H60  H N N 375 
MR8 H61  H N N 376 
MR8 H62  H N N 377 
MR8 H63  H N N 378 
MR8 H64  H N N 379 
MR8 H65  H N N 380 
MR8 H66  H N N 381 
MR8 H67  H N N 382 
MR8 H68  H N N 383 
MR8 H69  H N N 384 
MR8 H70  H N N 385 
MR8 H71  H N N 386 
MR8 H72  H N N 387 
MR8 H73  H N N 388 
MR8 H74  H N N 389 
MR8 H75  H N N 390 
MR8 H76  H N N 391 
MR8 H77  H N N 392 
MR8 H78  H N N 393 
MR8 H79  H N N 394 
MR8 H80  H N N 395 
MR8 H81  H N N 396 
PHE N    N N N 397 
PHE CA   C N S 398 
PHE C    C N N 399 
PHE O    O N N 400 
PHE CB   C N N 401 
PHE CG   C Y N 402 
PHE CD1  C Y N 403 
PHE CD2  C Y N 404 
PHE CE1  C Y N 405 
PHE CE2  C Y N 406 
PHE CZ   C Y N 407 
PHE OXT  O N N 408 
PHE H    H N N 409 
PHE H2   H N N 410 
PHE HA   H N N 411 
PHE HB2  H N N 412 
PHE HB3  H N N 413 
PHE HD1  H N N 414 
PHE HD2  H N N 415 
PHE HE1  H N N 416 
PHE HE2  H N N 417 
PHE HZ   H N N 418 
PHE HXT  H N N 419 
PRO N    N N N 420 
PRO CA   C N S 421 
PRO C    C N N 422 
PRO O    O N N 423 
PRO CB   C N N 424 
PRO CG   C N N 425 
PRO CD   C N N 426 
PRO OXT  O N N 427 
PRO H    H N N 428 
PRO HA   H N N 429 
PRO HB2  H N N 430 
PRO HB3  H N N 431 
PRO HG2  H N N 432 
PRO HG3  H N N 433 
PRO HD2  H N N 434 
PRO HD3  H N N 435 
PRO HXT  H N N 436 
SER N    N N N 437 
SER CA   C N S 438 
SER C    C N N 439 
SER O    O N N 440 
SER CB   C N N 441 
SER OG   O N N 442 
SER OXT  O N N 443 
SER H    H N N 444 
SER H2   H N N 445 
SER HA   H N N 446 
SER HB2  H N N 447 
SER HB3  H N N 448 
SER HG   H N N 449 
SER HXT  H N N 450 
THR N    N N N 451 
THR CA   C N S 452 
THR C    C N N 453 
THR O    O N N 454 
THR CB   C N R 455 
THR OG1  O N N 456 
THR CG2  C N N 457 
THR OXT  O N N 458 
THR H    H N N 459 
THR H2   H N N 460 
THR HA   H N N 461 
THR HB   H N N 462 
THR HG1  H N N 463 
THR HG21 H N N 464 
THR HG22 H N N 465 
THR HG23 H N N 466 
THR HXT  H N N 467 
TRP N    N N N 468 
TRP CA   C N S 469 
TRP C    C N N 470 
TRP O    O N N 471 
TRP CB   C N N 472 
TRP CG   C Y N 473 
TRP CD1  C Y N 474 
TRP CD2  C Y N 475 
TRP NE1  N Y N 476 
TRP CE2  C Y N 477 
TRP CE3  C Y N 478 
TRP CZ2  C Y N 479 
TRP CZ3  C Y N 480 
TRP CH2  C Y N 481 
TRP OXT  O N N 482 
TRP H    H N N 483 
TRP H2   H N N 484 
TRP HA   H N N 485 
TRP HB2  H N N 486 
TRP HB3  H N N 487 
TRP HD1  H N N 488 
TRP HE1  H N N 489 
TRP HE3  H N N 490 
TRP HZ2  H N N 491 
TRP HZ3  H N N 492 
TRP HH2  H N N 493 
TRP HXT  H N N 494 
TYR N    N N N 495 
TYR CA   C N S 496 
TYR C    C N N 497 
TYR O    O N N 498 
TYR CB   C N N 499 
TYR CG   C Y N 500 
TYR CD1  C Y N 501 
TYR CD2  C Y N 502 
TYR CE1  C Y N 503 
TYR CE2  C Y N 504 
TYR CZ   C Y N 505 
TYR OH   O N N 506 
TYR OXT  O N N 507 
TYR H    H N N 508 
TYR H2   H N N 509 
TYR HA   H N N 510 
TYR HB2  H N N 511 
TYR HB3  H N N 512 
TYR HD1  H N N 513 
TYR HD2  H N N 514 
TYR HE1  H N N 515 
TYR HE2  H N N 516 
TYR HH   H N N 517 
TYR HXT  H N N 518 
VAL N    N N N 519 
VAL CA   C N S 520 
VAL C    C N N 521 
VAL O    O N N 522 
VAL CB   C N N 523 
VAL CG1  C N N 524 
VAL CG2  C N N 525 
VAL OXT  O N N 526 
VAL H    H N N 527 
VAL H2   H N N 528 
VAL HA   H N N 529 
VAL HB   H N N 530 
VAL HG11 H N N 531 
VAL HG12 H N N 532 
VAL HG13 H N N 533 
VAL HG21 H N N 534 
VAL HG22 H N N 535 
VAL HG23 H N N 536 
VAL HXT  H N N 537 
# 
loop_
_chem_comp_bond.comp_id 
_chem_comp_bond.atom_id_1 
_chem_comp_bond.atom_id_2 
_chem_comp_bond.value_order 
_chem_comp_bond.pdbx_aromatic_flag 
_chem_comp_bond.pdbx_stereo_config 
_chem_comp_bond.pdbx_ordinal 
ALA N   CA   sing N N 1   
ALA N   H    sing N N 2   
ALA N   H2   sing N N 3   
ALA CA  C    sing N N 4   
ALA CA  CB   sing N N 5   
ALA CA  HA   sing N N 6   
ALA C   O    doub N N 7   
ALA C   OXT  sing N N 8   
ALA CB  HB1  sing N N 9   
ALA CB  HB2  sing N N 10  
ALA CB  HB3  sing N N 11  
ALA OXT HXT  sing N N 12  
ARG N   CA   sing N N 13  
ARG N   H    sing N N 14  
ARG N   H2   sing N N 15  
ARG CA  C    sing N N 16  
ARG CA  CB   sing N N 17  
ARG CA  HA   sing N N 18  
ARG C   O    doub N N 19  
ARG C   OXT  sing N N 20  
ARG CB  CG   sing N N 21  
ARG CB  HB2  sing N N 22  
ARG CB  HB3  sing N N 23  
ARG CG  CD   sing N N 24  
ARG CG  HG2  sing N N 25  
ARG CG  HG3  sing N N 26  
ARG CD  NE   sing N N 27  
ARG CD  HD2  sing N N 28  
ARG CD  HD3  sing N N 29  
ARG NE  CZ   sing N N 30  
ARG NE  HE   sing N N 31  
ARG CZ  NH1  sing N N 32  
ARG CZ  NH2  doub N N 33  
ARG NH1 HH11 sing N N 34  
ARG NH1 HH12 sing N N 35  
ARG NH2 HH21 sing N N 36  
ARG NH2 HH22 sing N N 37  
ARG OXT HXT  sing N N 38  
ASN N   CA   sing N N 39  
ASN N   H    sing N N 40  
ASN N   H2   sing N N 41  
ASN CA  C    sing N N 42  
ASN CA  CB   sing N N 43  
ASN CA  HA   sing N N 44  
ASN C   O    doub N N 45  
ASN C   OXT  sing N N 46  
ASN CB  CG   sing N N 47  
ASN CB  HB2  sing N N 48  
ASN CB  HB3  sing N N 49  
ASN CG  OD1  doub N N 50  
ASN CG  ND2  sing N N 51  
ASN ND2 HD21 sing N N 52  
ASN ND2 HD22 sing N N 53  
ASN OXT HXT  sing N N 54  
ASP N   CA   sing N N 55  
ASP N   H    sing N N 56  
ASP N   H2   sing N N 57  
ASP CA  C    sing N N 58  
ASP CA  CB   sing N N 59  
ASP CA  HA   sing N N 60  
ASP C   O    doub N N 61  
ASP C   OXT  sing N N 62  
ASP CB  CG   sing N N 63  
ASP CB  HB2  sing N N 64  
ASP CB  HB3  sing N N 65  
ASP CG  OD1  doub N N 66  
ASP CG  OD2  sing N N 67  
ASP OD2 HD2  sing N N 68  
ASP OXT HXT  sing N N 69  
CYS N   CA   sing N N 70  
CYS N   H    sing N N 71  
CYS N   H2   sing N N 72  
CYS CA  C    sing N N 73  
CYS CA  CB   sing N N 74  
CYS CA  HA   sing N N 75  
CYS C   O    doub N N 76  
CYS C   OXT  sing N N 77  
CYS CB  SG   sing N N 78  
CYS CB  HB2  sing N N 79  
CYS CB  HB3  sing N N 80  
CYS SG  HG   sing N N 81  
CYS OXT HXT  sing N N 82  
GLN N   CA   sing N N 83  
GLN N   H    sing N N 84  
GLN N   H2   sing N N 85  
GLN CA  C    sing N N 86  
GLN CA  CB   sing N N 87  
GLN CA  HA   sing N N 88  
GLN C   O    doub N N 89  
GLN C   OXT  sing N N 90  
GLN CB  CG   sing N N 91  
GLN CB  HB2  sing N N 92  
GLN CB  HB3  sing N N 93  
GLN CG  CD   sing N N 94  
GLN CG  HG2  sing N N 95  
GLN CG  HG3  sing N N 96  
GLN CD  OE1  doub N N 97  
GLN CD  NE2  sing N N 98  
GLN NE2 HE21 sing N N 99  
GLN NE2 HE22 sing N N 100 
GLN OXT HXT  sing N N 101 
GLU N   CA   sing N N 102 
GLU N   H    sing N N 103 
GLU N   H2   sing N N 104 
GLU CA  C    sing N N 105 
GLU CA  CB   sing N N 106 
GLU CA  HA   sing N N 107 
GLU C   O    doub N N 108 
GLU C   OXT  sing N N 109 
GLU CB  CG   sing N N 110 
GLU CB  HB2  sing N N 111 
GLU CB  HB3  sing N N 112 
GLU CG  CD   sing N N 113 
GLU CG  HG2  sing N N 114 
GLU CG  HG3  sing N N 115 
GLU CD  OE1  doub N N 116 
GLU CD  OE2  sing N N 117 
GLU OE2 HE2  sing N N 118 
GLU OXT HXT  sing N N 119 
GLY N   CA   sing N N 120 
GLY N   H    sing N N 121 
GLY N   H2   sing N N 122 
GLY CA  C    sing N N 123 
GLY CA  HA2  sing N N 124 
GLY CA  HA3  sing N N 125 
GLY C   O    doub N N 126 
GLY C   OXT  sing N N 127 
GLY OXT HXT  sing N N 128 
HIS N   CA   sing N N 129 
HIS N   H    sing N N 130 
HIS N   H2   sing N N 131 
HIS CA  C    sing N N 132 
HIS CA  CB   sing N N 133 
HIS CA  HA   sing N N 134 
HIS C   O    doub N N 135 
HIS C   OXT  sing N N 136 
HIS CB  CG   sing N N 137 
HIS CB  HB2  sing N N 138 
HIS CB  HB3  sing N N 139 
HIS CG  ND1  sing Y N 140 
HIS CG  CD2  doub Y N 141 
HIS ND1 CE1  doub Y N 142 
HIS ND1 HD1  sing N N 143 
HIS CD2 NE2  sing Y N 144 
HIS CD2 HD2  sing N N 145 
HIS CE1 NE2  sing Y N 146 
HIS CE1 HE1  sing N N 147 
HIS NE2 HE2  sing N N 148 
HIS OXT HXT  sing N N 149 
HOH O   H1   sing N N 150 
HOH O   H2   sing N N 151 
ILE N   CA   sing N N 152 
ILE N   H    sing N N 153 
ILE N   H2   sing N N 154 
ILE CA  C    sing N N 155 
ILE CA  CB   sing N N 156 
ILE CA  HA   sing N N 157 
ILE C   O    doub N N 158 
ILE C   OXT  sing N N 159 
ILE CB  CG1  sing N N 160 
ILE CB  CG2  sing N N 161 
ILE CB  HB   sing N N 162 
ILE CG1 CD1  sing N N 163 
ILE CG1 HG12 sing N N 164 
ILE CG1 HG13 sing N N 165 
ILE CG2 HG21 sing N N 166 
ILE CG2 HG22 sing N N 167 
ILE CG2 HG23 sing N N 168 
ILE CD1 HD11 sing N N 169 
ILE CD1 HD12 sing N N 170 
ILE CD1 HD13 sing N N 171 
ILE OXT HXT  sing N N 172 
LEU N   CA   sing N N 173 
LEU N   H    sing N N 174 
LEU N   H2   sing N N 175 
LEU CA  C    sing N N 176 
LEU CA  CB   sing N N 177 
LEU CA  HA   sing N N 178 
LEU C   O    doub N N 179 
LEU C   OXT  sing N N 180 
LEU CB  CG   sing N N 181 
LEU CB  HB2  sing N N 182 
LEU CB  HB3  sing N N 183 
LEU CG  CD1  sing N N 184 
LEU CG  CD2  sing N N 185 
LEU CG  HG   sing N N 186 
LEU CD1 HD11 sing N N 187 
LEU CD1 HD12 sing N N 188 
LEU CD1 HD13 sing N N 189 
LEU CD2 HD21 sing N N 190 
LEU CD2 HD22 sing N N 191 
LEU CD2 HD23 sing N N 192 
LEU OXT HXT  sing N N 193 
LYS N   CA   sing N N 194 
LYS N   H    sing N N 195 
LYS N   H2   sing N N 196 
LYS CA  C    sing N N 197 
LYS CA  CB   sing N N 198 
LYS CA  HA   sing N N 199 
LYS C   O    doub N N 200 
LYS C   OXT  sing N N 201 
LYS CB  CG   sing N N 202 
LYS CB  HB2  sing N N 203 
LYS CB  HB3  sing N N 204 
LYS CG  CD   sing N N 205 
LYS CG  HG2  sing N N 206 
LYS CG  HG3  sing N N 207 
LYS CD  CE   sing N N 208 
LYS CD  HD2  sing N N 209 
LYS CD  HD3  sing N N 210 
LYS CE  NZ   sing N N 211 
LYS CE  HE2  sing N N 212 
LYS CE  HE3  sing N N 213 
LYS NZ  HZ1  sing N N 214 
LYS NZ  HZ2  sing N N 215 
LYS NZ  HZ3  sing N N 216 
LYS OXT HXT  sing N N 217 
MET N   CA   sing N N 218 
MET N   H    sing N N 219 
MET N   H2   sing N N 220 
MET CA  C    sing N N 221 
MET CA  CB   sing N N 222 
MET CA  HA   sing N N 223 
MET C   O    doub N N 224 
MET C   OXT  sing N N 225 
MET CB  CG   sing N N 226 
MET CB  HB2  sing N N 227 
MET CB  HB3  sing N N 228 
MET CG  SD   sing N N 229 
MET CG  HG2  sing N N 230 
MET CG  HG3  sing N N 231 
MET SD  CE   sing N N 232 
MET CE  HE1  sing N N 233 
MET CE  HE2  sing N N 234 
MET CE  HE3  sing N N 235 
MET OXT HXT  sing N N 236 
MR8 O8  C25  doub N N 237 
MR8 C45 C24  sing N N 238 
MR8 C25 C24  sing N N 239 
MR8 C25 C26  sing N N 240 
MR8 C24 C23  sing N N 241 
MR8 C23 C22  sing N N 242 
MR8 O10 C53  sing N N 243 
MR8 O10 C27  sing N N 244 
MR8 C22 C44  sing N N 245 
MR8 C22 C21  sing N N 246 
MR8 C47 C30  sing N N 247 
MR8 C50 O9   sing N N 248 
MR8 O9  C26  sing N N 249 
MR8 C26 C27  sing N N 250 
MR8 C4  C3   sing N N 251 
MR8 C4  C5   sing N N 252 
MR8 C29 C30  sing N N 253 
MR8 C29 C28  doub N E 254 
MR8 C27 C28  sing N N 255 
MR8 O11 C31  doub N N 256 
MR8 C3  C2   sing N N 257 
MR8 O2  C1   doub N N 258 
MR8 C30 C31  sing N N 259 
MR8 C21 C20  doub N E 260 
MR8 C28 C46  sing N N 261 
MR8 C31 C32  sing N N 262 
MR8 C20 C19  sing N N 263 
MR8 C5  C6   sing N N 264 
MR8 C1  C2   sing N N 265 
MR8 C1  O1   sing N N 266 
MR8 C2  N1   sing N N 267 
MR8 C37 C38  sing N N 268 
MR8 C37 C36  sing N N 269 
MR8 C19 C18  doub N E 270 
MR8 O12 C51  sing N N 271 
MR8 O12 C38  sing N N 272 
MR8 C32 C33  sing N N 273 
MR8 C33 O1   sing N N 274 
MR8 C33 C34  sing N N 275 
MR8 C18 C17  sing N N 276 
MR8 C6  N1   sing N N 277 
MR8 C35 C36  sing N N 278 
MR8 C35 C34  sing N N 279 
MR8 C38 C39  sing N N 280 
MR8 C39 O13  sing N N 281 
MR8 C39 C40  sing N N 282 
MR8 N1  C7   sing N N 283 
MR8 C43 C16  sing N N 284 
MR8 C36 C41  sing N N 285 
MR8 C34 C48  sing N N 286 
MR8 C41 C40  sing N N 287 
MR8 C17 C16  doub N E 288 
MR8 C16 C15  sing N N 289 
MR8 C7  O3   doub N N 290 
MR8 C7  C8   sing N N 291 
MR8 C14 C15  sing N N 292 
MR8 C14 C13  sing N N 293 
MR8 C8  O4   doub N N 294 
MR8 C8  C9   sing N N 295 
MR8 C15 O7   sing N N 296 
MR8 O5  C13  sing N N 297 
MR8 O5  C9   sing N N 298 
MR8 C13 C12  sing N N 299 
MR8 O7  C49  sing N N 300 
MR8 C9  C10  sing N N 301 
MR8 C9  O6   sing N N 302 
MR8 C12 C11  sing N N 303 
MR8 C10 C11  sing N N 304 
MR8 C10 C42  sing N N 305 
MR8 C2  H1   sing N N 306 
MR8 C3  H2   sing N N 307 
MR8 C3  H3   sing N N 308 
MR8 C4  H4   sing N N 309 
MR8 C4  H5   sing N N 310 
MR8 C5  H6   sing N N 311 
MR8 C5  H7   sing N N 312 
MR8 C6  H8   sing N N 313 
MR8 C6  H9   sing N N 314 
MR8 C10 H10  sing N N 315 
MR8 C11 H11  sing N N 316 
MR8 C11 H12  sing N N 317 
MR8 C12 H13  sing N N 318 
MR8 C12 H14  sing N N 319 
MR8 C13 H15  sing N N 320 
MR8 O6  H16  sing N N 321 
MR8 C42 H17  sing N N 322 
MR8 C42 H18  sing N N 323 
MR8 C42 H19  sing N N 324 
MR8 C14 H20  sing N N 325 
MR8 C14 H21  sing N N 326 
MR8 C15 H22  sing N N 327 
MR8 C49 H23  sing N N 328 
MR8 C49 H24  sing N N 329 
MR8 C49 H25  sing N N 330 
MR8 C43 H26  sing N N 331 
MR8 C43 H27  sing N N 332 
MR8 C43 H28  sing N N 333 
MR8 C17 H29  sing N N 334 
MR8 C18 H30  sing N N 335 
MR8 C19 H31  sing N N 336 
MR8 C20 H32  sing N N 337 
MR8 C21 H33  sing N N 338 
MR8 C22 H34  sing N N 339 
MR8 C44 H35  sing N N 340 
MR8 C44 H36  sing N N 341 
MR8 C44 H37  sing N N 342 
MR8 C23 H38  sing N N 343 
MR8 C23 H39  sing N N 344 
MR8 C24 H40  sing N N 345 
MR8 C45 H41  sing N N 346 
MR8 C45 H42  sing N N 347 
MR8 C45 H43  sing N N 348 
MR8 C26 H44  sing N N 349 
MR8 C50 H45  sing N N 350 
MR8 C50 H46  sing N N 351 
MR8 C50 H47  sing N N 352 
MR8 C27 H48  sing N N 353 
MR8 C53 H49  sing N N 354 
MR8 C53 H50  sing N N 355 
MR8 C53 H51  sing N N 356 
MR8 C46 H52  sing N N 357 
MR8 C46 H53  sing N N 358 
MR8 C46 H54  sing N N 359 
MR8 C29 H55  sing N N 360 
MR8 C30 H56  sing N N 361 
MR8 C47 H57  sing N N 362 
MR8 C47 H58  sing N N 363 
MR8 C47 H59  sing N N 364 
MR8 C32 H60  sing N N 365 
MR8 C32 H61  sing N N 366 
MR8 C33 H62  sing N N 367 
MR8 C34 H63  sing N N 368 
MR8 C48 H64  sing N N 369 
MR8 C48 H65  sing N N 370 
MR8 C48 H66  sing N N 371 
MR8 C35 H67  sing N N 372 
MR8 C35 H68  sing N N 373 
MR8 C36 H69  sing N N 374 
MR8 C37 H70  sing N N 375 
MR8 C37 H71  sing N N 376 
MR8 C38 H72  sing N N 377 
MR8 C51 H73  sing N N 378 
MR8 C51 H74  sing N N 379 
MR8 C51 H75  sing N N 380 
MR8 C39 H76  sing N N 381 
MR8 O13 H77  sing N N 382 
MR8 C40 H78  sing N N 383 
MR8 C40 H79  sing N N 384 
MR8 C41 H80  sing N N 385 
MR8 C41 H81  sing N N 386 
PHE N   CA   sing N N 387 
PHE N   H    sing N N 388 
PHE N   H2   sing N N 389 
PHE CA  C    sing N N 390 
PHE CA  CB   sing N N 391 
PHE CA  HA   sing N N 392 
PHE C   O    doub N N 393 
PHE C   OXT  sing N N 394 
PHE CB  CG   sing N N 395 
PHE CB  HB2  sing N N 396 
PHE CB  HB3  sing N N 397 
PHE CG  CD1  doub Y N 398 
PHE CG  CD2  sing Y N 399 
PHE CD1 CE1  sing Y N 400 
PHE CD1 HD1  sing N N 401 
PHE CD2 CE2  doub Y N 402 
PHE CD2 HD2  sing N N 403 
PHE CE1 CZ   doub Y N 404 
PHE CE1 HE1  sing N N 405 
PHE CE2 CZ   sing Y N 406 
PHE CE2 HE2  sing N N 407 
PHE CZ  HZ   sing N N 408 
PHE OXT HXT  sing N N 409 
PRO N   CA   sing N N 410 
PRO N   CD   sing N N 411 
PRO N   H    sing N N 412 
PRO CA  C    sing N N 413 
PRO CA  CB   sing N N 414 
PRO CA  HA   sing N N 415 
PRO C   O    doub N N 416 
PRO C   OXT  sing N N 417 
PRO CB  CG   sing N N 418 
PRO CB  HB2  sing N N 419 
PRO CB  HB3  sing N N 420 
PRO CG  CD   sing N N 421 
PRO CG  HG2  sing N N 422 
PRO CG  HG3  sing N N 423 
PRO CD  HD2  sing N N 424 
PRO CD  HD3  sing N N 425 
PRO OXT HXT  sing N N 426 
SER N   CA   sing N N 427 
SER N   H    sing N N 428 
SER N   H2   sing N N 429 
SER CA  C    sing N N 430 
SER CA  CB   sing N N 431 
SER CA  HA   sing N N 432 
SER C   O    doub N N 433 
SER C   OXT  sing N N 434 
SER CB  OG   sing N N 435 
SER CB  HB2  sing N N 436 
SER CB  HB3  sing N N 437 
SER OG  HG   sing N N 438 
SER OXT HXT  sing N N 439 
THR N   CA   sing N N 440 
THR N   H    sing N N 441 
THR N   H2   sing N N 442 
THR CA  C    sing N N 443 
THR CA  CB   sing N N 444 
THR CA  HA   sing N N 445 
THR C   O    doub N N 446 
THR C   OXT  sing N N 447 
THR CB  OG1  sing N N 448 
THR CB  CG2  sing N N 449 
THR CB  HB   sing N N 450 
THR OG1 HG1  sing N N 451 
THR CG2 HG21 sing N N 452 
THR CG2 HG22 sing N N 453 
THR CG2 HG23 sing N N 454 
THR OXT HXT  sing N N 455 
TRP N   CA   sing N N 456 
TRP N   H    sing N N 457 
TRP N   H2   sing N N 458 
TRP CA  C    sing N N 459 
TRP CA  CB   sing N N 460 
TRP CA  HA   sing N N 461 
TRP C   O    doub N N 462 
TRP C   OXT  sing N N 463 
TRP CB  CG   sing N N 464 
TRP CB  HB2  sing N N 465 
TRP CB  HB3  sing N N 466 
TRP CG  CD1  doub Y N 467 
TRP CG  CD2  sing Y N 468 
TRP CD1 NE1  sing Y N 469 
TRP CD1 HD1  sing N N 470 
TRP CD2 CE2  doub Y N 471 
TRP CD2 CE3  sing Y N 472 
TRP NE1 CE2  sing Y N 473 
TRP NE1 HE1  sing N N 474 
TRP CE2 CZ2  sing Y N 475 
TRP CE3 CZ3  doub Y N 476 
TRP CE3 HE3  sing N N 477 
TRP CZ2 CH2  doub Y N 478 
TRP CZ2 HZ2  sing N N 479 
TRP CZ3 CH2  sing Y N 480 
TRP CZ3 HZ3  sing N N 481 
TRP CH2 HH2  sing N N 482 
TRP OXT HXT  sing N N 483 
TYR N   CA   sing N N 484 
TYR N   H    sing N N 485 
TYR N   H2   sing N N 486 
TYR CA  C    sing N N 487 
TYR CA  CB   sing N N 488 
TYR CA  HA   sing N N 489 
TYR C   O    doub N N 490 
TYR C   OXT  sing N N 491 
TYR CB  CG   sing N N 492 
TYR CB  HB2  sing N N 493 
TYR CB  HB3  sing N N 494 
TYR CG  CD1  doub Y N 495 
TYR CG  CD2  sing Y N 496 
TYR CD1 CE1  sing Y N 497 
TYR CD1 HD1  sing N N 498 
TYR CD2 CE2  doub Y N 499 
TYR CD2 HD2  sing N N 500 
TYR CE1 CZ   doub Y N 501 
TYR CE1 HE1  sing N N 502 
TYR CE2 CZ   sing Y N 503 
TYR CE2 HE2  sing N N 504 
TYR CZ  OH   sing N N 505 
TYR OH  HH   sing N N 506 
TYR OXT HXT  sing N N 507 
VAL N   CA   sing N N 508 
VAL N   H    sing N N 509 
VAL N   H2   sing N N 510 
VAL CA  C    sing N N 511 
VAL CA  CB   sing N N 512 
VAL CA  HA   sing N N 513 
VAL C   O    doub N N 514 
VAL C   OXT  sing N N 515 
VAL CB  CG1  sing N N 516 
VAL CB  CG2  sing N N 517 
VAL CB  HB   sing N N 518 
VAL CG1 HG11 sing N N 519 
VAL CG1 HG12 sing N N 520 
VAL CG1 HG13 sing N N 521 
VAL CG2 HG21 sing N N 522 
VAL CG2 HG22 sing N N 523 
VAL CG2 HG23 sing N N 524 
VAL OXT HXT  sing N N 525 
# 
_atom_sites.entry_id                    4DH0 
_atom_sites.fract_transf_matrix[1][1]   -0.00929733 
_atom_sites.fract_transf_matrix[1][2]   0.01343550 
_atom_sites.fract_transf_matrix[1][3]   0.01469964 
_atom_sites.fract_transf_matrix[2][1]   0.00834006 
_atom_sites.fract_transf_matrix[2][2]   0.01583383 
_atom_sites.fract_transf_matrix[2][3]   -0.00919717 
_atom_sites.fract_transf_matrix[3][1]   -0.01457046 
_atom_sites.fract_transf_matrix[3][2]   0.00151653 
_atom_sites.fract_transf_matrix[3][3]   -0.01060174 
_atom_sites.fract_transf_vector[1]      0.064412 
_atom_sites.fract_transf_vector[2]      0.041059 
_atom_sites.fract_transf_vector[3]      0.171379 
# 
loop_
_atom_type.symbol 
C 
N 
O 
S 
# 
loop_
_atom_site.group_PDB 
_atom_site.id 
_atom_site.type_symbol 
_atom_site.label_atom_id 
_atom_site.label_alt_id 
_atom_site.label_comp_id 
_atom_site.label_asym_id 
_atom_site.label_entity_id 
_atom_site.label_seq_id 
_atom_site.pdbx_PDB_ins_code 
_atom_site.Cartn_x 
_atom_site.Cartn_y 
_atom_site.Cartn_z 
_atom_site.occupancy 
_atom_site.B_iso_or_equiv 
_atom_site.pdbx_formal_charge 
_atom_site.auth_seq_id 
_atom_site.auth_comp_id 
_atom_site.auth_asym_id 
_atom_site.auth_atom_id 
_atom_site.pdbx_PDB_model_num 
ATOM   1   N N   . GLY A 1 1   ? -6.815  4.837   10.800  1.00 21.99 ? 1   GLY A N   1 
ATOM   2   C CA  . GLY A 1 1   ? -5.390  4.403   10.754  1.00 21.82 ? 1   GLY A CA  1 
ATOM   3   C C   . GLY A 1 1   ? -5.154  3.398   9.648   1.00 21.77 ? 1   GLY A C   1 
ATOM   4   O O   . GLY A 1 1   ? -5.860  3.407   8.634   1.00 21.52 ? 1   GLY A O   1 
ATOM   5   N N   . VAL A 1 2   ? -4.159  2.533   9.845   1.00 21.82 ? 2   VAL A N   1 
ATOM   6   C CA  . VAL A 1 2   ? -3.862  1.445   8.908   1.00 21.92 ? 2   VAL A CA  1 
ATOM   7   C C   . VAL A 1 2   ? -3.783  0.095   9.636   1.00 21.99 ? 2   VAL A C   1 
ATOM   8   O O   . VAL A 1 2   ? -3.104  -0.039  10.656  1.00 22.01 ? 2   VAL A O   1 
ATOM   9   C CB  . VAL A 1 2   ? -2.581  1.735   8.054   1.00 21.87 ? 2   VAL A CB  1 
ATOM   10  C CG1 . VAL A 1 2   ? -1.341  1.876   8.928   1.00 22.19 ? 2   VAL A CG1 1 
ATOM   11  C CG2 . VAL A 1 2   ? -2.372  0.668   6.979   1.00 21.53 ? 2   VAL A CG2 1 
ATOM   12  N N   . GLN A 1 3   ? -4.501  -0.890  9.111   1.00 22.06 ? 3   GLN A N   1 
ATOM   13  C CA  . GLN A 1 3   ? -4.524  -2.229  9.679   1.00 22.45 ? 3   GLN A CA  1 
ATOM   14  C C   . GLN A 1 3   ? -3.802  -3.182  8.729   1.00 22.20 ? 3   GLN A C   1 
ATOM   15  O O   . GLN A 1 3   ? -4.194  -3.322  7.573   1.00 22.18 ? 3   GLN A O   1 
ATOM   16  C CB  . GLN A 1 3   ? -5.972  -2.672  9.900   1.00 22.74 ? 3   GLN A CB  1 
ATOM   17  C CG  . GLN A 1 3   ? -6.139  -3.923  10.748  1.00 24.81 ? 3   GLN A CG  1 
ATOM   18  C CD  . GLN A 1 3   ? -7.567  -4.448  10.752  1.00 27.80 ? 3   GLN A CD  1 
ATOM   19  O OE1 . GLN A 1 3   ? -8.533  -3.676  10.693  1.00 28.99 ? 3   GLN A OE1 1 
ATOM   20  N NE2 . GLN A 1 3   ? -7.709  -5.771  10.823  1.00 28.41 ? 3   GLN A NE2 1 
ATOM   21  N N   . VAL A 1 4   ? -2.737  -3.818  9.214   1.00 22.09 ? 4   VAL A N   1 
ATOM   22  C CA  . VAL A 1 4   ? -1.930  -4.721  8.381   1.00 22.05 ? 4   VAL A CA  1 
ATOM   23  C C   . VAL A 1 4   ? -2.176  -6.183  8.773   1.00 22.10 ? 4   VAL A C   1 
ATOM   24  O O   . VAL A 1 4   ? -1.934  -6.579  9.911   1.00 21.98 ? 4   VAL A O   1 
ATOM   25  C CB  . VAL A 1 4   ? -0.414  -4.393  8.452   1.00 21.87 ? 4   VAL A CB  1 
ATOM   26  C CG1 . VAL A 1 4   ? 0.370   -5.252  7.466   1.00 22.12 ? 4   VAL A CG1 1 
ATOM   27  C CG2 . VAL A 1 4   ? -0.157  -2.910  8.177   1.00 21.85 ? 4   VAL A CG2 1 
ATOM   28  N N   . GLU A 1 5   ? -2.662  -6.967  7.815   1.00 22.10 ? 5   GLU A N   1 
ATOM   29  C CA  . GLU A 1 5   ? -2.962  -8.377  8.028   1.00 22.36 ? 5   GLU A CA  1 
ATOM   30  C C   . GLU A 1 5   ? -2.208  -9.230  7.019   1.00 22.40 ? 5   GLU A C   1 
ATOM   31  O O   . GLU A 1 5   ? -2.358  -9.053  5.810   1.00 22.17 ? 5   GLU A O   1 
ATOM   32  C CB  . GLU A 1 5   ? -4.462  -8.626  7.900   1.00 22.41 ? 5   GLU A CB  1 
ATOM   33  C CG  . GLU A 1 5   ? -5.290  -8.069  9.044   1.00 23.41 ? 5   GLU A CG  1 
ATOM   34  C CD  . GLU A 1 5   ? -6.770  -8.092  8.739   1.00 24.52 ? 5   GLU A CD  1 
ATOM   35  O OE1 . GLU A 1 5   ? -7.478  -8.959  9.290   1.00 25.97 ? 5   GLU A OE1 1 
ATOM   36  O OE2 . GLU A 1 5   ? -7.225  -7.254  7.937   1.00 25.33 ? 5   GLU A OE2 1 
ATOM   37  N N   . THR A 1 6   ? -1.411  -10.162 7.532   1.00 22.62 ? 6   THR A N   1 
ATOM   38  C CA  . THR A 1 6   ? -0.493  -10.957 6.716   1.00 22.93 ? 6   THR A CA  1 
ATOM   39  C C   . THR A 1 6   ? -1.214  -12.010 5.874   1.00 23.05 ? 6   THR A C   1 
ATOM   40  O O   . THR A 1 6   ? -2.048  -12.765 6.381   1.00 23.21 ? 6   THR A O   1 
ATOM   41  C CB  . THR A 1 6   ? 0.609   -11.609 7.599   1.00 22.67 ? 6   THR A CB  1 
ATOM   42  O OG1 . THR A 1 6   ? 1.437   -10.583 8.152   1.00 22.94 ? 6   THR A OG1 1 
ATOM   43  C CG2 . THR A 1 6   ? 1.487   -12.550 6.797   1.00 22.75 ? 6   THR A CG2 1 
ATOM   44  N N   . ILE A 1 7   ? -0.894  -12.030 4.583   1.00 23.28 ? 7   ILE A N   1 
ATOM   45  C CA  . ILE A 1 7   ? -1.325  -13.090 3.676   1.00 23.56 ? 7   ILE A CA  1 
ATOM   46  C C   . ILE A 1 7   ? -0.215  -14.142 3.581   1.00 23.77 ? 7   ILE A C   1 
ATOM   47  O O   . ILE A 1 7   ? -0.456  -15.330 3.805   1.00 23.79 ? 7   ILE A O   1 
ATOM   48  C CB  . ILE A 1 7   ? -1.682  -12.539 2.271   1.00 23.61 ? 7   ILE A CB  1 
ATOM   49  C CG1 . ILE A 1 7   ? -2.791  -11.481 2.373   1.00 23.67 ? 7   ILE A CG1 1 
ATOM   50  C CG2 . ILE A 1 7   ? -2.096  -13.675 1.327   1.00 23.71 ? 7   ILE A CG2 1 
ATOM   51  C CD1 . ILE A 1 7   ? -2.866  -10.519 1.177   1.00 23.86 ? 7   ILE A CD1 1 
ATOM   52  N N   . SER A 1 8   ? 0.996   -13.688 3.255   1.00 23.91 ? 8   SER A N   1 
ATOM   53  C CA  . SER A 1 8   ? 2.190   -14.538 3.214   1.00 24.22 ? 8   SER A CA  1 
ATOM   54  C C   . SER A 1 8   ? 3.326   -13.883 3.991   1.00 24.22 ? 8   SER A C   1 
ATOM   55  O O   . SER A 1 8   ? 3.591   -12.698 3.806   1.00 24.20 ? 8   SER A O   1 
ATOM   56  C CB  . SER A 1 8   ? 2.638   -14.778 1.775   1.00 24.04 ? 8   SER A CB  1 
ATOM   57  O OG  . SER A 1 8   ? 1.736   -15.621 1.096   1.00 25.09 ? 8   SER A OG  1 
ATOM   58  N N   . PRO A 1 9   ? 4.013   -14.658 4.855   1.00 24.50 ? 9   PRO A N   1 
ATOM   59  C CA  . PRO A 1 9   ? 5.067   -14.097 5.705   1.00 24.53 ? 9   PRO A CA  1 
ATOM   60  C C   . PRO A 1 9   ? 6.318   -13.671 4.933   1.00 24.67 ? 9   PRO A C   1 
ATOM   61  O O   . PRO A 1 9   ? 6.628   -14.245 3.883   1.00 24.60 ? 9   PRO A O   1 
ATOM   62  C CB  . PRO A 1 9   ? 5.402   -15.255 6.649   1.00 24.60 ? 9   PRO A CB  1 
ATOM   63  C CG  . PRO A 1 9   ? 5.056   -16.476 5.883   1.00 24.54 ? 9   PRO A CG  1 
ATOM   64  C CD  . PRO A 1 9   ? 3.836   -16.103 5.088   1.00 24.42 ? 9   PRO A CD  1 
ATOM   65  N N   . GLY A 1 10  ? 7.017   -12.669 5.461   1.00 24.64 ? 10  GLY A N   1 
ATOM   66  C CA  . GLY A 1 10  ? 8.325   -12.260 4.944   1.00 24.81 ? 10  GLY A CA  1 
ATOM   67  C C   . GLY A 1 10  ? 9.452   -12.913 5.727   1.00 24.99 ? 10  GLY A C   1 
ATOM   68  O O   . GLY A 1 10  ? 9.223   -13.871 6.476   1.00 24.83 ? 10  GLY A O   1 
ATOM   69  N N   . ASP A 1 11  ? 10.671  -12.402 5.564   1.00 25.10 ? 11  ASP A N   1 
ATOM   70  C CA  . ASP A 1 11  ? 11.824  -12.946 6.288   1.00 25.37 ? 11  ASP A CA  1 
ATOM   71  C C   . ASP A 1 11  ? 11.860  -12.512 7.763   1.00 25.73 ? 11  ASP A C   1 
ATOM   72  O O   . ASP A 1 11  ? 12.670  -13.014 8.553   1.00 25.71 ? 11  ASP A O   1 
ATOM   73  C CB  . ASP A 1 11  ? 13.146  -12.636 5.562   1.00 25.25 ? 11  ASP A CB  1 
ATOM   74  C CG  . ASP A 1 11  ? 13.519  -11.152 5.581   1.00 25.32 ? 11  ASP A CG  1 
ATOM   75  O OD1 . ASP A 1 11  ? 12.941  -10.355 6.353   1.00 25.14 ? 11  ASP A OD1 1 
ATOM   76  O OD2 . ASP A 1 11  ? 14.425  -10.783 4.811   1.00 25.72 ? 11  ASP A OD2 1 
ATOM   77  N N   . GLY A 1 12  ? 10.985  -11.569 8.114   1.00 26.05 ? 12  GLY A N   1 
ATOM   78  C CA  . GLY A 1 12  ? 10.875  -11.047 9.475   1.00 26.62 ? 12  GLY A CA  1 
ATOM   79  C C   . GLY A 1 12  ? 12.131  -10.381 10.009  1.00 27.02 ? 12  GLY A C   1 
ATOM   80  O O   . GLY A 1 12  ? 12.336  -10.331 11.224  1.00 27.14 ? 12  GLY A O   1 
ATOM   81  N N   . ARG A 1 13  ? 12.961  -9.860  9.105   1.00 27.31 ? 13  ARG A N   1 
ATOM   82  C CA  . ARG A 1 13  ? 14.272  -9.314  9.465   1.00 27.91 ? 13  ARG A CA  1 
ATOM   83  C C   . ARG A 1 13  ? 14.682  -8.103  8.632   1.00 27.63 ? 13  ARG A C   1 
ATOM   84  O O   . ARG A 1 13  ? 15.292  -7.169  9.154   1.00 27.67 ? 13  ARG A O   1 
ATOM   85  C CB  . ARG A 1 13  ? 15.350  -10.402 9.359   1.00 28.26 ? 13  ARG A CB  1 
ATOM   86  C CG  . ARG A 1 13  ? 15.409  -11.340 10.555  1.00 30.44 ? 13  ARG A CG  1 
ATOM   87  C CD  . ARG A 1 13  ? 15.974  -12.698 10.166  1.00 34.03 ? 13  ARG A CD  1 
ATOM   88  N NE  . ARG A 1 13  ? 16.013  -13.621 11.302  1.00 36.45 ? 13  ARG A NE  1 
ATOM   89  C CZ  . ARG A 1 13  ? 17.120  -13.971 11.958  1.00 37.53 ? 13  ARG A CZ  1 
ATOM   90  N NH1 . ARG A 1 13  ? 17.039  -14.820 12.976  1.00 37.91 ? 13  ARG A NH1 1 
ATOM   91  N NH2 . ARG A 1 13  ? 18.306  -13.483 11.600  1.00 37.84 ? 13  ARG A NH2 1 
ATOM   92  N N   . THR A 1 14  ? 14.362  -8.128  7.340   1.00 27.37 ? 14  THR A N   1 
ATOM   93  C CA  . THR A 1 14  ? 14.722  -7.039  6.438   1.00 27.11 ? 14  THR A CA  1 
ATOM   94  C C   . THR A 1 14  ? 13.542  -6.090  6.239   1.00 27.21 ? 14  THR A C   1 
ATOM   95  O O   . THR A 1 14  ? 12.664  -6.337  5.412   1.00 27.11 ? 14  THR A O   1 
ATOM   96  C CB  . THR A 1 14  ? 15.210  -7.562  5.072   1.00 26.98 ? 14  THR A CB  1 
ATOM   97  O OG1 . THR A 1 14  ? 16.030  -8.718  5.265   1.00 26.74 ? 14  THR A OG1 1 
ATOM   98  C CG2 . THR A 1 14  ? 16.004  -6.490  4.337   1.00 27.06 ? 14  THR A CG2 1 
ATOM   99  N N   . PHE A 1 15  ? 13.540  -5.006  7.010   1.00 27.39 ? 15  PHE A N   1 
ATOM   100 C CA  . PHE A 1 15  ? 12.492  -3.994  6.950   1.00 27.59 ? 15  PHE A CA  1 
ATOM   101 C C   . PHE A 1 15  ? 13.021  -2.741  6.248   1.00 27.99 ? 15  PHE A C   1 
ATOM   102 O O   . PHE A 1 15  ? 14.192  -2.393  6.405   1.00 28.01 ? 15  PHE A O   1 
ATOM   103 C CB  . PHE A 1 15  ? 12.007  -3.645  8.361   1.00 27.43 ? 15  PHE A CB  1 
ATOM   104 C CG  . PHE A 1 15  ? 11.329  -4.790  9.077   1.00 27.16 ? 15  PHE A CG  1 
ATOM   105 C CD1 . PHE A 1 15  ? 9.942   -4.860  9.143   1.00 26.72 ? 15  PHE A CD1 1 
ATOM   106 C CD2 . PHE A 1 15  ? 12.078  -5.791  9.696   1.00 26.48 ? 15  PHE A CD2 1 
ATOM   107 C CE1 . PHE A 1 15  ? 9.309   -5.911  9.809   1.00 26.47 ? 15  PHE A CE1 1 
ATOM   108 C CE2 . PHE A 1 15  ? 11.455  -6.844  10.359  1.00 26.49 ? 15  PHE A CE2 1 
ATOM   109 C CZ  . PHE A 1 15  ? 10.069  -6.904  10.416  1.00 26.29 ? 15  PHE A CZ  1 
ATOM   110 N N   . PRO A 1 16  ? 12.164  -2.058  5.466   1.00 28.24 ? 16  PRO A N   1 
ATOM   111 C CA  . PRO A 1 16  ? 12.625  -0.849  4.790   1.00 28.66 ? 16  PRO A CA  1 
ATOM   112 C C   . PRO A 1 16  ? 13.033  0.242   5.779   1.00 29.03 ? 16  PRO A C   1 
ATOM   113 O O   . PRO A 1 16  ? 12.411  0.392   6.836   1.00 28.99 ? 16  PRO A O   1 
ATOM   114 C CB  . PRO A 1 16  ? 11.397  -0.400  3.986   1.00 28.56 ? 16  PRO A CB  1 
ATOM   115 C CG  . PRO A 1 16  ? 10.236  -1.057  4.639   1.00 28.53 ? 16  PRO A CG  1 
ATOM   116 C CD  . PRO A 1 16  ? 10.757  -2.360  5.152   1.00 28.35 ? 16  PRO A CD  1 
ATOM   117 N N   . LYS A 1 17  ? 14.090  0.971   5.439   1.00 29.52 ? 17  LYS A N   1 
ATOM   118 C CA  . LYS A 1 17  ? 14.471  2.158   6.190   1.00 30.11 ? 17  LYS A CA  1 
ATOM   119 C C   . LYS A 1 17  ? 14.080  3.400   5.393   1.00 30.13 ? 17  LYS A C   1 
ATOM   120 O O   . LYS A 1 17  ? 13.886  3.335   4.172   1.00 30.22 ? 17  LYS A O   1 
ATOM   121 C CB  . LYS A 1 17  ? 15.971  2.157   6.513   1.00 30.33 ? 17  LYS A CB  1 
ATOM   122 C CG  . LYS A 1 17  ? 16.870  2.560   5.355   1.00 31.55 ? 17  LYS A CG  1 
ATOM   123 C CD  . LYS A 1 17  ? 18.333  2.647   5.764   1.00 33.39 ? 17  LYS A CD  1 
ATOM   124 C CE  . LYS A 1 17  ? 19.193  3.106   4.586   1.00 34.55 ? 17  LYS A CE  1 
ATOM   125 N NZ  . LYS A 1 17  ? 20.620  3.330   4.975   1.00 35.49 ? 17  LYS A NZ  1 
ATOM   126 N N   . ARG A 1 18  ? 13.957  4.522   6.094   1.00 30.22 ? 18  ARG A N   1 
ATOM   127 C CA  . ARG A 1 18  ? 13.639  5.795   5.468   1.00 30.29 ? 18  ARG A CA  1 
ATOM   128 C C   . ARG A 1 18  ? 14.682  6.119   4.401   1.00 29.69 ? 18  ARG A C   1 
ATOM   129 O O   . ARG A 1 18  ? 15.886  6.037   4.653   1.00 29.56 ? 18  ARG A O   1 
ATOM   130 C CB  . ARG A 1 18  ? 13.592  6.904   6.523   1.00 30.76 ? 18  ARG A CB  1 
ATOM   131 C CG  . ARG A 1 18  ? 12.386  7.826   6.409   1.00 32.60 ? 18  ARG A CG  1 
ATOM   132 C CD  . ARG A 1 18  ? 11.133  7.175   7.000   1.00 35.98 ? 18  ARG A CD  1 
ATOM   133 N NE  . ARG A 1 18  ? 11.050  7.336   8.453   1.00 38.63 ? 18  ARG A NE  1 
ATOM   134 C CZ  . ARG A 1 18  ? 10.211  6.665   9.244   1.00 40.09 ? 18  ARG A CZ  1 
ATOM   135 N NH1 . ARG A 1 18  ? 10.210  6.892   10.553  1.00 40.56 ? 18  ARG A NH1 1 
ATOM   136 N NH2 . ARG A 1 18  ? 9.378   5.762   8.735   1.00 40.74 ? 18  ARG A NH2 1 
ATOM   137 N N   . GLY A 1 19  ? 14.211  6.453   3.204   1.00 29.07 ? 19  GLY A N   1 
ATOM   138 C CA  . GLY A 1 19  ? 15.093  6.803   2.095   1.00 28.21 ? 19  GLY A CA  1 
ATOM   139 C C   . GLY A 1 19  ? 15.376  5.669   1.128   1.00 27.56 ? 19  GLY A C   1 
ATOM   140 O O   . GLY A 1 19  ? 15.976  5.890   0.076   1.00 27.55 ? 19  GLY A O   1 
ATOM   141 N N   . GLN A 1 20  ? 14.958  4.456   1.482   1.00 26.86 ? 20  GLN A N   1 
ATOM   142 C CA  . GLN A 1 20  ? 15.110  3.309   0.592   1.00 26.18 ? 20  GLN A CA  1 
ATOM   143 C C   . GLN A 1 20  ? 13.984  3.262   -0.429  1.00 25.62 ? 20  GLN A C   1 
ATOM   144 O O   . GLN A 1 20  ? 12.879  3.740   -0.168  1.00 25.68 ? 20  GLN A O   1 
ATOM   145 C CB  . GLN A 1 20  ? 15.154  1.995   1.379   1.00 26.25 ? 20  GLN A CB  1 
ATOM   146 C CG  . GLN A 1 20  ? 16.523  1.658   1.946   1.00 26.44 ? 20  GLN A CG  1 
ATOM   147 C CD  . GLN A 1 20  ? 16.583  0.284   2.596   1.00 26.56 ? 20  GLN A CD  1 
ATOM   148 O OE1 . GLN A 1 20  ? 15.836  -0.016  3.531   1.00 25.45 ? 20  GLN A OE1 1 
ATOM   149 N NE2 . GLN A 1 20  ? 17.487  -0.560  2.103   1.00 26.21 ? 20  GLN A NE2 1 
ATOM   150 N N   . THR A 1 21  ? 14.272  2.691   -1.593  1.00 24.74 ? 21  THR A N   1 
ATOM   151 C CA  . THR A 1 21  ? 13.249  2.427   -2.590  1.00 23.97 ? 21  THR A CA  1 
ATOM   152 C C   . THR A 1 21  ? 12.615  1.060   -2.336  1.00 23.52 ? 21  THR A C   1 
ATOM   153 O O   . THR A 1 21  ? 13.309  0.038   -2.311  1.00 23.56 ? 21  THR A O   1 
ATOM   154 C CB  . THR A 1 21  ? 13.821  2.497   -4.020  1.00 23.97 ? 21  THR A CB  1 
ATOM   155 O OG1 . THR A 1 21  ? 14.344  3.811   -4.255  1.00 24.17 ? 21  THR A OG1 1 
ATOM   156 C CG2 . THR A 1 21  ? 12.744  2.195   -5.054  1.00 23.75 ? 21  THR A CG2 1 
ATOM   157 N N   . CYS A 1 22  ? 11.299  1.058   -2.132  1.00 22.68 ? 22  CYS A N   1 
ATOM   158 C CA  . CYS A 1 22  ? 10.531  -0.176  -2.002  1.00 21.85 ? 22  CYS A CA  1 
ATOM   159 C C   . CYS A 1 22  ? 9.929   -0.547  -3.351  1.00 21.36 ? 22  CYS A C   1 
ATOM   160 O O   . CYS A 1 22  ? 9.315   0.291   -4.016  1.00 21.26 ? 22  CYS A O   1 
ATOM   161 C CB  . CYS A 1 22  ? 9.417   -0.015  -0.970  1.00 21.90 ? 22  CYS A CB  1 
ATOM   162 S SG  . CYS A 1 22  ? 9.956   0.641   0.609   1.00 21.43 ? 22  CYS A SG  1 
ATOM   163 N N   . VAL A 1 23  ? 10.112  -1.803  -3.743  1.00 20.73 ? 23  VAL A N   1 
ATOM   164 C CA  . VAL A 1 23  ? 9.557   -2.329  -4.988  1.00 20.24 ? 23  VAL A CA  1 
ATOM   165 C C   . VAL A 1 23  ? 8.406   -3.279  -4.634  1.00 19.92 ? 23  VAL A C   1 
ATOM   166 O O   . VAL A 1 23  ? 8.609   -4.281  -3.941  1.00 19.70 ? 23  VAL A O   1 
ATOM   167 C CB  . VAL A 1 23  ? 10.643  -3.051  -5.841  1.00 20.23 ? 23  VAL A CB  1 
ATOM   168 C CG1 . VAL A 1 23  ? 10.058  -3.567  -7.149  1.00 20.23 ? 23  VAL A CG1 1 
ATOM   169 C CG2 . VAL A 1 23  ? 11.819  -2.116  -6.122  1.00 20.14 ? 23  VAL A CG2 1 
ATOM   170 N N   . VAL A 1 24  ? 7.202   -2.941  -5.100  1.00 19.58 ? 24  VAL A N   1 
ATOM   171 C CA  . VAL A 1 24  ? 5.977   -3.654  -4.715  1.00 19.24 ? 24  VAL A CA  1 
ATOM   172 C C   . VAL A 1 24  ? 5.055   -3.972  -5.894  1.00 19.23 ? 24  VAL A C   1 
ATOM   173 O O   . VAL A 1 24  ? 5.043   -3.258  -6.906  1.00 19.11 ? 24  VAL A O   1 
ATOM   174 C CB  . VAL A 1 24  ? 5.135   -2.854  -3.654  1.00 19.19 ? 24  VAL A CB  1 
ATOM   175 C CG1 . VAL A 1 24  ? 5.976   -2.494  -2.433  1.00 19.13 ? 24  VAL A CG1 1 
ATOM   176 C CG2 . VAL A 1 24  ? 4.504   -1.606  -4.268  1.00 18.53 ? 24  VAL A CG2 1 
ATOM   177 N N   . HIS A 1 25  ? 4.291   -5.054  -5.753  1.00 18.98 ? 25  HIS A N   1 
ATOM   178 C CA  . HIS A 1 25  ? 3.070   -5.244  -6.531  1.00 19.01 ? 25  HIS A CA  1 
ATOM   179 C C   . HIS A 1 25  ? 1.877   -4.997  -5.611  1.00 18.96 ? 25  HIS A C   1 
ATOM   180 O O   . HIS A 1 25  ? 1.901   -5.385  -4.440  1.00 18.78 ? 25  HIS A O   1 
ATOM   181 C CB  . HIS A 1 25  ? 2.991   -6.644  -7.157  1.00 18.95 ? 25  HIS A CB  1 
ATOM   182 C CG  . HIS A 1 25  ? 3.554   -6.721  -8.544  1.00 19.09 ? 25  HIS A CG  1 
ATOM   183 N ND1 . HIS A 1 25  ? 3.160   -5.873  -9.557  1.00 19.07 ? 25  HIS A ND1 1 
ATOM   184 C CD2 . HIS A 1 25  ? 4.474   -7.554  -9.088  1.00 18.90 ? 25  HIS A CD2 1 
ATOM   185 C CE1 . HIS A 1 25  ? 3.819   -6.172  -10.662 1.00 18.60 ? 25  HIS A CE1 1 
ATOM   186 N NE2 . HIS A 1 25  ? 4.624   -7.187  -10.405 1.00 18.56 ? 25  HIS A NE2 1 
ATOM   187 N N   . TYR A 1 26  ? 0.847   -4.342  -6.138  1.00 19.11 ? 26  TYR A N   1 
ATOM   188 C CA  . TYR A 1 26  ? -0.335  -4.018  -5.345  1.00 19.37 ? 26  TYR A CA  1 
ATOM   189 C C   . TYR A 1 26  ? -1.629  -4.192  -6.135  1.00 19.91 ? 26  TYR A C   1 
ATOM   190 O O   . TYR A 1 26  ? -1.622  -4.183  -7.363  1.00 20.19 ? 26  TYR A O   1 
ATOM   191 C CB  . TYR A 1 26  ? -0.238  -2.593  -4.779  1.00 19.07 ? 26  TYR A CB  1 
ATOM   192 C CG  . TYR A 1 26  ? -0.426  -1.496  -5.806  1.00 18.31 ? 26  TYR A CG  1 
ATOM   193 C CD1 . TYR A 1 26  ? -1.687  -0.956  -6.053  1.00 17.55 ? 26  TYR A CD1 1 
ATOM   194 C CD2 . TYR A 1 26  ? 0.660   -0.996  -6.527  1.00 18.28 ? 26  TYR A CD2 1 
ATOM   195 C CE1 . TYR A 1 26  ? -1.869  0.046   -7.003  1.00 17.31 ? 26  TYR A CE1 1 
ATOM   196 C CE2 . TYR A 1 26  ? 0.491   0.010   -7.476  1.00 17.61 ? 26  TYR A CE2 1 
ATOM   197 C CZ  . TYR A 1 26  ? -0.775  0.523   -7.708  1.00 17.80 ? 26  TYR A CZ  1 
ATOM   198 O OH  . TYR A 1 26  ? -0.945  1.520   -8.639  1.00 17.49 ? 26  TYR A OH  1 
ATOM   199 N N   . THR A 1 27  ? -2.730  -4.357  -5.407  1.00 20.43 ? 27  THR A N   1 
ATOM   200 C CA  . THR A 1 27  ? -4.072  -4.327  -5.972  1.00 20.74 ? 27  THR A CA  1 
ATOM   201 C C   . THR A 1 27  ? -4.939  -3.491  -5.037  1.00 21.42 ? 27  THR A C   1 
ATOM   202 O O   . THR A 1 27  ? -5.010  -3.761  -3.836  1.00 21.47 ? 27  THR A O   1 
ATOM   203 C CB  . THR A 1 27  ? -4.649  -5.750  -6.143  1.00 20.80 ? 27  THR A CB  1 
ATOM   204 O OG1 . THR A 1 27  ? -3.872  -6.465  -7.110  1.00 20.24 ? 27  THR A OG1 1 
ATOM   205 C CG2 . THR A 1 27  ? -6.103  -5.703  -6.610  1.00 20.44 ? 27  THR A CG2 1 
ATOM   206 N N   . GLY A 1 28  ? -5.573  -2.464  -5.591  1.00 22.16 ? 28  GLY A N   1 
ATOM   207 C CA  . GLY A 1 28  ? -6.375  -1.527  -4.816  1.00 23.15 ? 28  GLY A CA  1 
ATOM   208 C C   . GLY A 1 28  ? -7.860  -1.722  -5.035  1.00 24.11 ? 28  GLY A C   1 
ATOM   209 O O   . GLY A 1 28  ? -8.314  -1.934  -6.159  1.00 24.11 ? 28  GLY A O   1 
ATOM   210 N N   . MET A 1 29  ? -8.613  -1.626  -3.946  1.00 24.93 ? 29  MET A N   1 
ATOM   211 C CA  . MET A 1 29  ? -10.026 -1.951  -3.936  1.00 26.06 ? 29  MET A CA  1 
ATOM   212 C C   . MET A 1 29  ? -10.751 -1.060  -2.929  1.00 26.69 ? 29  MET A C   1 
ATOM   213 O O   . MET A 1 29  ? -10.278 -0.871  -1.807  1.00 26.53 ? 29  MET A O   1 
ATOM   214 C CB  . MET A 1 29  ? -10.178 -3.431  -3.573  1.00 26.11 ? 29  MET A CB  1 
ATOM   215 C CG  . MET A 1 29  ? -11.577 -3.923  -3.284  1.00 27.14 ? 29  MET A CG  1 
ATOM   216 S SD  . MET A 1 29  ? -11.542 -5.623  -2.668  1.00 29.35 ? 29  MET A SD  1 
ATOM   217 C CE  . MET A 1 29  ? -13.164 -5.719  -1.920  1.00 29.26 ? 29  MET A CE  1 
ATOM   218 N N   . LEU A 1 30  ? -11.887 -0.497  -3.336  1.00 27.78 ? 30  LEU A N   1 
ATOM   219 C CA  . LEU A 1 30  ? -12.773 0.188   -2.395  1.00 28.92 ? 30  LEU A CA  1 
ATOM   220 C C   . LEU A 1 30  ? -13.389 -0.876  -1.500  1.00 29.73 ? 30  LEU A C   1 
ATOM   221 O O   . LEU A 1 30  ? -13.808 -1.928  -1.990  1.00 29.79 ? 30  LEU A O   1 
ATOM   222 C CB  . LEU A 1 30  ? -13.870 0.968   -3.126  1.00 28.75 ? 30  LEU A CB  1 
ATOM   223 C CG  . LEU A 1 30  ? -13.474 2.057   -4.129  1.00 28.89 ? 30  LEU A CG  1 
ATOM   224 C CD1 . LEU A 1 30  ? -14.657 2.399   -5.020  1.00 29.17 ? 30  LEU A CD1 1 
ATOM   225 C CD2 . LEU A 1 30  ? -12.943 3.303   -3.438  1.00 28.81 ? 30  LEU A CD2 1 
ATOM   226 N N   . GLU A 1 31  ? -13.427 -0.614  -0.194  1.00 30.89 ? 31  GLU A N   1 
ATOM   227 C CA  . GLU A 1 31  ? -13.922 -1.597  0.771   1.00 31.99 ? 31  GLU A CA  1 
ATOM   228 C C   . GLU A 1 31  ? -15.351 -2.013  0.446   1.00 32.54 ? 31  GLU A C   1 
ATOM   229 O O   . GLU A 1 31  ? -16.229 -1.165  0.285   1.00 32.78 ? 31  GLU A O   1 
ATOM   230 C CB  . GLU A 1 31  ? -13.851 -1.066  2.202   1.00 32.05 ? 31  GLU A CB  1 
ATOM   231 C CG  . GLU A 1 31  ? -14.030 -2.163  3.247   1.00 32.92 ? 31  GLU A CG  1 
ATOM   232 C CD  . GLU A 1 31  ? -14.394 -1.629  4.618   1.00 34.27 ? 31  GLU A CD  1 
ATOM   233 O OE1 . GLU A 1 31  ? -15.158 -0.642  4.700   1.00 34.42 ? 31  GLU A OE1 1 
ATOM   234 O OE2 . GLU A 1 31  ? -13.921 -2.209  5.618   1.00 35.37 ? 31  GLU A OE2 1 
ATOM   235 N N   . ASP A 1 32  ? -15.561 -3.325  0.347   1.00 33.17 ? 32  ASP A N   1 
ATOM   236 C CA  . ASP A 1 32  ? -16.851 -3.897  -0.045  1.00 33.86 ? 32  ASP A CA  1 
ATOM   237 C C   . ASP A 1 32  ? -17.357 -3.271  -1.351  1.00 33.89 ? 32  ASP A C   1 
ATOM   238 O O   . ASP A 1 32  ? -18.528 -2.904  -1.474  1.00 34.15 ? 32  ASP A O   1 
ATOM   239 C CB  . ASP A 1 32  ? -17.884 -3.755  1.090   1.00 34.07 ? 32  ASP A CB  1 
ATOM   240 C CG  . ASP A 1 32  ? -17.414 -4.383  2.398   1.00 35.07 ? 32  ASP A CG  1 
ATOM   241 O OD1 . ASP A 1 32  ? -17.745 -3.828  3.472   1.00 36.60 ? 32  ASP A OD1 1 
ATOM   242 O OD2 . ASP A 1 32  ? -16.714 -5.423  2.359   1.00 35.50 ? 32  ASP A OD2 1 
ATOM   243 N N   . GLY A 1 33  ? -16.456 -3.149  -2.324  1.00 33.91 ? 33  GLY A N   1 
ATOM   244 C CA  . GLY A 1 33  ? -16.772 -2.481  -3.579  1.00 33.60 ? 33  GLY A CA  1 
ATOM   245 C C   . GLY A 1 33  ? -15.864 -2.849  -4.735  1.00 33.43 ? 33  GLY A C   1 
ATOM   246 O O   . GLY A 1 33  ? -15.391 -3.987  -4.840  1.00 33.48 ? 33  GLY A O   1 
ATOM   247 N N   . LYS A 1 34  ? -15.611 -1.863  -5.590  1.00 33.05 ? 34  LYS A N   1 
ATOM   248 C CA  . LYS A 1 34  ? -14.948 -2.068  -6.870  1.00 32.87 ? 34  LYS A CA  1 
ATOM   249 C C   . LYS A 1 34  ? -13.423 -1.977  -6.780  1.00 32.37 ? 34  LYS A C   1 
ATOM   250 O O   . LYS A 1 34  ? -12.875 -1.128  -6.072  1.00 32.32 ? 34  LYS A O   1 
ATOM   251 C CB  . LYS A 1 34  ? -15.475 -1.039  -7.878  1.00 33.12 ? 34  LYS A CB  1 
ATOM   252 C CG  . LYS A 1 34  ? -15.607 -1.554  -9.305  1.00 34.36 ? 34  LYS A CG  1 
ATOM   253 C CD  . LYS A 1 34  ? -16.482 -0.636  -10.170 1.00 35.84 ? 34  LYS A CD  1 
ATOM   254 C CE  . LYS A 1 34  ? -17.975 -0.946  -10.014 1.00 36.79 ? 34  LYS A CE  1 
ATOM   255 N NZ  . LYS A 1 34  ? -18.819 -0.211  -11.010 1.00 37.51 ? 34  LYS A NZ  1 
ATOM   256 N N   . LYS A 1 35  ? -12.750 -2.867  -7.502  1.00 31.75 ? 35  LYS A N   1 
ATOM   257 C CA  . LYS A 1 35  ? -11.306 -2.802  -7.685  1.00 31.28 ? 35  LYS A CA  1 
ATOM   258 C C   . LYS A 1 35  ? -10.999 -1.652  -8.651  1.00 30.86 ? 35  LYS A C   1 
ATOM   259 O O   . LYS A 1 35  ? -11.648 -1.522  -9.690  1.00 30.76 ? 35  LYS A O   1 
ATOM   260 C CB  . LYS A 1 35  ? -10.803 -4.144  -8.227  1.00 31.41 ? 35  LYS A CB  1 
ATOM   261 C CG  . LYS A 1 35  ? -9.361  -4.179  -8.698  1.00 31.86 ? 35  LYS A CG  1 
ATOM   262 C CD  . LYS A 1 35  ? -9.120  -5.417  -9.556  1.00 32.84 ? 35  LYS A CD  1 
ATOM   263 C CE  . LYS A 1 35  ? -7.858  -5.291  -10.396 1.00 33.46 ? 35  LYS A CE  1 
ATOM   264 N NZ  . LYS A 1 35  ? -7.940  -4.189  -11.398 1.00 33.74 ? 35  LYS A NZ  1 
ATOM   265 N N   . PHE A 1 36  ? -10.029 -0.809  -8.299  1.00 30.32 ? 36  PHE A N   1 
ATOM   266 C CA  . PHE A 1 36  ? -9.718  0.373   -9.114  1.00 29.71 ? 36  PHE A CA  1 
ATOM   267 C C   . PHE A 1 36  ? -8.344  0.368   -9.795  1.00 29.49 ? 36  PHE A C   1 
ATOM   268 O O   . PHE A 1 36  ? -8.184  0.955   -10.867 1.00 29.48 ? 36  PHE A O   1 
ATOM   269 C CB  . PHE A 1 36  ? -9.948  1.681   -8.334  1.00 29.64 ? 36  PHE A CB  1 
ATOM   270 C CG  . PHE A 1 36  ? -9.180  1.780   -7.038  1.00 29.21 ? 36  PHE A CG  1 
ATOM   271 C CD1 . PHE A 1 36  ? -9.791  1.461   -5.828  1.00 28.55 ? 36  PHE A CD1 1 
ATOM   272 C CD2 . PHE A 1 36  ? -7.857  2.222   -7.022  1.00 28.64 ? 36  PHE A CD2 1 
ATOM   273 C CE1 . PHE A 1 36  ? -9.091  1.562   -4.625  1.00 28.29 ? 36  PHE A CE1 1 
ATOM   274 C CE2 . PHE A 1 36  ? -7.149  2.323   -5.824  1.00 28.08 ? 36  PHE A CE2 1 
ATOM   275 C CZ  . PHE A 1 36  ? -7.767  1.990   -4.625  1.00 27.86 ? 36  PHE A CZ  1 
ATOM   276 N N   . ASP A 1 37  ? -7.361  -0.289  -9.184  1.00 29.10 ? 37  ASP A N   1 
ATOM   277 C CA  . ASP A 1 37  ? -6.005  -0.308  -9.733  1.00 28.78 ? 37  ASP A CA  1 
ATOM   278 C C   . ASP A 1 37  ? -5.265  -1.596  -9.383  1.00 28.98 ? 37  ASP A C   1 
ATOM   279 O O   . ASP A 1 37  ? -5.509  -2.190  -8.334  1.00 28.84 ? 37  ASP A O   1 
ATOM   280 C CB  . ASP A 1 37  ? -5.219  0.915   -9.238  1.00 28.36 ? 37  ASP A CB  1 
ATOM   281 C CG  . ASP A 1 37  ? -4.043  1.272   -10.140 1.00 27.57 ? 37  ASP A CG  1 
ATOM   282 O OD1 . ASP A 1 37  ? -3.930  0.713   -11.248 1.00 26.32 ? 37  ASP A OD1 1 
ATOM   283 O OD2 . ASP A 1 37  ? -3.228  2.130   -9.736  1.00 26.17 ? 37  ASP A OD2 1 
ATOM   284 N N   . SER A 1 38  ? -4.370  -2.022  -10.272 1.00 29.51 ? 38  SER A N   1 
ATOM   285 C CA  . SER A 1 38  ? -3.507  -3.182  -10.036 1.00 30.11 ? 38  SER A CA  1 
ATOM   286 C C   . SER A 1 38  ? -2.254  -3.138  -10.906 1.00 30.62 ? 38  SER A C   1 
ATOM   287 O O   . SER A 1 38  ? -2.345  -3.039  -12.131 1.00 30.70 ? 38  SER A O   1 
ATOM   288 C CB  . SER A 1 38  ? -4.263  -4.491  -10.285 1.00 30.02 ? 38  SER A CB  1 
ATOM   289 O OG  . SER A 1 38  ? -3.433  -5.608  -10.022 1.00 29.90 ? 38  SER A OG  1 
ATOM   290 N N   . SER A 1 39  ? -1.089  -3.217  -10.265 1.00 31.14 ? 39  SER A N   1 
ATOM   291 C CA  . SER A 1 39  ? 0.181   -3.260  -10.986 1.00 31.90 ? 39  SER A CA  1 
ATOM   292 C C   . SER A 1 39  ? 0.442   -4.638  -11.595 1.00 32.64 ? 39  SER A C   1 
ATOM   293 O O   . SER A 1 39  ? 1.202   -4.757  -12.556 1.00 32.62 ? 39  SER A O   1 
ATOM   294 C CB  . SER A 1 39  ? 1.344   -2.839  -10.082 1.00 31.69 ? 39  SER A CB  1 
ATOM   295 O OG  . SER A 1 39  ? 1.488   -3.718  -8.985  1.00 31.42 ? 39  SER A OG  1 
ATOM   296 N N   . ARG A 1 40  ? -0.193  -5.665  -11.026 1.00 33.76 ? 40  ARG A N   1 
ATOM   297 C CA  . ARG A 1 40  ? -0.089  -7.049  -11.504 1.00 34.94 ? 40  ARG A CA  1 
ATOM   298 C C   . ARG A 1 40  ? -0.581  -7.167  -12.945 1.00 35.54 ? 40  ARG A C   1 
ATOM   299 O O   . ARG A 1 40  ? 0.077   -7.790  -13.784 1.00 35.64 ? 40  ARG A O   1 
ATOM   300 C CB  . ARG A 1 40  ? -0.906  -7.995  -10.614 1.00 35.08 ? 40  ARG A CB  1 
ATOM   301 C CG  . ARG A 1 40  ? -0.598  -7.933  -9.122  1.00 36.22 ? 40  ARG A CG  1 
ATOM   302 C CD  . ARG A 1 40  ? 0.331   -9.053  -8.689  1.00 38.29 ? 40  ARG A CD  1 
ATOM   303 N NE  . ARG A 1 40  ? 0.396   -9.178  -7.231  1.00 39.44 ? 40  ARG A NE  1 
ATOM   304 C CZ  . ARG A 1 40  ? 1.075   -10.125 -6.586  1.00 40.14 ? 40  ARG A CZ  1 
ATOM   305 N NH1 . ARG A 1 40  ? 1.077   -10.153 -5.260  1.00 40.21 ? 40  ARG A NH1 1 
ATOM   306 N NH2 . ARG A 1 40  ? 1.751   -11.049 -7.260  1.00 41.04 ? 40  ARG A NH2 1 
ATOM   307 N N   . ASP A 1 41  ? -1.739  -6.559  -13.213 1.00 36.27 ? 41  ASP A N   1 
ATOM   308 C CA  . ASP A 1 41  ? -2.348  -6.529  -14.543 1.00 36.94 ? 41  ASP A CA  1 
ATOM   309 C C   . ASP A 1 41  ? -1.421  -5.901  -15.582 1.00 37.08 ? 41  ASP A C   1 
ATOM   310 O O   . ASP A 1 41  ? -1.443  -6.286  -16.751 1.00 37.13 ? 41  ASP A O   1 
ATOM   311 C CB  . ASP A 1 41  ? -3.677  -5.761  -14.508 1.00 37.17 ? 41  ASP A CB  1 
ATOM   312 C CG  . ASP A 1 41  ? -4.780  -6.503  -13.754 1.00 38.22 ? 41  ASP A CG  1 
ATOM   313 O OD1 . ASP A 1 41  ? -5.848  -5.890  -13.525 1.00 39.43 ? 41  ASP A OD1 1 
ATOM   314 O OD2 . ASP A 1 41  ? -4.592  -7.689  -13.392 1.00 38.90 ? 41  ASP A OD2 1 
ATOM   315 N N   . ARG A 1 42  ? -0.607  -4.944  -15.141 1.00 37.23 ? 42  ARG A N   1 
ATOM   316 C CA  . ARG A 1 42  ? 0.313   -4.233  -16.027 1.00 37.43 ? 42  ARG A CA  1 
ATOM   317 C C   . ARG A 1 42  ? 1.671   -4.922  -16.164 1.00 37.21 ? 42  ARG A C   1 
ATOM   318 O O   . ARG A 1 42  ? 2.558   -4.414  -16.858 1.00 37.37 ? 42  ARG A O   1 
ATOM   319 C CB  . ARG A 1 42  ? 0.504   -2.791  -15.553 1.00 37.57 ? 42  ARG A CB  1 
ATOM   320 C CG  . ARG A 1 42  ? -0.716  -1.903  -15.741 1.00 38.83 ? 42  ARG A CG  1 
ATOM   321 C CD  . ARG A 1 42  ? -0.395  -0.450  -15.428 1.00 40.74 ? 42  ARG A CD  1 
ATOM   322 N NE  . ARG A 1 42  ? 0.055   -0.261  -14.047 1.00 42.36 ? 42  ARG A NE  1 
ATOM   323 C CZ  . ARG A 1 42  ? -0.752  -0.028  -13.013 1.00 42.64 ? 42  ARG A CZ  1 
ATOM   324 N NH1 . ARG A 1 42  ? -0.240  0.132   -11.798 1.00 43.31 ? 42  ARG A NH1 1 
ATOM   325 N NH2 . ARG A 1 42  ? -2.066  0.044   -13.188 1.00 42.41 ? 42  ARG A NH2 1 
ATOM   326 N N   . ASN A 1 43  ? 1.828   -6.069  -15.502 1.00 36.89 ? 43  ASN A N   1 
ATOM   327 C CA  . ASN A 1 43  ? 3.083   -6.833  -15.510 1.00 36.68 ? 43  ASN A CA  1 
ATOM   328 C C   . ASN A 1 43  ? 4.310   -6.003  -15.099 1.00 36.14 ? 43  ASN A C   1 
ATOM   329 O O   . ASN A 1 43  ? 5.444   -6.332  -15.465 1.00 36.31 ? 43  ASN A O   1 
ATOM   330 C CB  . ASN A 1 43  ? 3.322   -7.495  -16.883 1.00 36.94 ? 43  ASN A CB  1 
ATOM   331 C CG  . ASN A 1 43  ? 2.222   -8.481  -17.269 1.00 37.82 ? 43  ASN A CG  1 
ATOM   332 O OD1 . ASN A 1 43  ? 2.019   -9.504  -16.606 1.00 38.60 ? 43  ASN A OD1 1 
ATOM   333 N ND2 . ASN A 1 43  ? 1.523   -8.186  -18.361 1.00 38.20 ? 43  ASN A ND2 1 
ATOM   334 N N   . LYS A 1 44  ? 4.081   -4.928  -14.344 1.00 35.20 ? 44  LYS A N   1 
ATOM   335 C CA  . LYS A 1 44  ? 5.157   -4.017  -13.958 1.00 34.30 ? 44  LYS A CA  1 
ATOM   336 C C   . LYS A 1 44  ? 4.989   -3.493  -12.527 1.00 33.39 ? 44  LYS A C   1 
ATOM   337 O O   . LYS A 1 44  ? 4.011   -2.799  -12.232 1.00 33.28 ? 44  LYS A O   1 
ATOM   338 C CB  . LYS A 1 44  ? 5.256   -2.852  -14.945 1.00 34.47 ? 44  LYS A CB  1 
ATOM   339 C CG  . LYS A 1 44  ? 6.632   -2.202  -14.993 1.00 35.18 ? 44  LYS A CG  1 
ATOM   340 C CD  . LYS A 1 44  ? 6.600   -0.832  -15.655 1.00 36.06 ? 44  LYS A CD  1 
ATOM   341 C CE  . LYS A 1 44  ? 6.290   0.262   -14.643 1.00 36.94 ? 44  LYS A CE  1 
ATOM   342 N NZ  . LYS A 1 44  ? 6.553   1.622   -15.192 1.00 37.02 ? 44  LYS A NZ  1 
ATOM   343 N N   . PRO A 1 45  ? 5.948   -3.824  -11.638 1.00 32.47 ? 45  PRO A N   1 
ATOM   344 C CA  . PRO A 1 45  ? 5.944   -3.412  -10.229 1.00 31.72 ? 45  PRO A CA  1 
ATOM   345 C C   . PRO A 1 45  ? 6.108   -1.910  -10.001 1.00 30.80 ? 45  PRO A C   1 
ATOM   346 O O   . PRO A 1 45  ? 6.748   -1.215  -10.794 1.00 30.70 ? 45  PRO A O   1 
ATOM   347 C CB  . PRO A 1 45  ? 7.139   -4.168  -9.636  1.00 31.66 ? 45  PRO A CB  1 
ATOM   348 C CG  . PRO A 1 45  ? 8.012   -4.472  -10.796 1.00 32.16 ? 45  PRO A CG  1 
ATOM   349 C CD  . PRO A 1 45  ? 7.076   -4.729  -11.931 1.00 32.47 ? 45  PRO A CD  1 
ATOM   350 N N   . PHE A 1 46  ? 5.533   -1.445  -8.897  1.00 29.87 ? 46  PHE A N   1 
ATOM   351 C CA  . PHE A 1 46  ? 5.525   -0.045  -8.500  1.00 28.87 ? 46  PHE A CA  1 
ATOM   352 C C   . PHE A 1 46  ? 6.685   0.232   -7.543  1.00 28.61 ? 46  PHE A C   1 
ATOM   353 O O   . PHE A 1 46  ? 6.961   -0.569  -6.646  1.00 28.47 ? 46  PHE A O   1 
ATOM   354 C CB  . PHE A 1 46  ? 4.172   0.262   -7.841  1.00 28.79 ? 46  PHE A CB  1 
ATOM   355 C CG  . PHE A 1 46  ? 4.067   1.633   -7.225  1.00 27.91 ? 46  PHE A CG  1 
ATOM   356 C CD1 . PHE A 1 46  ? 4.123   1.790   -5.845  1.00 27.19 ? 46  PHE A CD1 1 
ATOM   357 C CD2 . PHE A 1 46  ? 3.875   2.760   -8.019  1.00 27.48 ? 46  PHE A CD2 1 
ATOM   358 C CE1 . PHE A 1 46  ? 4.012   3.052   -5.261  1.00 27.16 ? 46  PHE A CE1 1 
ATOM   359 C CE2 . PHE A 1 46  ? 3.760   4.028   -7.447  1.00 27.81 ? 46  PHE A CE2 1 
ATOM   360 C CZ  . PHE A 1 46  ? 3.830   4.175   -6.064  1.00 27.11 ? 46  PHE A CZ  1 
ATOM   361 N N   . LYS A 1 47  ? 7.363   1.361   -7.745  1.00 28.16 ? 47  LYS A N   1 
ATOM   362 C CA  . LYS A 1 47  ? 8.480   1.759   -6.888  1.00 27.92 ? 47  LYS A CA  1 
ATOM   363 C C   . LYS A 1 47  ? 8.248   3.130   -6.272  1.00 27.80 ? 47  LYS A C   1 
ATOM   364 O O   . LYS A 1 47  ? 7.798   4.055   -6.945  1.00 27.78 ? 47  LYS A O   1 
ATOM   365 C CB  . LYS A 1 47  ? 9.802   1.785   -7.663  1.00 27.99 ? 47  LYS A CB  1 
ATOM   366 C CG  . LYS A 1 47  ? 10.214  0.470   -8.298  1.00 28.05 ? 47  LYS A CG  1 
ATOM   367 C CD  . LYS A 1 47  ? 11.561  0.601   -8.990  1.00 28.19 ? 47  LYS A CD  1 
ATOM   368 C CE  . LYS A 1 47  ? 11.879  -0.634  -9.813  1.00 28.95 ? 47  LYS A CE  1 
ATOM   369 N NZ  . LYS A 1 47  ? 13.215  -0.535  -10.459 1.00 29.31 ? 47  LYS A NZ  1 
ATOM   370 N N   . PHE A 1 48  ? 8.569   3.255   -4.989  1.00 27.68 ? 48  PHE A N   1 
ATOM   371 C CA  . PHE A 1 48  ? 8.508   4.539   -4.297  1.00 27.64 ? 48  PHE A CA  1 
ATOM   372 C C   . PHE A 1 48  ? 9.601   4.628   -3.236  1.00 27.99 ? 48  PHE A C   1 
ATOM   373 O O   . PHE A 1 48  ? 10.196  3.616   -2.857  1.00 27.99 ? 48  PHE A O   1 
ATOM   374 C CB  . PHE A 1 48  ? 7.111   4.782   -3.696  1.00 27.36 ? 48  PHE A CB  1 
ATOM   375 C CG  . PHE A 1 48  ? 6.792   3.931   -2.493  1.00 26.40 ? 48  PHE A CG  1 
ATOM   376 C CD1 . PHE A 1 48  ? 6.459   2.584   -2.635  1.00 25.65 ? 48  PHE A CD1 1 
ATOM   377 C CD2 . PHE A 1 48  ? 6.797   4.484   -1.217  1.00 25.35 ? 48  PHE A CD2 1 
ATOM   378 C CE1 . PHE A 1 48  ? 6.155   1.799   -1.520  1.00 25.12 ? 48  PHE A CE1 1 
ATOM   379 C CE2 . PHE A 1 48  ? 6.494   3.707   -0.099  1.00 25.18 ? 48  PHE A CE2 1 
ATOM   380 C CZ  . PHE A 1 48  ? 6.169   2.365   -0.251  1.00 24.39 ? 48  PHE A CZ  1 
ATOM   381 N N   . MET A 1 49  ? 9.876   5.843   -2.778  1.00 28.36 ? 49  MET A N   1 
ATOM   382 C CA  . MET A 1 49  ? 10.837  6.053   -1.707  1.00 28.92 ? 49  MET A CA  1 
ATOM   383 C C   . MET A 1 49  ? 10.124  6.369   -0.398  1.00 28.99 ? 49  MET A C   1 
ATOM   384 O O   . MET A 1 49  ? 9.339   7.318   -0.318  1.00 29.05 ? 49  MET A O   1 
ATOM   385 C CB  . MET A 1 49  ? 11.816  7.168   -2.068  1.00 29.19 ? 49  MET A CB  1 
ATOM   386 C CG  . MET A 1 49  ? 13.005  6.706   -2.883  1.00 30.29 ? 49  MET A CG  1 
ATOM   387 S SD  . MET A 1 49  ? 14.215  8.024   -3.098  1.00 33.46 ? 49  MET A SD  1 
ATOM   388 C CE  . MET A 1 49  ? 13.424  9.022   -4.364  1.00 33.02 ? 49  MET A CE  1 
ATOM   389 N N   . LEU A 1 50  ? 10.408  5.565   0.624   1.00 29.13 ? 50  LEU A N   1 
ATOM   390 C CA  . LEU A 1 50  ? 9.795   5.718   1.941   1.00 29.16 ? 50  LEU A CA  1 
ATOM   391 C C   . LEU A 1 50  ? 10.293  6.992   2.612   1.00 29.29 ? 50  LEU A C   1 
ATOM   392 O O   . LEU A 1 50  ? 11.490  7.277   2.599   1.00 29.26 ? 50  LEU A O   1 
ATOM   393 C CB  . LEU A 1 50  ? 10.102  4.496   2.813   1.00 29.11 ? 50  LEU A CB  1 
ATOM   394 C CG  . LEU A 1 50  ? 9.265   4.222   4.065   1.00 28.81 ? 50  LEU A CG  1 
ATOM   395 C CD1 . LEU A 1 50  ? 7.859   3.747   3.712   1.00 28.36 ? 50  LEU A CD1 1 
ATOM   396 C CD2 . LEU A 1 50  ? 9.957   3.189   4.931   1.00 28.77 ? 50  LEU A CD2 1 
ATOM   397 N N   . GLY A 1 51  ? 9.361   7.759   3.176   1.00 29.47 ? 51  GLY A N   1 
ATOM   398 C CA  . GLY A 1 51  ? 9.688   8.995   3.889   1.00 29.57 ? 51  GLY A CA  1 
ATOM   399 C C   . GLY A 1 51  ? 9.737   10.267  3.054   1.00 29.66 ? 51  GLY A C   1 
ATOM   400 O O   . GLY A 1 51  ? 9.937   11.352  3.600   1.00 29.92 ? 51  GLY A O   1 
ATOM   401 N N   . LYS A 1 52  ? 9.550   10.144  1.742   1.00 29.49 ? 52  LYS A N   1 
ATOM   402 C CA  . LYS A 1 52  ? 9.616   11.297  0.835   1.00 29.35 ? 52  LYS A CA  1 
ATOM   403 C C   . LYS A 1 52  ? 8.241   11.838  0.426   1.00 29.11 ? 52  LYS A C   1 
ATOM   404 O O   . LYS A 1 52  ? 8.138   12.583  -0.550  1.00 29.36 ? 52  LYS A O   1 
ATOM   405 C CB  . LYS A 1 52  ? 10.436  10.965  -0.426  1.00 29.49 ? 52  LYS A CB  1 
ATOM   406 C CG  . LYS A 1 52  ? 11.697  10.129  -0.198  1.00 29.80 ? 52  LYS A CG  1 
ATOM   407 C CD  . LYS A 1 52  ? 12.790  10.879  0.554   1.00 32.19 ? 52  LYS A CD  1 
ATOM   408 C CE  . LYS A 1 52  ? 13.742  11.604  -0.391  1.00 32.68 ? 52  LYS A CE  1 
ATOM   409 N NZ  . LYS A 1 52  ? 15.028  11.941  0.283   1.00 33.08 ? 52  LYS A NZ  1 
ATOM   410 N N   . GLN A 1 53  ? 7.198   11.456  1.165   1.00 28.72 ? 53  GLN A N   1 
ATOM   411 C CA  . GLN A 1 53  ? 5.820   11.913  0.918   1.00 28.43 ? 53  GLN A CA  1 
ATOM   412 C C   . GLN A 1 53  ? 5.352   11.716  -0.534  1.00 27.73 ? 53  GLN A C   1 
ATOM   413 O O   . GLN A 1 53  ? 4.767   12.617  -1.141  1.00 27.77 ? 53  GLN A O   1 
ATOM   414 C CB  . GLN A 1 53  ? 5.642   13.377  1.352   1.00 28.69 ? 53  GLN A CB  1 
ATOM   415 C CG  . GLN A 1 53  ? 5.678   13.595  2.861   1.00 30.30 ? 53  GLN A CG  1 
ATOM   416 C CD  . GLN A 1 53  ? 5.287   15.010  3.259   1.00 32.71 ? 53  GLN A CD  1 
ATOM   417 O OE1 . GLN A 1 53  ? 5.929   15.990  2.861   1.00 33.62 ? 53  GLN A OE1 1 
ATOM   418 N NE2 . GLN A 1 53  ? 4.230   15.122  4.058   1.00 33.48 ? 53  GLN A NE2 1 
ATOM   419 N N   . GLU A 1 54  ? 5.621   10.535  -1.083  1.00 26.85 ? 54  GLU A N   1 
ATOM   420 C CA  . GLU A 1 54  ? 5.238   10.213  -2.457  1.00 25.97 ? 54  GLU A CA  1 
ATOM   421 C C   . GLU A 1 54  ? 3.916   9.442   -2.498  1.00 25.23 ? 54  GLU A C   1 
ATOM   422 O O   . GLU A 1 54  ? 3.242   9.396   -3.529  1.00 25.12 ? 54  GLU A O   1 
ATOM   423 C CB  . GLU A 1 54  ? 6.351   9.422   -3.158  1.00 25.97 ? 54  GLU A CB  1 
ATOM   424 C CG  . GLU A 1 54  ? 7.639   10.218  -3.391  1.00 26.02 ? 54  GLU A CG  1 
ATOM   425 C CD  . GLU A 1 54  ? 8.778   9.382   -3.983  1.00 26.66 ? 54  GLU A CD  1 
ATOM   426 O OE1 . GLU A 1 54  ? 9.850   9.961   -4.250  1.00 27.24 ? 54  GLU A OE1 1 
ATOM   427 O OE2 . GLU A 1 54  ? 8.616   8.157   -4.181  1.00 26.13 ? 54  GLU A OE2 1 
ATOM   428 N N   . VAL A 1 55  ? 3.554   8.847   -1.363  1.00 24.33 ? 55  VAL A N   1 
ATOM   429 C CA  . VAL A 1 55  ? 2.344   8.027   -1.258  1.00 23.39 ? 55  VAL A CA  1 
ATOM   430 C C   . VAL A 1 55  ? 1.493   8.426   -0.050  1.00 22.94 ? 55  VAL A C   1 
ATOM   431 O O   . VAL A 1 55  ? 1.975   9.111   0.857   1.00 22.66 ? 55  VAL A O   1 
ATOM   432 C CB  . VAL A 1 55  ? 2.671   6.508   -1.198  1.00 23.32 ? 55  VAL A CB  1 
ATOM   433 C CG1 . VAL A 1 55  ? 3.265   6.029   -2.521  1.00 23.14 ? 55  VAL A CG1 1 
ATOM   434 C CG2 . VAL A 1 55  ? 3.604   6.185   -0.025  1.00 22.82 ? 55  VAL A CG2 1 
ATOM   435 N N   . ILE A 1 56  ? 0.234   7.991   -0.049  1.00 22.27 ? 56  ILE A N   1 
ATOM   436 C CA  . ILE A 1 56  ? -0.684  8.245   1.068   1.00 21.73 ? 56  ILE A CA  1 
ATOM   437 C C   . ILE A 1 56  ? -0.157  7.692   2.393   1.00 21.74 ? 56  ILE A C   1 
ATOM   438 O O   . ILE A 1 56  ? 0.590   6.706   2.420   1.00 21.57 ? 56  ILE A O   1 
ATOM   439 C CB  . ILE A 1 56  ? -2.125  7.714   0.801   1.00 21.69 ? 56  ILE A CB  1 
ATOM   440 C CG1 . ILE A 1 56  ? -2.105  6.236   0.378   1.00 21.28 ? 56  ILE A CG1 1 
ATOM   441 C CG2 . ILE A 1 56  ? -2.844  8.597   -0.234  1.00 20.92 ? 56  ILE A CG2 1 
ATOM   442 C CD1 . ILE A 1 56  ? -3.433  5.510   0.557   1.00 21.00 ? 56  ILE A CD1 1 
ATOM   443 N N   . ARG A 1 57  ? -0.564  8.340   3.482   1.00 21.65 ? 57  ARG A N   1 
ATOM   444 C CA  . ARG A 1 57  ? -0.076  8.040   4.825   1.00 21.69 ? 57  ARG A CA  1 
ATOM   445 C C   . ARG A 1 57  ? -0.237  6.564   5.221   1.00 21.15 ? 57  ARG A C   1 
ATOM   446 O O   . ARG A 1 57  ? 0.624   6.007   5.900   1.00 21.04 ? 57  ARG A O   1 
ATOM   447 C CB  . ARG A 1 57  ? -0.772  8.950   5.843   1.00 22.00 ? 57  ARG A CB  1 
ATOM   448 C CG  . ARG A 1 57  ? -0.112  8.987   7.208   1.00 23.64 ? 57  ARG A CG  1 
ATOM   449 C CD  . ARG A 1 57  ? -0.855  9.916   8.154   1.00 26.26 ? 57  ARG A CD  1 
ATOM   450 N NE  . ARG A 1 57  ? -0.414  9.712   9.534   1.00 29.16 ? 57  ARG A NE  1 
ATOM   451 C CZ  . ARG A 1 57  ? -0.858  10.398  10.585  1.00 30.31 ? 57  ARG A CZ  1 
ATOM   452 N NH1 . ARG A 1 57  ? -1.771  11.351  10.439  1.00 30.26 ? 57  ARG A NH1 1 
ATOM   453 N NH2 . ARG A 1 57  ? -0.388  10.125  11.793  1.00 31.26 ? 57  ARG A NH2 1 
ATOM   454 N N   . GLY A 1 58  ? -1.338  5.944   4.796   1.00 20.63 ? 58  GLY A N   1 
ATOM   455 C CA  . GLY A 1 58  ? -1.587  4.527   5.062   1.00 20.09 ? 58  GLY A CA  1 
ATOM   456 C C   . GLY A 1 58  ? -0.510  3.604   4.514   1.00 19.82 ? 58  GLY A C   1 
ATOM   457 O O   . GLY A 1 58  ? -0.144  2.620   5.163   1.00 19.74 ? 58  GLY A O   1 
ATOM   458 N N   . TRP A 1 59  ? -0.012  3.927   3.318   1.00 19.36 ? 59  TRP A N   1 
ATOM   459 C CA  . TRP A 1 59  ? 1.091   3.195   2.682   1.00 19.11 ? 59  TRP A CA  1 
ATOM   460 C C   . TRP A 1 59  ? 2.427   3.444   3.382   1.00 19.26 ? 59  TRP A C   1 
ATOM   461 O O   . TRP A 1 59  ? 3.233   2.526   3.531   1.00 19.23 ? 59  TRP A O   1 
ATOM   462 C CB  . TRP A 1 59  ? 1.204   3.570   1.198   1.00 18.76 ? 59  TRP A CB  1 
ATOM   463 C CG  . TRP A 1 59  ? 0.465   2.655   0.255   1.00 18.14 ? 59  TRP A CG  1 
ATOM   464 C CD1 . TRP A 1 59  ? -0.877  2.391   0.243   1.00 17.72 ? 59  TRP A CD1 1 
ATOM   465 C CD2 . TRP A 1 59  ? 1.030   1.896   -0.828  1.00 17.39 ? 59  TRP A CD2 1 
ATOM   466 N NE1 . TRP A 1 59  ? -1.180  1.512   -0.771  1.00 16.96 ? 59  TRP A NE1 1 
ATOM   467 C CE2 . TRP A 1 59  ? -0.030  1.195   -1.444  1.00 16.96 ? 59  TRP A CE2 1 
ATOM   468 C CE3 . TRP A 1 59  ? 2.330   1.743   -1.335  1.00 17.54 ? 59  TRP A CE3 1 
ATOM   469 C CZ2 . TRP A 1 59  ? 0.168   0.350   -2.544  1.00 16.98 ? 59  TRP A CZ2 1 
ATOM   470 C CZ3 . TRP A 1 59  ? 2.527   0.903   -2.427  1.00 17.48 ? 59  TRP A CZ3 1 
ATOM   471 C CH2 . TRP A 1 59  ? 1.447   0.215   -3.019  1.00 17.50 ? 59  TRP A CH2 1 
ATOM   472 N N   . GLU A 1 60  ? 2.657   4.685   3.810   1.00 19.41 ? 60  GLU A N   1 
ATOM   473 C CA  . GLU A 1 60  ? 3.905   5.058   4.475   1.00 19.80 ? 60  GLU A CA  1 
ATOM   474 C C   . GLU A 1 60  ? 4.120   4.273   5.768   1.00 19.74 ? 60  GLU A C   1 
ATOM   475 O O   . GLU A 1 60  ? 5.216   3.770   6.018   1.00 19.66 ? 60  GLU A O   1 
ATOM   476 C CB  . GLU A 1 60  ? 3.947   6.563   4.756   1.00 19.95 ? 60  GLU A CB  1 
ATOM   477 C CG  . GLU A 1 60  ? 4.118   7.431   3.519   1.00 21.23 ? 60  GLU A CG  1 
ATOM   478 C CD  . GLU A 1 60  ? 5.567   7.776   3.212   1.00 22.80 ? 60  GLU A CD  1 
ATOM   479 O OE1 . GLU A 1 60  ? 5.818   8.927   2.796   1.00 24.54 ? 60  GLU A OE1 1 
ATOM   480 O OE2 . GLU A 1 60  ? 6.456   6.919   3.383   1.00 23.76 ? 60  GLU A OE2 1 
ATOM   481 N N   . GLU A 1 61  ? 3.065   4.165   6.575   1.00 19.59 ? 61  GLU A N   1 
ATOM   482 C CA  . GLU A 1 61  ? 3.122   3.448   7.847   1.00 19.58 ? 61  GLU A CA  1 
ATOM   483 C C   . GLU A 1 61  ? 2.860   1.952   7.693   1.00 19.15 ? 61  GLU A C   1 
ATOM   484 O O   . GLU A 1 61  ? 3.319   1.156   8.508   1.00 19.36 ? 61  GLU A O   1 
ATOM   485 C CB  . GLU A 1 61  ? 2.153   4.067   8.857   1.00 19.66 ? 61  GLU A CB  1 
ATOM   486 C CG  . GLU A 1 61  ? 2.578   5.456   9.317   1.00 20.97 ? 61  GLU A CG  1 
ATOM   487 C CD  . GLU A 1 61  ? 1.531   6.154   10.165  1.00 22.56 ? 61  GLU A CD  1 
ATOM   488 O OE1 . GLU A 1 61  ? 0.783   5.461   10.892  1.00 22.29 ? 61  GLU A OE1 1 
ATOM   489 O OE2 . GLU A 1 61  ? 1.467   7.404   10.103  1.00 22.68 ? 61  GLU A OE2 1 
ATOM   490 N N   . GLY A 1 62  ? 2.127   1.578   6.649   1.00 18.78 ? 62  GLY A N   1 
ATOM   491 C CA  . GLY A 1 62  ? 1.842   0.172   6.368   1.00 18.38 ? 62  GLY A CA  1 
ATOM   492 C C   . GLY A 1 62  ? 3.044   -0.597  5.847   1.00 18.06 ? 62  GLY A C   1 
ATOM   493 O O   . GLY A 1 62  ? 3.404   -1.643  6.391   1.00 17.79 ? 62  GLY A O   1 
ATOM   494 N N   . VAL A 1 63  ? 3.665   -0.075  4.790   1.00 17.82 ? 63  VAL A N   1 
ATOM   495 C CA  . VAL A 1 63  ? 4.821   -0.736  4.162   1.00 17.47 ? 63  VAL A CA  1 
ATOM   496 C C   . VAL A 1 63  ? 6.048   -0.771  5.095   1.00 17.30 ? 63  VAL A C   1 
ATOM   497 O O   . VAL A 1 63  ? 6.829   -1.727  5.064   1.00 17.14 ? 63  VAL A O   1 
ATOM   498 C CB  . VAL A 1 63  ? 5.158   -0.125  2.764   1.00 17.36 ? 63  VAL A CB  1 
ATOM   499 C CG1 . VAL A 1 63  ? 6.284   -0.885  2.084   1.00 17.53 ? 63  VAL A CG1 1 
ATOM   500 C CG2 . VAL A 1 63  ? 3.931   -0.152  1.867   1.00 17.71 ? 63  VAL A CG2 1 
ATOM   501 N N   . ALA A 1 64  ? 6.192   0.252   5.939   1.00 17.05 ? 64  ALA A N   1 
ATOM   502 C CA  . ALA A 1 64  ? 7.313   0.334   6.889   1.00 17.05 ? 64  ALA A CA  1 
ATOM   503 C C   . ALA A 1 64  ? 7.368   -0.819  7.893   1.00 16.95 ? 64  ALA A C   1 
ATOM   504 O O   . ALA A 1 64  ? 8.445   -1.148  8.398   1.00 17.06 ? 64  ALA A O   1 
ATOM   505 C CB  . ALA A 1 64  ? 7.314   1.678   7.621   1.00 17.00 ? 64  ALA A CB  1 
ATOM   506 N N   . GLN A 1 65  ? 6.225   -1.437  8.180   1.00 16.98 ? 65  GLN A N   1 
ATOM   507 C CA  . GLN A 1 65  ? 6.198   -2.577  9.110   1.00 17.25 ? 65  GLN A CA  1 
ATOM   508 C C   . GLN A 1 65  ? 6.202   -3.943  8.408   1.00 17.38 ? 65  GLN A C   1 
ATOM   509 O O   . GLN A 1 65  ? 5.961   -4.978  9.036   1.00 17.20 ? 65  GLN A O   1 
ATOM   510 C CB  . GLN A 1 65  ? 5.043   -2.460  10.115  1.00 17.42 ? 65  GLN A CB  1 
ATOM   511 C CG  . GLN A 1 65  ? 3.691   -2.101  9.522   1.00 17.83 ? 65  GLN A CG  1 
ATOM   512 C CD  . GLN A 1 65  ? 2.625   -1.897  10.580  1.00 18.50 ? 65  GLN A CD  1 
ATOM   513 O OE1 . GLN A 1 65  ? 2.192   -2.847  11.233  1.00 19.32 ? 65  GLN A OE1 1 
ATOM   514 N NE2 . GLN A 1 65  ? 2.192   -0.653  10.753  1.00 18.37 ? 65  GLN A NE2 1 
ATOM   515 N N   . MET A 1 66  ? 6.495   -3.941  7.109   1.00 17.44 ? 66  MET A N   1 
ATOM   516 C CA  . MET A 1 66  ? 6.557   -5.174  6.332   1.00 17.53 ? 66  MET A CA  1 
ATOM   517 C C   . MET A 1 66  ? 7.999   -5.580  6.087   1.00 17.43 ? 66  MET A C   1 
ATOM   518 O O   . MET A 1 66  ? 8.864   -4.729  5.898   1.00 17.34 ? 66  MET A O   1 
ATOM   519 C CB  . MET A 1 66  ? 5.834   -4.999  4.997   1.00 17.75 ? 66  MET A CB  1 
ATOM   520 C CG  . MET A 1 66  ? 4.325   -4.886  5.114   1.00 17.82 ? 66  MET A CG  1 
ATOM   521 S SD  . MET A 1 66  ? 3.506   -4.555  3.545   1.00 18.81 ? 66  MET A SD  1 
ATOM   522 C CE  . MET A 1 66  ? 3.933   -6.032  2.611   1.00 18.90 ? 66  MET A CE  1 
ATOM   523 N N   . SER A 1 67  ? 8.261   -6.883  6.098   1.00 17.61 ? 67  SER A N   1 
ATOM   524 C CA  . SER A 1 67  ? 9.587   -7.387  5.746   1.00 17.62 ? 67  SER A CA  1 
ATOM   525 C C   . SER A 1 67  ? 9.591   -7.900  4.307   1.00 17.53 ? 67  SER A C   1 
ATOM   526 O O   . SER A 1 67  ? 8.533   -8.142  3.727   1.00 17.52 ? 67  SER A O   1 
ATOM   527 C CB  . SER A 1 67  ? 10.072  -8.456  6.738   1.00 17.48 ? 67  SER A CB  1 
ATOM   528 O OG  . SER A 1 67  ? 9.171   -9.545  6.830   1.00 17.83 ? 67  SER A OG  1 
ATOM   529 N N   . VAL A 1 68  ? 10.784  -8.039  3.737   1.00 17.53 ? 68  VAL A N   1 
ATOM   530 C CA  . VAL A 1 68  ? 10.950  -8.436  2.338   1.00 17.46 ? 68  VAL A CA  1 
ATOM   531 C C   . VAL A 1 68  ? 10.348  -9.826  2.077   1.00 17.25 ? 68  VAL A C   1 
ATOM   532 O O   . VAL A 1 68  ? 10.632  -10.784 2.798   1.00 16.87 ? 68  VAL A O   1 
ATOM   533 C CB  . VAL A 1 68  ? 12.440  -8.373  1.914   1.00 17.39 ? 68  VAL A CB  1 
ATOM   534 C CG1 . VAL A 1 68  ? 12.637  -8.886  0.500   1.00 17.85 ? 68  VAL A CG1 1 
ATOM   535 C CG2 . VAL A 1 68  ? 12.957  -6.950  2.026   1.00 17.50 ? 68  VAL A CG2 1 
ATOM   536 N N   . GLY A 1 69  ? 9.500   -9.906  1.054   1.00 17.16 ? 69  GLY A N   1 
ATOM   537 C CA  . GLY A 1 69  ? 8.813   -11.148 0.698   1.00 17.23 ? 69  GLY A CA  1 
ATOM   538 C C   . GLY A 1 69  ? 7.428   -11.261 1.310   1.00 17.26 ? 69  GLY A C   1 
ATOM   539 O O   . GLY A 1 69  ? 6.660   -12.164 0.965   1.00 17.36 ? 69  GLY A O   1 
ATOM   540 N N   . GLN A 1 70  ? 7.103   -10.348 2.223   1.00 17.16 ? 70  GLN A N   1 
ATOM   541 C CA  . GLN A 1 70  ? 5.795   -10.350 2.861   1.00 17.07 ? 70  GLN A CA  1 
ATOM   542 C C   . GLN A 1 70  ? 4.713   -9.902  1.893   1.00 17.11 ? 70  GLN A C   1 
ATOM   543 O O   . GLN A 1 70  ? 4.913   -8.971  1.106   1.00 17.15 ? 70  GLN A O   1 
ATOM   544 C CB  . GLN A 1 70  ? 5.779   -9.456  4.105   1.00 16.93 ? 70  GLN A CB  1 
ATOM   545 C CG  . GLN A 1 70  ? 4.571   -9.679  5.013   1.00 17.03 ? 70  GLN A CG  1 
ATOM   546 C CD  . GLN A 1 70  ? 4.602   -8.833  6.273   1.00 17.58 ? 70  GLN A CD  1 
ATOM   547 O OE1 . GLN A 1 70  ? 5.652   -8.342  6.681   1.00 18.92 ? 70  GLN A OE1 1 
ATOM   548 N NE2 . GLN A 1 70  ? 3.446   -8.665  6.900   1.00 17.27 ? 70  GLN A NE2 1 
ATOM   549 N N   . ARG A 1 71  ? 3.573   -10.587 1.948   1.00 17.10 ? 71  ARG A N   1 
ATOM   550 C CA  . ARG A 1 71  ? 2.363   -10.139 1.275   1.00 17.00 ? 71  ARG A CA  1 
ATOM   551 C C   . ARG A 1 71  ? 1.312   -9.888  2.350   1.00 16.89 ? 71  ARG A C   1 
ATOM   552 O O   . ARG A 1 71  ? 1.078   -10.747 3.202   1.00 16.94 ? 71  ARG A O   1 
ATOM   553 C CB  . ARG A 1 71  ? 1.882   -11.179 0.264   1.00 16.82 ? 71  ARG A CB  1 
ATOM   554 C CG  . ARG A 1 71  ? 0.755   -10.691 -0.635  1.00 17.36 ? 71  ARG A CG  1 
ATOM   555 C CD  . ARG A 1 71  ? 0.404   -11.719 -1.700  1.00 17.23 ? 71  ARG A CD  1 
ATOM   556 N NE  . ARG A 1 71  ? -0.829  -11.376 -2.406  1.00 17.25 ? 71  ARG A NE  1 
ATOM   557 C CZ  . ARG A 1 71  ? -1.319  -12.054 -3.442  1.00 17.26 ? 71  ARG A CZ  1 
ATOM   558 N NH1 . ARG A 1 71  ? -0.680  -13.123 -3.912  1.00 16.70 ? 71  ARG A NH1 1 
ATOM   559 N NH2 . ARG A 1 71  ? -2.449  -11.660 -4.014  1.00 16.25 ? 71  ARG A NH2 1 
ATOM   560 N N   . ALA A 1 72  ? 0.698   -8.709  2.321   1.00 16.74 ? 72  ALA A N   1 
ATOM   561 C CA  . ALA A 1 72  ? -0.275  -8.331  3.350   1.00 16.80 ? 72  ALA A CA  1 
ATOM   562 C C   . ALA A 1 72  ? -1.476  -7.538  2.824   1.00 16.86 ? 72  ALA A C   1 
ATOM   563 O O   . ALA A 1 72  ? -1.390  -6.842  1.806   1.00 16.85 ? 72  ALA A O   1 
ATOM   564 C CB  . ALA A 1 72  ? 0.414   -7.567  4.471   1.00 16.62 ? 72  ALA A CB  1 
ATOM   565 N N   . LYS A 1 73  ? -2.594  -7.664  3.537   1.00 16.97 ? 73  LYS A N   1 
ATOM   566 C CA  . LYS A 1 73  ? -3.801  -6.889  3.280   1.00 16.90 ? 73  LYS A CA  1 
ATOM   567 C C   . LYS A 1 73  ? -3.762  -5.633  4.150   1.00 16.93 ? 73  LYS A C   1 
ATOM   568 O O   . LYS A 1 73  ? -3.703  -5.727  5.375   1.00 16.72 ? 73  LYS A O   1 
ATOM   569 C CB  . LYS A 1 73  ? -5.043  -7.731  3.600   1.00 17.18 ? 73  LYS A CB  1 
ATOM   570 C CG  . LYS A 1 73  ? -6.382  -7.039  3.378   1.00 17.23 ? 73  LYS A CG  1 
ATOM   571 C CD  . LYS A 1 73  ? -7.496  -7.795  4.081   1.00 18.52 ? 73  LYS A CD  1 
ATOM   572 C CE  . LYS A 1 73  ? -8.762  -6.952  4.166   1.00 19.92 ? 73  LYS A CE  1 
ATOM   573 N NZ  . LYS A 1 73  ? -9.849  -7.617  4.937   1.00 21.11 ? 73  LYS A NZ  1 
ATOM   574 N N   . LEU A 1 74  ? -3.783  -4.466  3.510   1.00 16.72 ? 74  LEU A N   1 
ATOM   575 C CA  . LEU A 1 74  ? -3.769  -3.184  4.217   1.00 16.86 ? 74  LEU A CA  1 
ATOM   576 C C   . LEU A 1 74  ? -5.155  -2.549  4.165   1.00 16.77 ? 74  LEU A C   1 
ATOM   577 O O   . LEU A 1 74  ? -5.701  -2.326  3.085   1.00 16.51 ? 74  LEU A O   1 
ATOM   578 C CB  . LEU A 1 74  ? -2.736  -2.229  3.598   1.00 16.89 ? 74  LEU A CB  1 
ATOM   579 C CG  . LEU A 1 74  ? -1.241  -2.295  3.947   1.00 17.78 ? 74  LEU A CG  1 
ATOM   580 C CD1 . LEU A 1 74  ? -0.619  -3.658  3.678   1.00 17.91 ? 74  LEU A CD1 1 
ATOM   581 C CD2 . LEU A 1 74  ? -0.485  -1.212  3.171   1.00 18.05 ? 74  LEU A CD2 1 
ATOM   582 N N   . THR A 1 75  ? -5.726  -2.271  5.332   1.00 16.78 ? 75  THR A N   1 
ATOM   583 C CA  . THR A 1 75  ? -7.029  -1.612  5.403   1.00 16.85 ? 75  THR A CA  1 
ATOM   584 C C   . THR A 1 75  ? -6.836  -0.189  5.903   1.00 17.10 ? 75  THR A C   1 
ATOM   585 O O   . THR A 1 75  ? -6.403  0.028   7.027   1.00 17.11 ? 75  THR A O   1 
ATOM   586 C CB  . THR A 1 75  ? -8.012  -2.380  6.305   1.00 16.80 ? 75  THR A CB  1 
ATOM   587 O OG1 . THR A 1 75  ? -8.089  -3.742  5.866   1.00 16.23 ? 75  THR A OG1 1 
ATOM   588 C CG2 . THR A 1 75  ? -9.404  -1.753  6.246   1.00 16.46 ? 75  THR A CG2 1 
ATOM   589 N N   . ILE A 1 76  ? -7.150  0.778   5.052   1.00 17.56 ? 76  ILE A N   1 
ATOM   590 C CA  . ILE A 1 76  ? -6.792  2.168   5.311   1.00 17.95 ? 76  ILE A CA  1 
ATOM   591 C C   . ILE A 1 76  ? -8.040  3.042   5.430   1.00 18.37 ? 76  ILE A C   1 
ATOM   592 O O   . ILE A 1 76  ? -8.863  3.096   4.510   1.00 18.30 ? 76  ILE A O   1 
ATOM   593 C CB  . ILE A 1 76  ? -5.836  2.715   4.208   1.00 17.98 ? 76  ILE A CB  1 
ATOM   594 C CG1 . ILE A 1 76  ? -4.611  1.803   4.059   1.00 17.78 ? 76  ILE A CG1 1 
ATOM   595 C CG2 . ILE A 1 76  ? -5.413  4.156   4.513   1.00 17.76 ? 76  ILE A CG2 1 
ATOM   596 C CD1 . ILE A 1 76  ? -3.858  1.955   2.741   1.00 18.34 ? 76  ILE A CD1 1 
ATOM   597 N N   . SER A 1 77  ? -8.175  3.706   6.576   1.00 18.64 ? 77  SER A N   1 
ATOM   598 C CA  . SER A 1 77  ? -9.275  4.636   6.816   1.00 19.29 ? 77  SER A CA  1 
ATOM   599 C C   . SER A 1 77  ? -9.072  5.918   5.993   1.00 19.71 ? 77  SER A C   1 
ATOM   600 O O   . SER A 1 77  ? -7.938  6.230   5.616   1.00 19.83 ? 77  SER A O   1 
ATOM   601 C CB  . SER A 1 77  ? -9.387  4.952   8.313   1.00 19.32 ? 77  SER A CB  1 
ATOM   602 O OG  . SER A 1 77  ? -8.321  5.771   8.760   1.00 19.39 ? 77  SER A OG  1 
ATOM   603 N N   . PRO A 1 78  ? -10.167 6.663   5.712   1.00 20.13 ? 78  PRO A N   1 
ATOM   604 C CA  . PRO A 1 78  ? -10.115 7.830   4.819   1.00 20.43 ? 78  PRO A CA  1 
ATOM   605 C C   . PRO A 1 78  ? -9.093  8.896   5.222   1.00 20.82 ? 78  PRO A C   1 
ATOM   606 O O   . PRO A 1 78  ? -8.434  9.470   4.354   1.00 20.84 ? 78  PRO A O   1 
ATOM   607 C CB  . PRO A 1 78  ? -11.535 8.402   4.905   1.00 20.36 ? 78  PRO A CB  1 
ATOM   608 C CG  . PRO A 1 78  ? -12.374 7.275   5.318   1.00 20.09 ? 78  PRO A CG  1 
ATOM   609 C CD  . PRO A 1 78  ? -11.531 6.445   6.229   1.00 20.11 ? 78  PRO A CD  1 
ATOM   610 N N   . ASP A 1 79  ? -8.953  9.149   6.522   1.00 21.34 ? 79  ASP A N   1 
ATOM   611 C CA  . ASP A 1 79  ? -8.010  10.161  7.004   1.00 22.01 ? 79  ASP A CA  1 
ATOM   612 C C   . ASP A 1 79  ? -6.544  9.743   6.835   1.00 22.05 ? 79  ASP A C   1 
ATOM   613 O O   . ASP A 1 79  ? -5.638  10.564  6.978   1.00 22.23 ? 79  ASP A O   1 
ATOM   614 C CB  . ASP A 1 79  ? -8.307  10.557  8.453   1.00 22.25 ? 79  ASP A CB  1 
ATOM   615 C CG  . ASP A 1 79  ? -8.254  9.381   9.408   1.00 23.38 ? 79  ASP A CG  1 
ATOM   616 O OD1 . ASP A 1 79  ? -8.922  8.353   9.141   1.00 24.47 ? 79  ASP A OD1 1 
ATOM   617 O OD2 . ASP A 1 79  ? -7.557  9.499   10.440  1.00 24.41 ? 79  ASP A OD2 1 
ATOM   618 N N   . TYR A 1 80  ? -6.323  8.469   6.527   1.00 22.11 ? 80  TYR A N   1 
ATOM   619 C CA  . TYR A 1 80  ? -4.989  7.963   6.217   1.00 22.19 ? 80  TYR A CA  1 
ATOM   620 C C   . TYR A 1 80  ? -4.870  7.707   4.716   1.00 22.05 ? 80  TYR A C   1 
ATOM   621 O O   . TYR A 1 80  ? -3.833  7.250   4.223   1.00 21.80 ? 80  TYR A O   1 
ATOM   622 C CB  . TYR A 1 80  ? -4.704  6.687   7.018   1.00 22.35 ? 80  TYR A CB  1 
ATOM   623 C CG  . TYR A 1 80  ? -4.094  6.935   8.379   1.00 23.47 ? 80  TYR A CG  1 
ATOM   624 C CD1 . TYR A 1 80  ? -4.769  7.685   9.345   1.00 24.23 ? 80  TYR A CD1 1 
ATOM   625 C CD2 . TYR A 1 80  ? -2.840  6.415   8.705   1.00 24.11 ? 80  TYR A CD2 1 
ATOM   626 C CE1 . TYR A 1 80  ? -4.212  7.920   10.596  1.00 24.89 ? 80  TYR A CE1 1 
ATOM   627 C CE2 . TYR A 1 80  ? -2.274  6.640   9.959   1.00 24.92 ? 80  TYR A CE2 1 
ATOM   628 C CZ  . TYR A 1 80  ? -2.968  7.395   10.896  1.00 25.33 ? 80  TYR A CZ  1 
ATOM   629 O OH  . TYR A 1 80  ? -2.424  7.625   12.137  1.00 26.92 ? 80  TYR A OH  1 
ATOM   630 N N   . ALA A 1 81  ? -5.953  8.016   4.004   1.00 21.96 ? 81  ALA A N   1 
ATOM   631 C CA  . ALA A 1 81  ? -6.035  7.850   2.561   1.00 21.75 ? 81  ALA A CA  1 
ATOM   632 C C   . ALA A 1 81  ? -6.330  9.195   1.883   1.00 21.70 ? 81  ALA A C   1 
ATOM   633 O O   . ALA A 1 81  ? -5.488  10.097  1.924   1.00 21.92 ? 81  ALA A O   1 
ATOM   634 C CB  . ALA A 1 81  ? -7.079  6.808   2.216   1.00 21.73 ? 81  ALA A CB  1 
ATOM   635 N N   . TYR A 1 82  ? -7.517  9.345   1.290   1.00 21.35 ? 82  TYR A N   1 
ATOM   636 C CA  . TYR A 1 82  ? -7.854  10.557  0.524   1.00 21.23 ? 82  TYR A CA  1 
ATOM   637 C C   . TYR A 1 82  ? -8.859  11.505  1.203   1.00 21.36 ? 82  TYR A C   1 
ATOM   638 O O   . TYR A 1 82  ? -9.189  12.566  0.662   1.00 21.21 ? 82  TYR A O   1 
ATOM   639 C CB  . TYR A 1 82  ? -8.314  10.192  -0.893  1.00 21.08 ? 82  TYR A CB  1 
ATOM   640 C CG  . TYR A 1 82  ? -7.230  9.552   -1.733  1.00 20.75 ? 82  TYR A CG  1 
ATOM   641 C CD1 . TYR A 1 82  ? -7.058  8.166   -1.748  1.00 20.07 ? 82  TYR A CD1 1 
ATOM   642 C CD2 . TYR A 1 82  ? -6.367  10.332  -2.507  1.00 20.48 ? 82  TYR A CD2 1 
ATOM   643 C CE1 . TYR A 1 82  ? -6.056  7.573   -2.518  1.00 20.52 ? 82  TYR A CE1 1 
ATOM   644 C CE2 . TYR A 1 82  ? -5.363  9.749   -3.276  1.00 20.20 ? 82  TYR A CE2 1 
ATOM   645 C CZ  . TYR A 1 82  ? -5.215  8.372   -3.279  1.00 20.28 ? 82  TYR A CZ  1 
ATOM   646 O OH  . TYR A 1 82  ? -4.225  7.793   -4.034  1.00 21.07 ? 82  TYR A OH  1 
ATOM   647 N N   . GLY A 1 83  ? -9.343  11.107  2.377   1.00 21.38 ? 83  GLY A N   1 
ATOM   648 C CA  . GLY A 1 83  ? -10.103 11.994  3.256   1.00 21.69 ? 83  GLY A CA  1 
ATOM   649 C C   . GLY A 1 83  ? -11.456 12.437  2.743   1.00 21.97 ? 83  GLY A C   1 
ATOM   650 O O   . GLY A 1 83  ? -12.188 11.662  2.114   1.00 21.91 ? 83  GLY A O   1 
ATOM   651 N N   . ALA A 1 84  ? -11.776 13.698  3.017   1.00 22.21 ? 84  ALA A N   1 
ATOM   652 C CA  . ALA A 1 84  ? -13.079 14.272  2.698   1.00 22.75 ? 84  ALA A CA  1 
ATOM   653 C C   . ALA A 1 84  ? -13.242 14.617  1.218   1.00 23.11 ? 84  ALA A C   1 
ATOM   654 O O   . ALA A 1 84  ? -14.359 14.634  0.707   1.00 23.48 ? 84  ALA A O   1 
ATOM   655 C CB  . ALA A 1 84  ? -13.341 15.499  3.569   1.00 22.76 ? 84  ALA A CB  1 
ATOM   656 N N   . THR A 1 85  ? -12.137 14.884  0.531   1.00 23.39 ? 85  THR A N   1 
ATOM   657 C CA  . THR A 1 85  ? -12.202 15.290  -0.874  1.00 23.73 ? 85  THR A CA  1 
ATOM   658 C C   . THR A 1 85  ? -12.129 14.125  -1.871  1.00 23.74 ? 85  THR A C   1 
ATOM   659 O O   . THR A 1 85  ? -12.623 14.237  -2.996  1.00 23.66 ? 85  THR A O   1 
ATOM   660 C CB  . THR A 1 85  ? -11.130 16.359  -1.219  1.00 23.76 ? 85  THR A CB  1 
ATOM   661 O OG1 . THR A 1 85  ? -9.827  15.856  -0.904  1.00 24.24 ? 85  THR A OG1 1 
ATOM   662 C CG2 . THR A 1 85  ? -11.374 17.644  -0.431  1.00 23.79 ? 85  THR A CG2 1 
ATOM   663 N N   . GLY A 1 86  ? -11.530 13.012  -1.450  1.00 23.72 ? 86  GLY A N   1 
ATOM   664 C CA  . GLY A 1 86  ? -11.341 11.846  -2.316  1.00 23.90 ? 86  GLY A CA  1 
ATOM   665 C C   . GLY A 1 86  ? -10.277 12.080  -3.377  1.00 24.06 ? 86  GLY A C   1 
ATOM   666 O O   . GLY A 1 86  ? -9.466  13.003  -3.265  1.00 24.11 ? 86  GLY A O   1 
ATOM   667 N N   . HIS A 1 87  ? -10.264 11.225  -4.396  1.00 24.33 ? 87  HIS A N   1 
ATOM   668 C CA  . HIS A 1 87  ? -9.443  11.446  -5.582  1.00 24.36 ? 87  HIS A CA  1 
ATOM   669 C C   . HIS A 1 87  ? -10.365 11.582  -6.792  1.00 24.60 ? 87  HIS A C   1 
ATOM   670 O O   . HIS A 1 87  ? -11.024 10.615  -7.181  1.00 24.73 ? 87  HIS A O   1 
ATOM   671 C CB  . HIS A 1 87  ? -8.423  10.319  -5.779  1.00 24.25 ? 87  HIS A CB  1 
ATOM   672 C CG  . HIS A 1 87  ? -7.401  10.610  -6.835  1.00 23.85 ? 87  HIS A CG  1 
ATOM   673 N ND1 . HIS A 1 87  ? -6.392  11.532  -6.661  1.00 23.41 ? 87  HIS A ND1 1 
ATOM   674 C CD2 . HIS A 1 87  ? -7.235  10.102  -8.079  1.00 23.50 ? 87  HIS A CD2 1 
ATOM   675 C CE1 . HIS A 1 87  ? -5.649  11.579  -7.752  1.00 23.17 ? 87  HIS A CE1 1 
ATOM   676 N NE2 . HIS A 1 87  ? -6.138  10.721  -8.628  1.00 23.00 ? 87  HIS A NE2 1 
ATOM   677 N N   . PRO A 1 88  ? -10.412 12.788  -7.389  1.00 24.77 ? 88  PRO A N   1 
ATOM   678 C CA  . PRO A 1 88  ? -11.407 13.165  -8.403  1.00 24.95 ? 88  PRO A CA  1 
ATOM   679 C C   . PRO A 1 88  ? -11.547 12.175  -9.560  1.00 24.95 ? 88  PRO A C   1 
ATOM   680 O O   . PRO A 1 88  ? -10.568 11.861  -10.239 1.00 25.05 ? 88  PRO A O   1 
ATOM   681 C CB  . PRO A 1 88  ? -10.897 14.522  -8.920  1.00 25.12 ? 88  PRO A CB  1 
ATOM   682 C CG  . PRO A 1 88  ? -9.494  14.651  -8.411  1.00 25.05 ? 88  PRO A CG  1 
ATOM   683 C CD  . PRO A 1 88  ? -9.453  13.878  -7.138  1.00 24.78 ? 88  PRO A CD  1 
ATOM   684 N N   . GLY A 1 89  ? -12.764 11.680  -9.758  1.00 24.77 ? 89  GLY A N   1 
ATOM   685 C CA  . GLY A 1 89  ? -13.065 10.765  -10.852 1.00 24.59 ? 89  GLY A CA  1 
ATOM   686 C C   . GLY A 1 89  ? -12.780 9.297   -10.585 1.00 24.40 ? 89  GLY A C   1 
ATOM   687 O O   . GLY A 1 89  ? -13.153 8.443   -11.388 1.00 24.71 ? 89  GLY A O   1 
ATOM   688 N N   . ILE A 1 90  ? -12.119 8.997   -9.466  1.00 23.99 ? 90  ILE A N   1 
ATOM   689 C CA  . ILE A 1 90  ? -11.719 7.622   -9.153  1.00 23.44 ? 90  ILE A CA  1 
ATOM   690 C C   . ILE A 1 90  ? -12.130 7.201   -7.735  1.00 23.02 ? 90  ILE A C   1 
ATOM   691 O O   . ILE A 1 90  ? -12.830 6.203   -7.555  1.00 22.99 ? 90  ILE A O   1 
ATOM   692 C CB  . ILE A 1 90  ? -10.185 7.404   -9.348  1.00 23.61 ? 90  ILE A CB  1 
ATOM   693 C CG1 . ILE A 1 90  ? -9.685  8.120   -10.615 1.00 23.55 ? 90  ILE A CG1 1 
ATOM   694 C CG2 . ILE A 1 90  ? -9.851  5.897   -9.362  1.00 23.54 ? 90  ILE A CG2 1 
ATOM   695 C CD1 . ILE A 1 90  ? -8.182  8.182   -10.759 1.00 24.11 ? 90  ILE A CD1 1 
ATOM   696 N N   . ILE A 1 91  ? -11.687 7.962   -6.737  1.00 22.27 ? 91  ILE A N   1 
ATOM   697 C CA  . ILE A 1 91  ? -11.958 7.645   -5.338  1.00 21.63 ? 91  ILE A CA  1 
ATOM   698 C C   . ILE A 1 91  ? -12.942 8.662   -4.744  1.00 21.15 ? 91  ILE A C   1 
ATOM   699 O O   . ILE A 1 91  ? -12.676 9.864   -4.776  1.00 21.14 ? 91  ILE A O   1 
ATOM   700 C CB  . ILE A 1 91  ? -10.642 7.598   -4.490  1.00 21.62 ? 91  ILE A CB  1 
ATOM   701 C CG1 . ILE A 1 91  ? -9.602  6.633   -5.097  1.00 21.37 ? 91  ILE A CG1 1 
ATOM   702 C CG2 . ILE A 1 91  ? -10.932 7.282   -3.018  1.00 21.51 ? 91  ILE A CG2 1 
ATOM   703 C CD1 . ILE A 1 91  ? -10.018 5.161   -5.139  1.00 20.67 ? 91  ILE A CD1 1 
ATOM   704 N N   . PRO A 1 92  ? -14.078 8.180   -4.198  1.00 20.71 ? 92  PRO A N   1 
ATOM   705 C CA  . PRO A 1 92  ? -15.093 9.060   -3.603  1.00 20.47 ? 92  PRO A CA  1 
ATOM   706 C C   . PRO A 1 92  ? -14.646 9.667   -2.266  1.00 20.11 ? 92  PRO A C   1 
ATOM   707 O O   . PRO A 1 92  ? -13.679 9.185   -1.666  1.00 20.03 ? 92  PRO A O   1 
ATOM   708 C CB  . PRO A 1 92  ? -16.294 8.123   -3.376  1.00 20.50 ? 92  PRO A CB  1 
ATOM   709 C CG  . PRO A 1 92  ? -15.951 6.826   -4.039  1.00 20.55 ? 92  PRO A CG  1 
ATOM   710 C CD  . PRO A 1 92  ? -14.465 6.762   -4.100  1.00 20.65 ? 92  PRO A CD  1 
ATOM   711 N N   . PRO A 1 93  ? -15.336 10.734  -1.805  1.00 20.00 ? 93  PRO A N   1 
ATOM   712 C CA  . PRO A 1 93  ? -15.121 11.240  -0.449  1.00 19.63 ? 93  PRO A CA  1 
ATOM   713 C C   . PRO A 1 93  ? -15.400 10.165  0.594   1.00 19.44 ? 93  PRO A C   1 
ATOM   714 O O   . PRO A 1 93  ? -16.276 9.319   0.391   1.00 19.24 ? 93  PRO A O   1 
ATOM   715 C CB  . PRO A 1 93  ? -16.160 12.356  -0.327  1.00 19.72 ? 93  PRO A CB  1 
ATOM   716 C CG  . PRO A 1 93  ? -16.319 12.860  -1.704  1.00 19.83 ? 93  PRO A CG  1 
ATOM   717 C CD  . PRO A 1 93  ? -16.210 11.636  -2.584  1.00 20.02 ? 93  PRO A CD  1 
ATOM   718 N N   . HIS A 1 94  ? -14.639 10.205  1.687   1.00 19.30 ? 94  HIS A N   1 
ATOM   719 C CA  . HIS A 1 94  ? -14.797 9.305   2.835   1.00 19.33 ? 94  HIS A CA  1 
ATOM   720 C C   . HIS A 1 94  ? -14.759 7.814   2.472   1.00 19.21 ? 94  HIS A C   1 
ATOM   721 O O   . HIS A 1 94  ? -15.570 7.017   2.955   1.00 19.33 ? 94  HIS A O   1 
ATOM   722 C CB  . HIS A 1 94  ? -16.061 9.664   3.637   1.00 19.54 ? 94  HIS A CB  1 
ATOM   723 C CG  . HIS A 1 94  ? -16.044 9.157   5.041   1.00 19.80 ? 94  HIS A CG  1 
ATOM   724 N ND1 . HIS A 1 94  ? -16.823 8.100   5.459   1.00 19.98 ? 94  HIS A ND1 1 
ATOM   725 C CD2 . HIS A 1 94  ? -15.324 9.545   6.120   1.00 20.49 ? 94  HIS A CD2 1 
ATOM   726 C CE1 . HIS A 1 94  ? -16.592 7.863   6.739   1.00 20.11 ? 94  HIS A CE1 1 
ATOM   727 N NE2 . HIS A 1 94  ? -15.687 8.728   7.164   1.00 20.85 ? 94  HIS A NE2 1 
ATOM   728 N N   . ALA A 1 95  ? -13.803 7.443   1.622   1.00 18.91 ? 95  ALA A N   1 
ATOM   729 C CA  . ALA A 1 95  ? -13.652 6.057   1.197   1.00 18.59 ? 95  ALA A CA  1 
ATOM   730 C C   . ALA A 1 95  ? -12.604 5.324   2.021   1.00 18.32 ? 95  ALA A C   1 
ATOM   731 O O   . ALA A 1 95  ? -11.476 5.806   2.188   1.00 18.32 ? 95  ALA A O   1 
ATOM   732 C CB  . ALA A 1 95  ? -13.314 5.982   -0.285  1.00 18.70 ? 95  ALA A CB  1 
ATOM   733 N N   . THR A 1 96  ? -13.003 4.173   2.562   1.00 17.78 ? 96  THR A N   1 
ATOM   734 C CA  . THR A 1 96  ? -12.079 3.228   3.173   1.00 17.38 ? 96  THR A CA  1 
ATOM   735 C C   . THR A 1 96  ? -11.499 2.381   2.049   1.00 16.92 ? 96  THR A C   1 
ATOM   736 O O   . THR A 1 96  ? -12.244 1.812   1.254   1.00 16.82 ? 96  THR A O   1 
ATOM   737 C CB  . THR A 1 96  ? -12.796 2.311   4.195   1.00 17.40 ? 96  THR A CB  1 
ATOM   738 O OG1 . THR A 1 96  ? -13.182 3.077   5.342   1.00 17.94 ? 96  THR A OG1 1 
ATOM   739 C CG2 . THR A 1 96  ? -11.886 1.167   4.642   1.00 17.37 ? 96  THR A CG2 1 
ATOM   740 N N   . LEU A 1 97  ? -10.171 2.316   1.985   1.00 16.56 ? 97  LEU A N   1 
ATOM   741 C CA  . LEU A 1 97  ? -9.475  1.586   0.924   1.00 16.12 ? 97  LEU A CA  1 
ATOM   742 C C   . LEU A 1 97  ? -8.828  0.306   1.449   1.00 16.26 ? 97  LEU A C   1 
ATOM   743 O O   . LEU A 1 97  ? -8.359  0.261   2.586   1.00 16.02 ? 97  LEU A O   1 
ATOM   744 C CB  . LEU A 1 97  ? -8.405  2.471   0.269   1.00 15.80 ? 97  LEU A CB  1 
ATOM   745 C CG  . LEU A 1 97  ? -8.790  3.860   -0.254  1.00 15.25 ? 97  LEU A CG  1 
ATOM   746 C CD1 . LEU A 1 97  ? -7.568  4.594   -0.793  1.00 15.08 ? 97  LEU A CD1 1 
ATOM   747 C CD2 . LEU A 1 97  ? -9.867  3.779   -1.319  1.00 15.03 ? 97  LEU A CD2 1 
ATOM   748 N N   . VAL A 1 98  ? -8.818  -0.734  0.619   1.00 16.27 ? 98  VAL A N   1 
ATOM   749 C CA  . VAL A 1 98  ? -8.084  -1.954  0.939   1.00 16.64 ? 98  VAL A CA  1 
ATOM   750 C C   . VAL A 1 98  ? -7.083  -2.285  -0.176  1.00 16.56 ? 98  VAL A C   1 
ATOM   751 O O   . VAL A 1 98  ? -7.423  -2.245  -1.361  1.00 16.73 ? 98  VAL A O   1 
ATOM   752 C CB  . VAL A 1 98  ? -9.022  -3.166  1.284   1.00 16.87 ? 98  VAL A CB  1 
ATOM   753 C CG1 . VAL A 1 98  ? -10.009 -2.796  2.386   1.00 16.98 ? 98  VAL A CG1 1 
ATOM   754 C CG2 . VAL A 1 98  ? -9.778  -3.660  0.065   1.00 17.49 ? 98  VAL A CG2 1 
ATOM   755 N N   . PHE A 1 99  ? -5.846  -2.583  0.217   1.00 16.44 ? 99  PHE A N   1 
ATOM   756 C CA  . PHE A 1 99  ? -4.775  -2.899  -0.723  1.00 16.44 ? 99  PHE A CA  1 
ATOM   757 C C   . PHE A 1 99  ? -4.161  -4.266  -0.446  1.00 16.40 ? 99  PHE A C   1 
ATOM   758 O O   . PHE A 1 99  ? -3.848  -4.590  0.697   1.00 16.53 ? 99  PHE A O   1 
ATOM   759 C CB  . PHE A 1 99  ? -3.654  -1.852  -0.653  1.00 16.30 ? 99  PHE A CB  1 
ATOM   760 C CG  . PHE A 1 99  ? -3.967  -0.563  -1.348  1.00 16.14 ? 99  PHE A CG  1 
ATOM   761 C CD1 . PHE A 1 99  ? -4.612  0.471   -0.672  1.00 16.13 ? 99  PHE A CD1 1 
ATOM   762 C CD2 . PHE A 1 99  ? -3.588  -0.364  -2.672  1.00 15.98 ? 99  PHE A CD2 1 
ATOM   763 C CE1 . PHE A 1 99  ? -4.893  1.681   -1.309  1.00 15.96 ? 99  PHE A CE1 1 
ATOM   764 C CE2 . PHE A 1 99  ? -3.867  0.838   -3.324  1.00 16.48 ? 99  PHE A CE2 1 
ATOM   765 C CZ  . PHE A 1 99  ? -4.520  1.868   -2.637  1.00 15.99 ? 99  PHE A CZ  1 
ATOM   766 N N   . ASP A 1 100 ? -3.980  -5.047  -1.507  1.00 16.27 ? 100 ASP A N   1 
ATOM   767 C CA  . ASP A 1 100 ? -3.173  -6.259  -1.466  1.00 16.28 ? 100 ASP A CA  1 
ATOM   768 C C   . ASP A 1 100 ? -1.752  -5.843  -1.850  1.00 16.47 ? 100 ASP A C   1 
ATOM   769 O O   . ASP A 1 100 ? -1.498  -5.513  -3.005  1.00 16.68 ? 100 ASP A O   1 
ATOM   770 C CB  . ASP A 1 100 ? -3.743  -7.283  -2.457  1.00 16.23 ? 100 ASP A CB  1 
ATOM   771 C CG  . ASP A 1 100 ? -2.975  -8.603  -2.481  1.00 15.99 ? 100 ASP A CG  1 
ATOM   772 O OD1 . ASP A 1 100 ? -1.745  -8.628  -2.247  1.00 14.14 ? 100 ASP A OD1 1 
ATOM   773 O OD2 . ASP A 1 100 ? -3.621  -9.629  -2.765  1.00 15.57 ? 100 ASP A OD2 1 
ATOM   774 N N   . VAL A 1 101 ? -0.836  -5.847  -0.881  1.00 16.51 ? 101 VAL A N   1 
ATOM   775 C CA  . VAL A 1 101 ? 0.539   -5.399  -1.110  1.00 16.69 ? 101 VAL A CA  1 
ATOM   776 C C   . VAL A 1 101 ? 1.571   -6.496  -0.816  1.00 16.98 ? 101 VAL A C   1 
ATOM   777 O O   . VAL A 1 101 ? 1.580   -7.080  0.267   1.00 16.71 ? 101 VAL A O   1 
ATOM   778 C CB  . VAL A 1 101 ? 0.882   -4.115  -0.282  1.00 16.61 ? 101 VAL A CB  1 
ATOM   779 C CG1 . VAL A 1 101 ? 2.312   -3.659  -0.547  1.00 16.43 ? 101 VAL A CG1 1 
ATOM   780 C CG2 . VAL A 1 101 ? -0.080  -2.987  -0.596  1.00 16.37 ? 101 VAL A CG2 1 
ATOM   781 N N   . GLU A 1 102 ? 2.434   -6.756  -1.797  1.00 17.37 ? 102 GLU A N   1 
ATOM   782 C CA  . GLU A 1 102 ? 3.569   -7.658  -1.638  1.00 17.89 ? 102 GLU A CA  1 
ATOM   783 C C   . GLU A 1 102 ? 4.865   -6.854  -1.780  1.00 18.18 ? 102 GLU A C   1 
ATOM   784 O O   . GLU A 1 102 ? 5.044   -6.131  -2.765  1.00 17.76 ? 102 GLU A O   1 
ATOM   785 C CB  . GLU A 1 102 ? 3.513   -8.768  -2.692  1.00 17.89 ? 102 GLU A CB  1 
ATOM   786 C CG  . GLU A 1 102 ? 4.475   -9.925  -2.437  1.00 19.21 ? 102 GLU A CG  1 
ATOM   787 C CD  . GLU A 1 102 ? 4.496   -10.968 -3.558  1.00 20.97 ? 102 GLU A CD  1 
ATOM   788 O OE1 . GLU A 1 102 ? 3.678   -10.885 -4.506  1.00 21.25 ? 102 GLU A OE1 1 
ATOM   789 O OE2 . GLU A 1 102 ? 5.343   -11.881 -3.483  1.00 21.82 ? 102 GLU A OE2 1 
ATOM   790 N N   . LEU A 1 103 ? 5.752   -6.967  -0.790  1.00 18.64 ? 103 LEU A N   1 
ATOM   791 C CA  . LEU A 1 103 ? 7.051   -6.285  -0.824  1.00 19.44 ? 103 LEU A CA  1 
ATOM   792 C C   . LEU A 1 103 ? 8.091   -7.160  -1.527  1.00 20.06 ? 103 LEU A C   1 
ATOM   793 O O   . LEU A 1 103 ? 8.590   -8.130  -0.953  1.00 19.90 ? 103 LEU A O   1 
ATOM   794 C CB  . LEU A 1 103 ? 7.520   -5.903  0.591   1.00 19.12 ? 103 LEU A CB  1 
ATOM   795 C CG  . LEU A 1 103 ? 8.870   -5.183  0.749   1.00 19.04 ? 103 LEU A CG  1 
ATOM   796 C CD1 . LEU A 1 103 ? 8.918   -3.850  -0.008  1.00 18.45 ? 103 LEU A CD1 1 
ATOM   797 C CD2 . LEU A 1 103 ? 9.198   -4.969  2.226   1.00 18.53 ? 103 LEU A CD2 1 
ATOM   798 N N   . LEU A 1 104 ? 8.407   -6.801  -2.770  1.00 21.02 ? 104 LEU A N   1 
ATOM   799 C CA  . LEU A 1 104 ? 9.263   -7.625  -3.627  1.00 22.09 ? 104 LEU A CA  1 
ATOM   800 C C   . LEU A 1 104 ? 10.744  -7.488  -3.285  1.00 22.96 ? 104 LEU A C   1 
ATOM   801 O O   . LEU A 1 104 ? 11.415  -8.489  -3.025  1.00 23.13 ? 104 LEU A O   1 
ATOM   802 C CB  . LEU A 1 104 ? 9.009   -7.314  -5.110  1.00 21.98 ? 104 LEU A CB  1 
ATOM   803 C CG  . LEU A 1 104 ? 7.573   -7.493  -5.616  1.00 21.97 ? 104 LEU A CG  1 
ATOM   804 C CD1 . LEU A 1 104 ? 7.373   -6.790  -6.943  1.00 21.90 ? 104 LEU A CD1 1 
ATOM   805 C CD2 . LEU A 1 104 ? 7.194   -8.964  -5.724  1.00 21.95 ? 104 LEU A CD2 1 
ATOM   806 N N   . LYS A 1 105 ? 11.249  -6.254  -3.291  1.00 24.01 ? 105 LYS A N   1 
ATOM   807 C CA  . LYS A 1 105 ? 12.644  -5.987  -2.923  1.00 25.00 ? 105 LYS A CA  1 
ATOM   808 C C   . LYS A 1 105 ? 12.892  -4.540  -2.511  1.00 25.54 ? 105 LYS A C   1 
ATOM   809 O O   . LYS A 1 105 ? 12.036  -3.669  -2.693  1.00 25.68 ? 105 LYS A O   1 
ATOM   810 C CB  . LYS A 1 105 ? 13.610  -6.387  -4.049  1.00 25.10 ? 105 LYS A CB  1 
ATOM   811 C CG  . LYS A 1 105 ? 13.615  -5.477  -5.262  1.00 25.99 ? 105 LYS A CG  1 
ATOM   812 C CD  . LYS A 1 105 ? 15.011  -5.441  -5.874  1.00 28.03 ? 105 LYS A CD  1 
ATOM   813 C CE  . LYS A 1 105 ? 14.983  -4.994  -7.323  1.00 29.67 ? 105 LYS A CE  1 
ATOM   814 N NZ  . LYS A 1 105 ? 16.365  -4.836  -7.874  1.00 30.66 ? 105 LYS A NZ  1 
ATOM   815 N N   . LEU A 1 106 ? 14.076  -4.300  -1.960  1.00 26.16 ? 106 LEU A N   1 
ATOM   816 C CA  . LEU A 1 106 ? 14.520  -2.961  -1.606  1.00 26.98 ? 106 LEU A CA  1 
ATOM   817 C C   . LEU A 1 106 ? 15.691  -2.547  -2.492  1.00 27.57 ? 106 LEU A C   1 
ATOM   818 O O   . LEU A 1 106 ? 16.501  -3.385  -2.887  1.00 27.58 ? 106 LEU A O   1 
ATOM   819 C CB  . LEU A 1 106 ? 14.919  -2.908  -0.130  1.00 26.89 ? 106 LEU A CB  1 
ATOM   820 C CG  . LEU A 1 106 ? 13.793  -3.132  0.883   1.00 26.91 ? 106 LEU A CG  1 
ATOM   821 C CD1 . LEU A 1 106 ? 14.360  -3.407  2.265   1.00 26.57 ? 106 LEU A CD1 1 
ATOM   822 C CD2 . LEU A 1 106 ? 12.830  -1.945  0.915   1.00 26.62 ? 106 LEU A CD2 1 
ATOM   823 N N   . GLU A 1 107 ? 15.763  -1.260  -2.813  1.00 28.35 ? 107 GLU A N   1 
ATOM   824 C CA  . GLU A 1 107 ? 16.830  -0.730  -3.665  1.00 29.30 ? 107 GLU A CA  1 
ATOM   825 C C   . GLU A 1 107 ? 17.484  0.494   -3.025  1.00 29.60 ? 107 GLU A C   1 
ATOM   826 O O   . GLU A 1 107 ? 17.409  0.681   -1.808  1.00 29.86 ? 107 GLU A O   1 
ATOM   827 C CB  . GLU A 1 107 ? 16.297  -0.387  -5.060  1.00 29.42 ? 107 GLU A CB  1 
ATOM   828 C CG  . GLU A 1 107 ? 15.891  -1.595  -5.899  1.00 30.73 ? 107 GLU A CG  1 
ATOM   829 C CD  . GLU A 1 107 ? 15.431  -1.223  -7.302  1.00 32.34 ? 107 GLU A CD  1 
ATOM   830 O OE1 . GLU A 1 107 ? 14.918  -0.098  -7.502  1.00 33.63 ? 107 GLU A OE1 1 
ATOM   831 O OE2 . GLU A 1 107 ? 15.582  -2.063  -8.213  1.00 33.23 ? 107 GLU A OE2 1 
ATOM   832 O OXT . GLU A 1 107 ? 18.108  1.321   -3.699  1.00 30.00 ? 107 GLU A OXT 1 
HETATM 833 O O1  . MR8 B 2 .   ? -1.108  7.318   -4.977  1.00 21.84 ? 201 MR8 A O1  1 
HETATM 834 C C1  . MR8 B 2 .   ? -0.929  6.780   -3.783  1.00 21.30 ? 201 MR8 A C1  1 
HETATM 835 O O2  . MR8 B 2 .   ? -0.444  7.363   -2.815  1.00 21.60 ? 201 MR8 A O2  1 
HETATM 836 C C2  . MR8 B 2 .   ? -1.423  5.317   -3.720  1.00 20.54 ? 201 MR8 A C2  1 
HETATM 837 C C3  . MR8 B 2 .   ? -0.418  4.373   -3.079  1.00 20.61 ? 201 MR8 A C3  1 
HETATM 838 C C4  . MR8 B 2 .   ? 0.656   3.764   -3.972  1.00 19.96 ? 201 MR8 A C4  1 
HETATM 839 C C5  . MR8 B 2 .   ? 0.004   3.101   -5.164  1.00 20.21 ? 201 MR8 A C5  1 
HETATM 840 C C6  . MR8 B 2 .   ? -0.772  4.187   -5.871  1.00 20.14 ? 201 MR8 A C6  1 
HETATM 841 N N1  . MR8 B 2 .   ? -1.859  4.695   -4.985  1.00 20.49 ? 201 MR8 A N1  1 
HETATM 842 C C7  . MR8 B 2 .   ? -3.191  4.639   -5.283  1.00 19.88 ? 201 MR8 A C7  1 
HETATM 843 O O3  . MR8 B 2 .   ? -4.055  5.094   -4.497  1.00 20.29 ? 201 MR8 A O3  1 
HETATM 844 C C8  . MR8 B 2 .   ? -3.693  4.014   -6.588  1.00 19.47 ? 201 MR8 A C8  1 
HETATM 845 O O4  . MR8 B 2 .   ? -3.942  2.817   -6.657  1.00 19.44 ? 201 MR8 A O4  1 
HETATM 846 C C9  . MR8 B 2 .   ? -3.930  4.809   -7.880  1.00 18.96 ? 201 MR8 A C9  1 
HETATM 847 C C10 . MR8 B 2 .   ? -4.628  6.161   -7.603  1.00 18.24 ? 201 MR8 A C10 1 
HETATM 848 C C11 . MR8 B 2 .   ? -4.422  7.121   -8.781  1.00 18.77 ? 201 MR8 A C11 1 
HETATM 849 C C12 . MR8 B 2 .   ? -2.981  7.175   -9.368  1.00 19.01 ? 201 MR8 A C12 1 
HETATM 850 C C13 . MR8 B 2 .   ? -2.344  5.803   -9.620  1.00 18.77 ? 201 MR8 A C13 1 
HETATM 851 O O5  . MR8 B 2 .   ? -2.612  4.937   -8.498  1.00 19.32 ? 201 MR8 A O5  1 
HETATM 852 O O6  . MR8 B 2 .   ? -4.722  4.050   -8.762  1.00 18.68 ? 201 MR8 A O6  1 
HETATM 853 C C42 . MR8 B 2 .   ? -6.098  6.048   -7.237  1.00 17.31 ? 201 MR8 A C42 1 
HETATM 854 C C14 . MR8 B 2 .   ? -0.849  5.965   -9.843  1.00 18.96 ? 201 MR8 A C14 1 
HETATM 855 C C15 . MR8 B 2 .   ? -0.188  6.364   -11.175 1.00 19.17 ? 201 MR8 A C15 1 
HETATM 856 O O7  . MR8 B 2 .   ? -0.519  5.454   -12.253 1.00 19.31 ? 201 MR8 A O7  1 
HETATM 857 C C49 . MR8 B 2 .   ? -0.731  6.015   -13.553 1.00 19.23 ? 201 MR8 A C49 1 
HETATM 858 C C16 . MR8 B 2 .   ? 1.355   6.394   -10.979 1.00 18.69 ? 201 MR8 A C16 1 
HETATM 859 C C43 . MR8 B 2 .   ? 2.056   5.023   -10.799 1.00 19.03 ? 201 MR8 A C43 1 
HETATM 860 C C17 . MR8 B 2 .   ? 1.984   7.582   -10.978 1.00 18.52 ? 201 MR8 A C17 1 
HETATM 861 C C18 . MR8 B 2 .   ? 3.289   7.883   -10.822 1.00 18.27 ? 201 MR8 A C18 1 
HETATM 862 C C19 . MR8 B 2 .   ? 3.850   9.045   -11.190 1.00 17.96 ? 201 MR8 A C19 1 
HETATM 863 C C20 . MR8 B 2 .   ? 5.142   9.321   -11.004 1.00 18.16 ? 201 MR8 A C20 1 
HETATM 864 C C21 . MR8 B 2 .   ? 5.535   10.588  -10.856 1.00 18.51 ? 201 MR8 A C21 1 
HETATM 865 C C22 . MR8 B 2 .   ? 6.963   11.154  -10.619 1.00 19.48 ? 201 MR8 A C22 1 
HETATM 866 C C44 . MR8 B 2 .   ? 7.503   12.037  -11.737 1.00 19.19 ? 201 MR8 A C44 1 
HETATM 867 C C23 . MR8 B 2 .   ? 6.986   12.071  -9.389  1.00 20.80 ? 201 MR8 A C23 1 
HETATM 868 C C24 . MR8 B 2 .   ? 6.234   11.544  -8.199  1.00 21.37 ? 201 MR8 A C24 1 
HETATM 869 C C45 . MR8 B 2 .   ? 6.972   10.451  -7.457  1.00 21.87 ? 201 MR8 A C45 1 
HETATM 870 C C25 . MR8 B 2 .   ? 5.920   12.647  -7.235  1.00 21.97 ? 201 MR8 A C25 1 
HETATM 871 O O8  . MR8 B 2 .   ? 6.724   12.962  -6.362  1.00 21.99 ? 201 MR8 A O8  1 
HETATM 872 C C26 . MR8 B 2 .   ? 4.549   13.325  -7.429  1.00 22.09 ? 201 MR8 A C26 1 
HETATM 873 O O9  . MR8 B 2 .   ? 4.504   14.744  -7.080  1.00 23.02 ? 201 MR8 A O9  1 
HETATM 874 C C50 . MR8 B 2 .   ? 5.318   15.664  -7.875  1.00 23.33 ? 201 MR8 A C50 1 
HETATM 875 C C27 . MR8 B 2 .   ? 3.339   12.619  -6.625  1.00 22.03 ? 201 MR8 A C27 1 
HETATM 876 O O10 . MR8 B 2 .   ? 3.675   12.398  -5.233  1.00 22.13 ? 201 MR8 A O10 1 
HETATM 877 C C53 . MR8 B 2 .   ? 2.654   12.877  -4.309  1.00 21.89 ? 201 MR8 A C53 1 
HETATM 878 C C28 . MR8 B 2 .   ? 2.913   11.279  -7.268  1.00 21.87 ? 201 MR8 A C28 1 
HETATM 879 C C46 . MR8 B 2 .   ? 2.075   11.484  -8.529  1.00 21.37 ? 201 MR8 A C46 1 
HETATM 880 C C29 . MR8 B 2 .   ? 3.255   10.104  -6.748  1.00 21.84 ? 201 MR8 A C29 1 
HETATM 881 C C30 . MR8 B 2 .   ? 2.905   8.724   -7.279  1.00 21.89 ? 201 MR8 A C30 1 
HETATM 882 C C47 . MR8 B 2 .   ? 4.163   7.881   -7.287  1.00 20.86 ? 201 MR8 A C47 1 
HETATM 883 C C31 . MR8 B 2 .   ? 1.797   8.059   -6.452  1.00 21.94 ? 201 MR8 A C31 1 
HETATM 884 O O11 . MR8 B 2 .   ? 1.953   7.059   -5.754  1.00 22.18 ? 201 MR8 A O11 1 
HETATM 885 C C32 . MR8 B 2 .   ? 0.432   8.725   -6.541  1.00 22.29 ? 201 MR8 A C32 1 
HETATM 886 C C33 . MR8 B 2 .   ? -0.488  8.592   -5.378  1.00 22.85 ? 201 MR8 A C33 1 
HETATM 887 C C34 . MR8 B 2 .   ? -1.626  9.624   -5.246  1.00 23.86 ? 201 MR8 A C34 1 
HETATM 888 C C48 . MR8 B 2 .   ? -2.580  9.749   -6.458  1.00 23.35 ? 201 MR8 A C48 1 
HETATM 889 C C35 . MR8 B 2 .   ? -0.997  10.930  -4.843  1.00 25.31 ? 201 MR8 A C35 1 
HETATM 890 C C36 . MR8 B 2 .   ? -1.951  11.981  -4.330  1.00 26.84 ? 201 MR8 A C36 1 
HETATM 891 C C37 . MR8 B 2 .   ? -1.950  11.998  -2.770  1.00 27.96 ? 201 MR8 A C37 1 
HETATM 892 C C38 . MR8 B 2 .   ? -2.918  13.069  -2.246  1.00 28.96 ? 201 MR8 A C38 1 
HETATM 893 O O12 . MR8 B 2 .   ? -3.250  13.201  -0.838  1.00 29.30 ? 201 MR8 A O12 1 
HETATM 894 C C51 . MR8 B 2 .   ? -4.095  12.273  -0.121  1.00 28.70 ? 201 MR8 A C51 1 
HETATM 895 C C39 . MR8 B 2 .   ? -2.388  14.461  -2.802  1.00 29.47 ? 201 MR8 A C39 1 
HETATM 896 O O13 . MR8 B 2 .   ? -3.217  15.561  -2.387  1.00 31.00 ? 201 MR8 A O13 1 
HETATM 897 C C40 . MR8 B 2 .   ? -2.319  14.510  -4.343  1.00 28.54 ? 201 MR8 A C40 1 
HETATM 898 C C41 . MR8 B 2 .   ? -1.539  13.336  -4.940  1.00 27.90 ? 201 MR8 A C41 1 
HETATM 899 O O   . HOH C 3 .   ? -6.023  -5.173  6.780   1.00 12.63 ? 301 HOH A O   1 
HETATM 900 O O   . HOH C 3 .   ? -9.884  7.685   0.758   1.00 14.39 ? 302 HOH A O   1 
HETATM 901 O O   . HOH C 3 .   ? 7.036   8.359   0.391   1.00 15.31 ? 303 HOH A O   1 
HETATM 902 O O   . HOH C 3 .   ? -11.838 9.463   0.237   1.00 18.59 ? 304 HOH A O   1 
HETATM 903 O O   . HOH C 3 .   ? 5.154   1.766   10.984  1.00 19.19 ? 305 HOH A O   1 
HETATM 904 O O   . HOH C 3 .   ? 7.314   -8.895  8.731   1.00 19.21 ? 306 HOH A O   1 
HETATM 905 O O   . HOH C 3 .   ? 6.053   -11.579 8.092   1.00 21.92 ? 307 HOH A O   1 
HETATM 906 O O   . HOH C 3 .   ? -15.777 3.156   2.340   1.00 22.55 ? 308 HOH A O   1 
HETATM 907 O O   . HOH C 3 .   ? -2.656  3.365   12.511  1.00 25.70 ? 309 HOH A O   1 
HETATM 908 O O   . HOH C 3 .   ? 15.908  -6.775  -1.342  1.00 26.09 ? 310 HOH A O   1 
HETATM 909 O O   . HOH C 3 .   ? -2.891  10.439  2.993   1.00 27.28 ? 311 HOH A O   1 
HETATM 910 O O   . HOH C 3 .   ? -14.914 2.586   0.120   1.00 28.85 ? 312 HOH A O   1 
HETATM 911 O O   . HOH C 3 .   ? -17.595 6.580   0.088   1.00 28.91 ? 313 HOH A O   1 
HETATM 912 O O   . HOH C 3 .   ? -18.140 4.788   1.981   1.00 29.04 ? 314 HOH A O   1 
HETATM 913 O O   . HOH C 3 .   ? 10.797  0.104   9.017   1.00 29.17 ? 315 HOH A O   1 
HETATM 914 O O   . HOH C 3 .   ? 1.743   -5.391  11.262  1.00 29.34 ? 316 HOH A O   1 
HETATM 915 O O   . HOH C 3 .   ? 16.228  -4.167  8.525   1.00 29.70 ? 317 HOH A O   1 
HETATM 916 O O   . HOH C 3 .   ? -13.586 12.479  -5.410  1.00 31.30 ? 318 HOH A O   1 
HETATM 917 O O   . HOH C 3 .   ? -15.406 4.683   4.816   1.00 31.58 ? 319 HOH A O   1 
HETATM 918 O O   . HOH C 3 .   ? -8.095  0.538   9.371   1.00 32.23 ? 320 HOH A O   1 
HETATM 919 O O   . HOH C 3 .   ? -1.934  3.211   -11.892 1.00 32.52 ? 321 HOH A O   1 
HETATM 920 O O   . HOH C 3 .   ? 11.087  -12.471 12.919  1.00 32.69 ? 322 HOH A O   1 
HETATM 921 O O   . HOH C 3 .   ? -0.028  -7.859  -4.081  1.00 32.90 ? 323 HOH A O   1 
HETATM 922 O O   . HOH C 3 .   ? -16.616 0.980   3.608   1.00 33.62 ? 324 HOH A O   1 
HETATM 923 O O   . HOH C 3 .   ? 4.219   -7.013  9.593   1.00 33.67 ? 325 HOH A O   1 
HETATM 924 O O   . HOH C 3 .   ? 10.309  7.528   -6.369  1.00 33.76 ? 326 HOH A O   1 
HETATM 925 O O   . HOH C 3 .   ? 2.380   -15.316 -1.523  1.00 35.07 ? 327 HOH A O   1 
HETATM 926 O O   . HOH C 3 .   ? -1.767  -11.104 10.374  1.00 35.15 ? 328 HOH A O   1 
HETATM 927 O O   . HOH C 3 .   ? -2.324  -3.670  11.991  1.00 37.75 ? 329 HOH A O   1 
HETATM 928 O O   . HOH C 3 .   ? -1.769  -7.628  -5.970  1.00 37.87 ? 330 HOH A O   1 
HETATM 929 O O   . HOH C 3 .   ? 14.675  -8.141  12.966  1.00 38.04 ? 331 HOH A O   1 
HETATM 930 O O   . HOH C 3 .   ? 5.325   3.209   -16.672 1.00 39.25 ? 332 HOH A O   1 
HETATM 931 O O   . HOH C 3 .   ? 16.501  -2.342  4.735   1.00 39.51 ? 333 HOH A O   1 
HETATM 932 O O   . HOH C 3 .   ? -17.786 16.794  -1.898  1.00 39.89 ? 334 HOH A O   1 
HETATM 933 O O   . HOH C 3 .   ? -7.983  2.186   11.534  1.00 39.91 ? 335 HOH A O   1 
HETATM 934 O O   . HOH C 3 .   ? -7.153  7.262   12.014  1.00 41.03 ? 336 HOH A O   1 
HETATM 935 O O   . HOH C 3 .   ? -5.241  11.090  10.959  1.00 41.23 ? 337 HOH A O   1 
HETATM 936 O O   . HOH C 3 .   ? 2.029   11.446  2.306   1.00 42.34 ? 338 HOH A O   1 
HETATM 937 O O   . HOH C 3 .   ? -5.523  -7.645  -9.841  1.00 42.43 ? 339 HOH A O   1 
HETATM 938 O O   . HOH C 3 .   ? -13.436 12.118  5.316   1.00 43.04 ? 340 HOH A O   1 
HETATM 939 O O   . HOH C 3 .   ? -16.646 16.569  1.281   1.00 44.25 ? 341 HOH A O   1 
HETATM 940 O O   . HOH C 3 .   ? -10.926 1.172   8.673   1.00 44.60 ? 342 HOH A O   1 
HETATM 941 O O   . HOH C 3 .   ? 7.842   2.700   -10.480 1.00 44.66 ? 343 HOH A O   1 
HETATM 942 O O   . HOH C 3 .   ? -3.381  -13.151 -6.303  1.00 46.17 ? 344 HOH A O   1 
HETATM 943 O O   . HOH C 3 .   ? 0.379   -8.837  10.605  1.00 46.40 ? 345 HOH A O   1 
HETATM 944 O O   . HOH C 3 .   ? -0.050  13.594  5.894   1.00 46.53 ? 346 HOH A O   1 
HETATM 945 O O   . HOH C 3 .   ? -0.917  0.616   12.115  1.00 47.31 ? 347 HOH A O   1 
HETATM 946 O O   . HOH C 3 .   ? -9.540  15.087  5.162   1.00 47.60 ? 348 HOH A O   1 
HETATM 947 O O   . HOH C 3 .   ? 3.781   -12.049 9.405   1.00 47.72 ? 349 HOH A O   1 
HETATM 948 O O   . HOH C 3 .   ? -11.022 -4.821  5.623   1.00 48.63 ? 350 HOH A O   1 
HETATM 949 O O   . HOH C 3 .   ? -15.316 10.854  -6.755  1.00 49.29 ? 351 HOH A O   1 
HETATM 950 O O   . HOH C 3 .   ? -0.518  -4.713  -19.329 1.00 50.77 ? 352 HOH A O   1 
HETATM 951 O O   . HOH C 3 .   ? -13.655 -5.070  1.706   1.00 50.90 ? 353 HOH A O   1 
HETATM 952 O O   . HOH C 3 .   ? -5.194  -2.875  -13.578 1.00 50.94 ? 354 HOH A O   1 
HETATM 953 O O   . HOH C 3 .   ? 8.129   -13.830 9.460   1.00 51.43 ? 355 HOH A O   1 
HETATM 954 O O   . HOH C 3 .   ? 1.124   3.071   11.961  1.00 52.26 ? 356 HOH A O   1 
HETATM 955 O O   . HOH C 3 .   ? 18.075  -1.993  10.902  1.00 52.36 ? 357 HOH A O   1 
HETATM 956 O O   . HOH C 3 .   ? -3.657  -14.149 8.273   1.00 53.20 ? 358 HOH A O   1 
HETATM 957 O O   . HOH C 3 .   ? 6.321   5.677   -8.751  1.00 53.96 ? 359 HOH A O   1 
HETATM 958 O O   . HOH C 3 .   ? 3.217   7.249   14.386  1.00 54.29 ? 360 HOH A O   1 
HETATM 959 O O   . HOH C 3 .   ? -6.353  12.941  3.030   1.00 54.32 ? 361 HOH A O   1 
HETATM 960 O O   . HOH C 3 .   ? -12.648 -9.647  5.669   1.00 54.52 ? 362 HOH A O   1 
HETATM 961 O O   . HOH C 3 .   ? -10.789 12.142  6.710   1.00 55.91 ? 363 HOH A O   1 
HETATM 962 O O   . HOH C 3 .   ? 2.207   -13.896 -3.830  1.00 56.26 ? 364 HOH A O   1 
HETATM 963 O O   . HOH C 3 .   ? 2.255   11.765  5.537   1.00 57.03 ? 365 HOH A O   1 
HETATM 964 O O   . HOH C 3 .   ? -6.410  13.565  -4.145  1.00 57.08 ? 366 HOH A O   1 
HETATM 965 O O   . HOH C 3 .   ? -3.859  11.459  8.693   1.00 57.53 ? 367 HOH A O   1 
HETATM 966 O O   . HOH C 3 .   ? 4.449   -13.569 -1.206  1.00 57.65 ? 368 HOH A O   1 
HETATM 967 O O   . HOH C 3 .   ? -16.208 4.108   -2.084  1.00 57.87 ? 369 HOH A O   1 
HETATM 968 O O   . HOH C 3 .   ? 1.614   -12.076 11.510  1.00 58.39 ? 370 HOH A O   1 
HETATM 969 O O   . HOH C 3 .   ? -9.727  16.169  2.729   1.00 58.73 ? 371 HOH A O   1 
HETATM 970 O O   . HOH C 3 .   ? 5.805   15.126  -3.879  1.00 60.46 ? 372 HOH A O   1 
HETATM 971 O O   . HOH C 3 .   ? -0.386  -14.629 10.780  1.00 60.60 ? 373 HOH A O   1 
HETATM 972 O O   . HOH C 3 .   ? 14.134  4.857   9.194   1.00 61.00 ? 374 HOH A O   1 
HETATM 973 O O   . HOH C 3 .   ? -6.486  4.585   -11.531 1.00 62.15 ? 375 HOH A O   1 
HETATM 974 O O   . HOH C 3 .   ? 3.497   2.212   -14.668 1.00 66.26 ? 376 HOH A O   1 
# 
